data_7R2X
#
_entry.id   7R2X
#
_cell.length_a   108.890
_cell.length_b   108.890
_cell.length_c   150.490
_cell.angle_alpha   90.000
_cell.angle_beta   90.000
_cell.angle_gamma   120.000
#
_symmetry.space_group_name_H-M   'P 31'
#
loop_
_entity.id
_entity.type
_entity.pdbx_description
1 polymer 'Mannuronic acid specific lyase'
2 non-polymer 2-acetamido-2-deoxy-beta-D-glucopyranose
3 water water
#
_entity_poly.entity_id   1
_entity_poly.type   'polypeptide(L)'
_entity_poly.pdbx_seq_one_letter_code
;EFQDTDDEVLALITQRRTADLAEFPNPPWFDNLQTWLDTQKEDGTWEDVIYLSGCDARRANWPIQEHWNRLITFASAWSG
LNPAAPSNWTQDDRLLSAVLTGMDYWFENDYTESDCMGQGGEDEYNCPCGTPGLWNQNWYCQAILIPQLVSHTCLLVKDA
DLSEEQLAGCERIPGRAYDLRDGDYGHGGDLTGSNAVNVMLNSVSLALFVNNLTILEDAYTRVMTLMNFADEEMEDGIHR
DGSFLQHDGILYNSNYGKDFLNAFIQLERQALDTEFEAGDTTKQAIAAQVRGNEWMTFIDEETRQQYWDFNAVGRFVSHP
TSDLQANSDINYNLTKLAAATANFEGDNDVSDSLRRLMSNGTEKLHGNKGYWASDFMVHRQDEFVVTNKMLSTRSATSEY
VNTANPYAYHFGQGTLFCYVLGNEYKDIMGAWDWNLVPGTTVLLNHPELQSSIVKFNGKKDFVGSVSDGTVGLSVEDYVD
PYDGAISYRKAWFFAGDSVVVITTDIQVNSSATTADAITVLDNRASADGDIVVDGKTVDASTETSIEGHSLIYGGNGYLA
YQTPFNLTLFEGNRTGNWSAISTSLEGETTVSIFSAYTTLPKDSFSYAFFPAADNKRLDQEMKSPTSTPIVQDNITAVLS
SHGLGLVFWPGSEGANFTIKFAELGWGKTGSMTISSAQPGAYLLRGYNDSAKGGVRLVATLSDPTQKATSAGFSLVLQGA
KVENPYGYNDTGIIVSNNTFNLEVPLPTGGMAGSSTSYEVFLRPSVDHHHHHH
;
_entity_poly.pdbx_strand_id   A,B
#
loop_
_chem_comp.id
_chem_comp.type
_chem_comp.name
_chem_comp.formula
NAG D-saccharide, beta linking 2-acetamido-2-deoxy-beta-D-glucopyranose 'C8 H15 N O6'
#
# COMPACT_ATOMS: atom_id res chain seq x y z
N ASP A 4 16.52 2.23 43.94
CA ASP A 4 15.39 2.30 43.02
C ASP A 4 15.86 2.13 41.59
N THR A 5 15.83 0.91 41.07
CA THR A 5 16.29 0.62 39.71
C THR A 5 15.15 0.80 38.72
N ASP A 6 15.36 1.67 37.73
CA ASP A 6 14.43 1.84 36.61
C ASP A 6 12.99 2.13 37.05
N ASP A 7 12.70 2.10 38.34
CA ASP A 7 11.42 2.62 38.79
C ASP A 7 11.40 4.14 38.76
N GLU A 8 12.45 4.79 38.28
CA GLU A 8 12.43 6.25 38.18
C GLU A 8 11.50 6.70 37.07
N VAL A 9 11.41 5.92 35.99
CA VAL A 9 10.43 6.21 34.95
C VAL A 9 9.02 6.09 35.52
N LEU A 10 8.79 5.03 36.30
CA LEU A 10 7.50 4.81 36.92
C LEU A 10 7.16 5.94 37.88
N ALA A 11 8.14 6.41 38.67
CA ALA A 11 7.89 7.48 39.62
C ALA A 11 7.63 8.80 38.91
N LEU A 12 8.32 9.06 37.80
CA LEU A 12 8.08 10.27 37.03
C LEU A 12 6.66 10.27 36.44
N ILE A 13 6.28 9.15 35.83
CA ILE A 13 4.93 9.03 35.27
C ILE A 13 3.89 9.15 36.38
N THR A 14 4.18 8.56 37.55
CA THR A 14 3.26 8.66 38.68
C THR A 14 3.08 10.09 39.15
N GLN A 15 4.19 10.82 39.30
CA GLN A 15 4.12 12.23 39.67
C GLN A 15 3.28 13.01 38.67
N ARG A 16 3.54 12.81 37.38
CA ARG A 16 2.83 13.58 36.36
C ARG A 16 1.33 13.26 36.37
N ARG A 17 0.99 11.97 36.46
CA ARG A 17 -0.43 11.60 36.42
C ARG A 17 -1.14 12.03 37.70
N THR A 18 -0.46 11.97 38.84
CA THR A 18 -1.07 12.39 40.10
C THR A 18 -1.30 13.90 40.11
N ALA A 19 -0.39 14.67 39.52
CA ALA A 19 -0.63 16.10 39.38
C ALA A 19 -1.72 16.37 38.35
N ASP A 20 -1.89 15.48 37.37
CA ASP A 20 -2.92 15.67 36.37
C ASP A 20 -4.29 15.20 36.87
N LEU A 21 -4.34 14.10 37.61
CA LEU A 21 -5.62 13.60 38.12
C LEU A 21 -6.20 14.50 39.20
N ALA A 22 -5.41 15.41 39.76
CA ALA A 22 -5.91 16.35 40.75
C ALA A 22 -6.78 17.44 40.14
N GLU A 23 -6.94 17.46 38.82
CA GLU A 23 -7.76 18.45 38.12
C GLU A 23 -9.18 17.97 37.89
N PHE A 24 -9.49 16.72 38.23
CA PHE A 24 -10.83 16.17 38.00
C PHE A 24 -11.95 17.00 38.63
N PRO A 25 -11.89 17.41 39.89
CA PRO A 25 -13.02 18.15 40.48
C PRO A 25 -13.24 19.50 39.80
N ASN A 26 -14.50 19.81 39.57
CA ASN A 26 -14.86 21.13 39.06
C ASN A 26 -14.45 22.20 40.08
N PRO A 27 -13.87 23.32 39.63
CA PRO A 27 -13.47 24.38 40.56
C PRO A 27 -14.62 24.85 41.45
N PRO A 28 -15.87 24.93 40.95
CA PRO A 28 -16.97 25.26 41.88
C PRO A 28 -17.19 24.23 42.98
N TRP A 29 -16.73 22.99 42.81
CA TRP A 29 -16.95 21.98 43.84
C TRP A 29 -16.18 22.27 45.12
N PHE A 30 -15.08 23.01 45.04
CA PHE A 30 -14.25 23.28 46.20
C PHE A 30 -14.92 24.16 47.24
N ASP A 31 -16.07 24.76 46.91
CA ASP A 31 -16.76 25.61 47.88
C ASP A 31 -17.40 24.79 49.00
N ASN A 32 -17.77 23.54 48.71
CA ASN A 32 -18.50 22.70 49.65
C ASN A 32 -17.59 21.83 50.51
N LEU A 33 -16.34 22.25 50.75
CA LEU A 33 -15.42 21.44 51.55
C LEU A 33 -15.91 21.31 52.98
N GLN A 34 -16.10 22.46 53.66
CA GLN A 34 -16.57 22.42 55.04
C GLN A 34 -17.93 21.75 55.16
N THR A 35 -18.85 22.07 54.23
CA THR A 35 -20.20 21.51 54.29
C THR A 35 -20.16 19.99 54.10
N TRP A 36 -19.47 19.51 53.07
CA TRP A 36 -19.40 18.07 52.84
C TRP A 36 -18.66 17.35 53.96
N LEU A 37 -17.69 18.01 54.58
CA LEU A 37 -16.98 17.38 55.70
C LEU A 37 -17.89 17.28 56.93
N ASP A 38 -18.66 18.32 57.20
CA ASP A 38 -19.51 18.31 58.40
C ASP A 38 -20.71 17.39 58.22
N THR A 39 -21.29 17.34 57.03
CA THR A 39 -22.49 16.55 56.79
C THR A 39 -22.20 15.08 56.52
N GLN A 40 -20.97 14.62 56.73
CA GLN A 40 -20.62 13.22 56.52
C GLN A 40 -20.94 12.43 57.78
N LYS A 41 -21.54 11.25 57.59
CA LYS A 41 -21.90 10.40 58.71
C LYS A 41 -20.65 9.74 59.28
N GLU A 42 -20.85 8.97 60.36
CA GLU A 42 -19.76 8.29 61.04
C GLU A 42 -19.31 7.02 60.34
N ASP A 43 -20.08 6.51 59.38
CA ASP A 43 -19.70 5.35 58.61
C ASP A 43 -19.16 5.70 57.23
N GLY A 44 -18.90 6.97 56.97
CA GLY A 44 -18.36 7.43 55.70
C GLY A 44 -19.39 7.92 54.71
N THR A 45 -20.66 7.60 54.91
CA THR A 45 -21.70 7.97 53.97
C THR A 45 -22.19 9.40 54.22
N TRP A 46 -23.04 9.87 53.31
CA TRP A 46 -23.73 11.14 53.44
C TRP A 46 -25.24 10.91 53.39
N GLU A 47 -25.98 11.86 53.98
CA GLU A 47 -27.43 11.71 54.04
C GLU A 47 -28.09 11.97 52.69
N ASP A 48 -27.63 13.01 51.98
CA ASP A 48 -28.27 13.45 50.74
C ASP A 48 -27.79 12.69 49.51
N VAL A 49 -27.01 11.62 49.68
CA VAL A 49 -26.51 10.82 48.58
C VAL A 49 -27.29 9.52 48.51
N ILE A 50 -27.66 9.12 47.29
CA ILE A 50 -28.44 7.91 47.06
C ILE A 50 -27.48 6.73 46.94
N TYR A 51 -27.61 5.75 47.83
CA TYR A 51 -26.72 4.60 47.88
C TYR A 51 -27.42 3.31 47.44
N LEU A 52 -28.40 3.42 46.55
CA LEU A 52 -29.09 2.24 46.06
C LEU A 52 -28.15 1.37 45.23
N SER A 53 -28.24 0.06 45.42
CA SER A 53 -27.42 -0.90 44.71
C SER A 53 -28.29 -2.05 44.20
N GLY A 54 -27.67 -2.92 43.41
CA GLY A 54 -28.38 -4.06 42.86
C GLY A 54 -29.44 -3.66 41.85
N CYS A 55 -30.54 -4.39 41.85
CA CYS A 55 -31.65 -4.15 40.93
C CYS A 55 -32.56 -3.00 41.39
N ASP A 56 -32.09 -2.17 42.32
CA ASP A 56 -32.82 -0.99 42.77
C ASP A 56 -32.19 0.32 42.30
N ALA A 57 -30.93 0.29 41.87
CA ALA A 57 -30.22 1.51 41.49
C ALA A 57 -30.67 1.99 40.11
N ARG A 58 -30.30 3.23 39.80
CA ARG A 58 -30.57 3.80 38.49
C ARG A 58 -29.55 3.28 37.48
N ARG A 59 -30.04 2.71 36.39
CA ARG A 59 -29.14 2.06 35.43
C ARG A 59 -28.17 3.04 34.81
N ALA A 60 -28.65 4.22 34.40
CA ALA A 60 -27.80 5.23 33.80
C ALA A 60 -27.53 6.35 34.80
N ASN A 61 -26.28 6.80 34.83
CA ASN A 61 -25.83 7.83 35.76
C ASN A 61 -26.19 7.45 37.21
N TRP A 62 -25.48 6.42 37.68
CA TRP A 62 -25.69 5.90 39.02
C TRP A 62 -25.46 7.00 40.05
N PRO A 63 -26.47 7.41 40.81
CA PRO A 63 -26.30 8.56 41.72
C PRO A 63 -25.30 8.33 42.83
N ILE A 64 -24.89 7.08 43.08
CA ILE A 64 -23.94 6.81 44.14
C ILE A 64 -22.55 7.39 43.87
N GLN A 65 -22.28 7.81 42.63
CA GLN A 65 -20.96 8.34 42.30
C GLN A 65 -20.69 9.69 42.95
N GLU A 66 -21.72 10.37 43.46
CA GLU A 66 -21.51 11.64 44.13
C GLU A 66 -20.60 11.48 45.35
N HIS A 67 -20.71 10.34 46.03
CA HIS A 67 -19.78 10.02 47.12
C HIS A 67 -18.33 10.15 46.66
N TRP A 68 -17.99 9.46 45.56
CA TRP A 68 -16.62 9.52 45.06
C TRP A 68 -16.25 10.91 44.56
N ASN A 69 -17.22 11.67 44.04
CA ASN A 69 -16.93 13.05 43.66
C ASN A 69 -16.45 13.87 44.85
N ARG A 70 -17.14 13.75 45.98
CA ARG A 70 -16.74 14.48 47.18
C ARG A 70 -15.42 13.96 47.73
N LEU A 71 -15.19 12.65 47.66
CA LEU A 71 -13.91 12.11 48.11
C LEU A 71 -12.76 12.63 47.25
N ILE A 72 -12.96 12.69 45.93
CA ILE A 72 -11.91 13.19 45.05
C ILE A 72 -11.69 14.68 45.26
N THR A 73 -12.75 15.44 45.54
CA THR A 73 -12.58 16.84 45.88
C THR A 73 -11.74 17.00 47.16
N PHE A 74 -12.05 16.21 48.19
CA PHE A 74 -11.25 16.22 49.40
C PHE A 74 -9.79 15.91 49.12
N ALA A 75 -9.54 14.87 48.32
CA ALA A 75 -8.16 14.47 48.05
C ALA A 75 -7.42 15.51 47.23
N SER A 76 -8.10 16.15 46.28
CA SER A 76 -7.48 17.21 45.50
C SER A 76 -7.13 18.40 46.38
N ALA A 77 -8.01 18.75 47.32
CA ALA A 77 -7.68 19.83 48.25
C ALA A 77 -6.55 19.43 49.19
N TRP A 78 -6.46 18.15 49.54
CA TRP A 78 -5.44 17.70 50.49
C TRP A 78 -4.05 17.64 49.86
N SER A 79 -3.96 17.10 48.64
CA SER A 79 -2.65 16.94 48.00
C SER A 79 -1.99 18.26 47.64
N GLY A 80 -2.76 19.35 47.57
CA GLY A 80 -2.20 20.63 47.19
C GLY A 80 -1.68 20.69 45.77
N LEU A 81 -2.14 19.79 44.90
CA LEU A 81 -1.68 19.78 43.51
C LEU A 81 -2.59 20.58 42.59
N ASN A 82 -3.85 20.76 42.95
CA ASN A 82 -4.76 21.57 42.15
C ASN A 82 -4.58 23.04 42.54
N PRO A 83 -4.25 23.92 41.58
CA PRO A 83 -4.03 25.32 41.94
C PRO A 83 -5.29 26.07 42.36
N ALA A 84 -6.48 25.53 42.05
CA ALA A 84 -7.73 26.20 42.39
C ALA A 84 -8.20 25.89 43.80
N ALA A 85 -7.43 25.14 44.58
CA ALA A 85 -7.85 24.79 45.94
C ALA A 85 -7.18 25.69 46.97
N PRO A 86 -7.92 26.08 48.01
CA PRO A 86 -7.33 26.88 49.09
C PRO A 86 -6.16 26.13 49.73
N SER A 87 -5.10 26.87 50.03
CA SER A 87 -3.85 26.25 50.47
C SER A 87 -3.92 25.74 51.90
N ASN A 88 -4.83 26.24 52.73
CA ASN A 88 -4.87 25.79 54.11
C ASN A 88 -5.34 24.34 54.23
N TRP A 89 -5.99 23.79 53.20
CA TRP A 89 -6.38 22.40 53.23
C TRP A 89 -5.26 21.44 52.83
N THR A 90 -4.07 21.95 52.51
CA THR A 90 -2.98 21.06 52.13
C THR A 90 -2.50 20.30 53.35
N GLN A 91 -2.41 18.97 53.21
CA GLN A 91 -1.95 18.07 54.27
C GLN A 91 -2.81 18.15 55.53
N ASP A 92 -4.07 18.55 55.39
CA ASP A 92 -4.99 18.57 56.52
C ASP A 92 -5.54 17.18 56.78
N ASP A 93 -5.45 16.73 58.03
CA ASP A 93 -5.80 15.36 58.37
C ASP A 93 -7.30 15.10 58.35
N ARG A 94 -8.13 16.14 58.46
CA ARG A 94 -9.57 15.95 58.39
C ARG A 94 -9.98 15.38 57.02
N LEU A 95 -9.47 15.98 55.95
CA LEU A 95 -9.78 15.48 54.61
C LEU A 95 -9.28 14.06 54.40
N LEU A 96 -8.07 13.78 54.88
CA LEU A 96 -7.50 12.44 54.73
C LEU A 96 -8.36 11.41 55.46
N SER A 97 -8.77 11.71 56.69
CA SER A 97 -9.62 10.78 57.44
C SER A 97 -10.96 10.59 56.76
N ALA A 98 -11.55 11.66 56.22
CA ALA A 98 -12.82 11.54 55.52
C ALA A 98 -12.68 10.65 54.28
N VAL A 99 -11.62 10.86 53.50
CA VAL A 99 -11.39 10.05 52.31
C VAL A 99 -11.20 8.59 52.69
N LEU A 100 -10.41 8.33 53.74
CA LEU A 100 -10.18 6.95 54.16
C LEU A 100 -11.48 6.29 54.61
N THR A 101 -12.34 7.04 55.31
CA THR A 101 -13.59 6.45 55.78
C THR A 101 -14.54 6.16 54.63
N GLY A 102 -14.57 7.05 53.62
CA GLY A 102 -15.38 6.77 52.44
C GLY A 102 -14.88 5.56 51.67
N MET A 103 -13.56 5.48 51.48
CA MET A 103 -12.97 4.30 50.85
C MET A 103 -13.28 3.03 51.62
N ASP A 104 -13.23 3.09 52.95
CA ASP A 104 -13.57 1.93 53.77
C ASP A 104 -15.02 1.52 53.55
N TYR A 105 -15.94 2.50 53.58
CA TYR A 105 -17.35 2.18 53.36
C TYR A 105 -17.56 1.51 52.01
N TRP A 106 -16.91 2.01 50.96
CA TRP A 106 -17.11 1.40 49.65
C TRP A 106 -16.50 0.00 49.59
N PHE A 107 -15.29 -0.16 50.12
CA PHE A 107 -14.60 -1.45 50.00
C PHE A 107 -15.30 -2.53 50.81
N GLU A 108 -15.80 -2.17 51.99
CA GLU A 108 -16.45 -3.15 52.87
C GLU A 108 -17.69 -3.74 52.23
N ASN A 109 -18.43 -2.95 51.44
CA ASN A 109 -19.64 -3.42 50.79
C ASN A 109 -19.41 -3.77 49.33
N ASP A 110 -18.19 -4.16 48.97
CA ASP A 110 -17.91 -4.64 47.63
C ASP A 110 -18.54 -6.02 47.43
N TYR A 111 -19.03 -6.26 46.22
CA TYR A 111 -19.63 -7.56 45.90
C TYR A 111 -18.56 -8.63 45.81
N THR A 112 -19.00 -9.89 45.75
CA THR A 112 -18.08 -11.02 45.70
C THR A 112 -18.31 -11.96 44.52
N GLU A 113 -19.49 -11.97 43.91
CA GLU A 113 -19.72 -12.81 42.74
C GLU A 113 -19.18 -12.15 41.49
N SER A 114 -18.32 -12.86 40.76
CA SER A 114 -17.73 -12.31 39.54
C SER A 114 -18.81 -11.99 38.50
N ASP A 115 -19.93 -12.73 38.53
CA ASP A 115 -20.99 -12.52 37.56
C ASP A 115 -21.73 -11.20 37.77
N CYS A 116 -21.49 -10.50 38.89
CA CYS A 116 -22.08 -9.17 39.06
C CYS A 116 -21.36 -8.13 38.21
N MET A 117 -20.18 -8.46 37.70
CA MET A 117 -19.44 -7.53 36.84
C MET A 117 -20.26 -7.12 35.64
N GLY A 118 -20.72 -8.10 34.86
CA GLY A 118 -21.45 -7.81 33.63
C GLY A 118 -22.88 -8.30 33.65
N GLN A 119 -23.07 -9.60 33.84
CA GLN A 119 -24.42 -10.18 33.84
C GLN A 119 -25.14 -10.01 35.18
N GLY A 120 -24.92 -8.87 35.84
CA GLY A 120 -25.59 -8.64 37.11
C GLY A 120 -27.09 -8.48 36.92
N GLY A 121 -27.85 -9.14 37.79
CA GLY A 121 -29.29 -9.15 37.72
C GLY A 121 -29.88 -10.28 36.90
N GLU A 122 -29.08 -10.93 36.07
CA GLU A 122 -29.56 -12.05 35.27
C GLU A 122 -29.60 -13.32 36.10
N ASP A 123 -30.77 -13.96 36.14
CA ASP A 123 -30.92 -15.17 36.94
C ASP A 123 -30.16 -16.34 36.35
N GLU A 124 -29.93 -16.34 35.03
CA GLU A 124 -29.15 -17.40 34.41
C GLU A 124 -27.72 -17.45 34.92
N TYR A 125 -27.20 -16.34 35.45
CA TYR A 125 -25.87 -16.26 36.01
C TYR A 125 -25.95 -16.14 37.52
N ASN A 126 -24.78 -16.18 38.16
CA ASN A 126 -24.69 -16.29 39.62
C ASN A 126 -24.81 -14.94 40.33
N CYS A 127 -25.44 -13.94 39.72
CA CYS A 127 -25.72 -12.66 40.37
C CYS A 127 -27.15 -12.24 40.09
N PRO A 128 -28.13 -12.95 40.65
CA PRO A 128 -29.52 -12.54 40.49
C PRO A 128 -29.85 -11.35 41.39
N CYS A 129 -31.04 -10.79 41.17
CA CYS A 129 -31.49 -9.68 42.01
C CYS A 129 -31.60 -10.14 43.46
N GLY A 130 -30.89 -9.43 44.34
CA GLY A 130 -30.79 -9.82 45.74
C GLY A 130 -29.41 -10.22 46.17
N THR A 131 -28.46 -10.34 45.25
CA THR A 131 -27.09 -10.68 45.62
C THR A 131 -26.45 -9.50 46.35
N PRO A 132 -25.86 -9.72 47.52
CA PRO A 132 -25.29 -8.61 48.29
C PRO A 132 -24.07 -8.01 47.57
N GLY A 133 -23.89 -6.71 47.78
CA GLY A 133 -22.75 -6.03 47.23
C GLY A 133 -23.11 -4.70 46.59
N LEU A 134 -22.11 -3.84 46.37
CA LEU A 134 -22.29 -2.57 45.68
C LEU A 134 -22.01 -2.78 44.19
N TRP A 135 -23.08 -3.04 43.44
CA TRP A 135 -22.96 -3.25 42.01
C TRP A 135 -24.22 -2.71 41.33
N ASN A 136 -24.18 -2.66 40.01
CA ASN A 136 -25.29 -2.15 39.22
C ASN A 136 -25.55 -3.09 38.06
N GLN A 137 -26.78 -3.08 37.56
CA GLN A 137 -27.12 -3.89 36.40
C GLN A 137 -26.37 -3.42 35.16
N ASN A 138 -26.07 -2.13 35.08
CA ASN A 138 -25.27 -1.62 33.97
C ASN A 138 -23.84 -2.13 34.11
N TRP A 139 -23.39 -2.89 33.10
CA TRP A 139 -22.01 -3.38 33.10
C TRP A 139 -21.00 -2.24 33.13
N TYR A 140 -21.39 -1.07 32.61
CA TYR A 140 -20.48 0.06 32.53
C TYR A 140 -19.99 0.51 33.91
N CYS A 141 -20.82 0.32 34.94
CA CYS A 141 -20.46 0.78 36.27
C CYS A 141 -19.28 0.01 36.85
N GLN A 142 -19.32 -1.33 36.75
CA GLN A 142 -18.25 -2.15 37.30
C GLN A 142 -17.01 -2.19 36.40
N ALA A 143 -17.14 -1.84 35.13
CA ALA A 143 -16.02 -1.94 34.20
C ALA A 143 -15.20 -0.66 34.10
N ILE A 144 -15.84 0.51 34.14
CA ILE A 144 -15.14 1.75 33.82
C ILE A 144 -15.35 2.81 34.90
N LEU A 145 -16.60 3.14 35.20
CA LEU A 145 -16.94 4.26 36.07
C LEU A 145 -16.34 4.14 37.47
N ILE A 146 -16.82 3.14 38.22
CA ILE A 146 -16.31 2.92 39.57
C ILE A 146 -14.80 2.66 39.57
N PRO A 147 -14.24 1.85 38.67
CA PRO A 147 -12.77 1.74 38.63
C PRO A 147 -12.08 3.06 38.40
N GLN A 148 -12.62 3.93 37.54
CA GLN A 148 -12.02 5.24 37.30
C GLN A 148 -11.99 6.07 38.58
N LEU A 149 -13.14 6.18 39.26
CA LEU A 149 -13.20 6.97 40.49
C LEU A 149 -12.29 6.39 41.57
N VAL A 150 -12.30 5.06 41.73
CA VAL A 150 -11.44 4.41 42.71
C VAL A 150 -9.97 4.69 42.41
N SER A 151 -9.58 4.54 41.14
CA SER A 151 -8.20 4.79 40.76
C SER A 151 -7.79 6.22 41.08
N HIS A 152 -8.64 7.19 40.75
CA HIS A 152 -8.35 8.58 41.08
C HIS A 152 -8.12 8.75 42.58
N THR A 153 -9.08 8.29 43.39
CA THR A 153 -8.96 8.46 44.84
C THR A 153 -7.71 7.80 45.39
N CYS A 154 -7.44 6.56 44.98
CA CYS A 154 -6.29 5.83 45.51
C CYS A 154 -4.98 6.49 45.10
N LEU A 155 -4.85 6.89 43.83
CA LEU A 155 -3.62 7.53 43.38
C LEU A 155 -3.40 8.87 44.07
N LEU A 156 -4.48 9.57 44.43
CA LEU A 156 -4.30 10.86 45.10
C LEU A 156 -3.75 10.70 46.51
N VAL A 157 -3.99 9.56 47.16
CA VAL A 157 -3.56 9.35 48.53
C VAL A 157 -2.56 8.20 48.62
N LYS A 158 -1.78 8.00 47.55
CA LYS A 158 -0.86 6.85 47.52
C LYS A 158 0.21 6.95 48.60
N ASP A 159 0.54 8.16 49.05
CA ASP A 159 1.62 8.34 50.01
C ASP A 159 1.16 8.30 51.46
N ALA A 160 -0.14 8.31 51.70
CA ALA A 160 -0.64 8.22 53.07
C ALA A 160 -0.48 6.80 53.61
N ASP A 161 -0.53 6.68 54.92
CA ASP A 161 -0.40 5.38 55.59
C ASP A 161 -1.75 4.67 55.48
N LEU A 162 -1.87 3.80 54.47
CA LEU A 162 -3.13 3.13 54.18
C LEU A 162 -3.16 1.76 54.85
N SER A 163 -4.34 1.36 55.32
CA SER A 163 -4.52 0.04 55.89
C SER A 163 -4.44 -1.03 54.81
N GLU A 164 -4.37 -2.29 55.25
CA GLU A 164 -4.26 -3.40 54.31
C GLU A 164 -5.57 -3.61 53.54
N GLU A 165 -6.71 -3.35 54.17
CA GLU A 165 -7.98 -3.48 53.46
C GLU A 165 -8.13 -2.40 52.40
N GLN A 166 -7.65 -1.19 52.68
CA GLN A 166 -7.70 -0.12 51.70
C GLN A 166 -6.85 -0.44 50.48
N LEU A 167 -5.64 -0.95 50.69
CA LEU A 167 -4.79 -1.36 49.58
C LEU A 167 -5.44 -2.52 48.82
N ALA A 168 -6.02 -3.48 49.54
CA ALA A 168 -6.68 -4.60 48.88
C ALA A 168 -7.81 -4.12 47.98
N GLY A 169 -8.61 -3.18 48.45
CA GLY A 169 -9.69 -2.65 47.63
C GLY A 169 -9.19 -1.84 46.45
N CYS A 170 -8.17 -0.99 46.69
CA CYS A 170 -7.60 -0.19 45.61
C CYS A 170 -7.00 -1.05 44.51
N GLU A 171 -6.50 -2.23 44.86
CA GLU A 171 -5.98 -3.14 43.85
C GLU A 171 -7.06 -4.04 43.26
N ARG A 172 -8.14 -4.29 44.00
CA ARG A 172 -9.18 -5.21 43.55
C ARG A 172 -10.13 -4.56 42.56
N ILE A 173 -10.59 -3.34 42.85
CA ILE A 173 -11.69 -2.75 42.08
C ILE A 173 -11.30 -2.50 40.61
N PRO A 174 -10.14 -1.90 40.30
CA PRO A 174 -9.75 -1.81 38.88
C PRO A 174 -9.10 -3.07 38.34
N GLY A 175 -8.49 -3.89 39.21
CA GLY A 175 -7.85 -5.10 38.74
C GLY A 175 -8.82 -6.12 38.18
N ARG A 176 -10.04 -6.16 38.72
CA ARG A 176 -11.04 -7.10 38.22
C ARG A 176 -11.42 -6.78 36.78
N ALA A 177 -11.34 -5.51 36.39
CA ALA A 177 -11.60 -5.13 35.00
C ALA A 177 -10.37 -5.29 34.13
N TYR A 178 -9.18 -4.98 34.67
CA TYR A 178 -7.96 -5.14 33.87
C TYR A 178 -7.66 -6.60 33.57
N ASP A 179 -7.94 -7.50 34.51
CA ASP A 179 -7.70 -8.92 34.31
C ASP A 179 -8.63 -9.53 33.26
N LEU A 180 -9.68 -8.82 32.88
CA LEU A 180 -10.66 -9.30 31.90
C LEU A 180 -10.49 -8.61 30.55
N ARG A 181 -9.32 -8.04 30.28
CA ARG A 181 -9.14 -7.19 29.10
C ARG A 181 -9.34 -7.98 27.81
N ASP A 182 -8.80 -9.19 27.74
CA ASP A 182 -8.97 -10.05 26.58
C ASP A 182 -10.10 -11.07 26.77
N GLY A 183 -11.11 -10.71 27.56
CA GLY A 183 -12.21 -11.62 27.83
C GLY A 183 -13.57 -11.00 27.63
N ASP A 184 -14.59 -11.61 28.21
CA ASP A 184 -15.98 -11.19 28.04
C ASP A 184 -16.46 -10.46 29.28
N TYR A 185 -17.08 -9.30 29.09
CA TYR A 185 -17.60 -8.47 30.18
C TYR A 185 -19.10 -8.67 30.39
N GLY A 186 -19.66 -9.79 29.94
CA GLY A 186 -21.08 -10.02 30.05
C GLY A 186 -21.87 -9.26 29.01
N HIS A 187 -22.55 -8.18 29.43
CA HIS A 187 -23.29 -7.36 28.48
C HIS A 187 -22.36 -6.60 27.55
N GLY A 188 -21.16 -6.25 28.01
CA GLY A 188 -20.22 -5.55 27.16
C GLY A 188 -19.61 -6.41 26.07
N GLY A 189 -19.42 -7.70 26.35
CA GLY A 189 -18.81 -8.57 25.35
C GLY A 189 -17.34 -8.22 25.19
N ASP A 190 -16.91 -8.05 23.95
CA ASP A 190 -15.56 -7.60 23.66
C ASP A 190 -15.53 -6.08 23.63
N LEU A 191 -14.66 -5.49 24.45
CA LEU A 191 -14.56 -4.04 24.52
C LEU A 191 -13.67 -3.51 23.41
N THR A 192 -14.18 -2.54 22.65
CA THR A 192 -13.48 -1.97 21.52
C THR A 192 -13.56 -0.46 21.57
N GLY A 193 -12.51 0.19 21.06
CA GLY A 193 -12.47 1.63 20.95
C GLY A 193 -12.54 2.38 22.26
N SER A 194 -13.65 3.09 22.50
CA SER A 194 -13.73 3.98 23.64
C SER A 194 -13.72 3.22 24.96
N ASN A 195 -14.48 2.12 25.03
CA ASN A 195 -14.51 1.34 26.27
C ASN A 195 -13.15 0.73 26.57
N ALA A 196 -12.48 0.18 25.55
CA ALA A 196 -11.15 -0.37 25.76
C ALA A 196 -10.16 0.70 26.19
N VAL A 197 -10.28 1.91 25.61
CA VAL A 197 -9.38 3.00 25.98
C VAL A 197 -9.60 3.42 27.43
N ASN A 198 -10.87 3.50 27.85
CA ASN A 198 -11.15 3.86 29.25
C ASN A 198 -10.63 2.79 30.21
N VAL A 199 -10.83 1.51 29.86
CA VAL A 199 -10.34 0.43 30.70
C VAL A 199 -8.83 0.48 30.81
N MET A 200 -8.14 0.75 29.70
CA MET A 200 -6.68 0.81 29.74
C MET A 200 -6.19 2.06 30.47
N LEU A 201 -6.97 3.14 30.45
CA LEU A 201 -6.59 4.33 31.20
C LEU A 201 -6.69 4.08 32.70
N ASN A 202 -7.79 3.47 33.14
CA ASN A 202 -7.90 3.07 34.54
C ASN A 202 -6.83 2.05 34.90
N SER A 203 -6.46 1.17 33.97
CA SER A 203 -5.39 0.22 34.24
C SER A 203 -4.04 0.91 34.35
N VAL A 204 -3.82 2.00 33.61
CA VAL A 204 -2.61 2.80 33.77
C VAL A 204 -2.56 3.37 35.18
N SER A 205 -3.69 3.92 35.64
CA SER A 205 -3.74 4.41 37.03
C SER A 205 -3.42 3.29 38.02
N LEU A 206 -3.99 2.10 37.80
CA LEU A 206 -3.74 0.98 38.69
C LEU A 206 -2.27 0.57 38.69
N ALA A 207 -1.67 0.51 37.49
CA ALA A 207 -0.25 0.15 37.38
C ALA A 207 0.63 1.16 38.10
N LEU A 208 0.30 2.44 38.00
CA LEU A 208 1.07 3.44 38.73
C LEU A 208 0.87 3.30 40.24
N PHE A 209 -0.31 2.86 40.67
CA PHE A 209 -0.53 2.63 42.09
C PHE A 209 0.31 1.47 42.61
N VAL A 210 0.15 0.29 42.01
CA VAL A 210 0.80 -0.93 42.52
C VAL A 210 2.24 -1.06 42.10
N ASN A 211 2.80 -0.07 41.38
CA ASN A 211 4.20 -0.08 40.97
C ASN A 211 4.54 -1.32 40.12
N ASN A 212 3.72 -1.56 39.10
CA ASN A 212 3.94 -2.64 38.14
C ASN A 212 4.19 -2.04 36.77
N LEU A 213 5.42 -2.19 36.25
CA LEU A 213 5.76 -1.63 34.96
C LEU A 213 5.19 -2.44 33.80
N THR A 214 4.96 -3.75 34.01
CA THR A 214 4.45 -4.59 32.93
C THR A 214 3.03 -4.18 32.54
N ILE A 215 2.18 -3.90 33.52
CA ILE A 215 0.82 -3.43 33.23
C ILE A 215 0.87 -2.12 32.46
N LEU A 216 1.81 -1.23 32.81
CA LEU A 216 1.93 0.04 32.12
C LEU A 216 2.36 -0.18 30.67
N GLU A 217 3.35 -1.05 30.44
CA GLU A 217 3.74 -1.41 29.09
C GLU A 217 2.56 -1.90 28.29
N ASP A 218 1.80 -2.85 28.85
CA ASP A 218 0.68 -3.45 28.13
C ASP A 218 -0.38 -2.41 27.79
N ALA A 219 -0.75 -1.58 28.77
CA ALA A 219 -1.81 -0.61 28.55
C ALA A 219 -1.40 0.46 27.54
N TYR A 220 -0.16 0.96 27.63
CA TYR A 220 0.30 1.95 26.66
C TYR A 220 0.38 1.34 25.27
N THR A 221 0.88 0.12 25.14
CA THR A 221 0.90 -0.54 23.84
C THR A 221 -0.50 -0.65 23.26
N ARG A 222 -1.46 -1.10 24.06
CA ARG A 222 -2.83 -1.25 23.56
C ARG A 222 -3.41 0.08 23.13
N VAL A 223 -3.25 1.12 23.95
CA VAL A 223 -3.84 2.42 23.63
C VAL A 223 -3.20 3.00 22.37
N MET A 224 -1.86 3.02 22.31
CA MET A 224 -1.19 3.57 21.14
C MET A 224 -1.52 2.79 19.88
N THR A 225 -1.77 1.48 20.00
CA THR A 225 -2.18 0.71 18.83
C THR A 225 -3.59 1.07 18.41
N LEU A 226 -4.48 1.32 19.38
CA LEU A 226 -5.86 1.66 19.05
C LEU A 226 -5.97 2.99 18.30
N MET A 227 -5.02 3.91 18.48
CA MET A 227 -5.06 5.21 17.84
C MET A 227 -4.27 5.26 16.53
N ASN A 228 -4.20 4.16 15.79
CA ASN A 228 -3.53 4.13 14.50
C ASN A 228 -4.53 4.32 13.37
N PHE A 229 -4.00 4.41 12.15
CA PHE A 229 -4.81 4.75 10.99
C PHE A 229 -5.75 3.61 10.62
N ALA A 230 -6.99 3.96 10.31
CA ALA A 230 -7.97 3.04 9.74
C ALA A 230 -8.02 3.26 8.23
N ASP A 231 -7.81 2.18 7.47
CA ASP A 231 -7.66 2.28 6.02
C ASP A 231 -8.72 1.51 5.25
N GLU A 232 -9.78 1.05 5.91
CA GLU A 232 -10.89 0.39 5.26
C GLU A 232 -12.09 1.31 5.19
N GLU A 233 -12.97 1.05 4.23
CA GLU A 233 -14.19 1.83 4.11
C GLU A 233 -15.11 1.53 5.28
N MET A 234 -15.58 2.60 5.95
CA MET A 234 -16.43 2.58 7.14
C MET A 234 -15.71 2.10 8.40
N GLU A 235 -14.41 1.77 8.32
CA GLU A 235 -13.70 1.28 9.48
C GLU A 235 -13.59 2.38 10.53
N ASP A 236 -14.17 2.15 11.70
CA ASP A 236 -14.11 3.12 12.78
C ASP A 236 -12.67 3.42 13.17
N GLY A 237 -12.38 4.70 13.36
CA GLY A 237 -11.04 5.12 13.74
C GLY A 237 -10.59 6.35 12.99
N ILE A 238 -9.34 6.76 13.21
CA ILE A 238 -8.80 7.93 12.54
C ILE A 238 -8.39 7.54 11.12
N HIS A 239 -9.06 8.13 10.14
CA HIS A 239 -8.69 7.93 8.74
C HIS A 239 -7.64 8.96 8.32
N ARG A 240 -7.06 8.73 7.15
CA ARG A 240 -5.98 9.58 6.67
C ARG A 240 -6.46 10.92 6.15
N ASP A 241 -7.74 11.06 5.83
CA ASP A 241 -8.28 12.36 5.46
C ASP A 241 -8.40 13.29 6.65
N GLY A 242 -8.34 12.76 7.86
CA GLY A 242 -8.49 13.55 9.06
C GLY A 242 -9.83 13.42 9.76
N SER A 243 -10.69 12.52 9.30
CA SER A 243 -12.02 12.35 9.86
C SER A 243 -12.07 11.09 10.71
N PHE A 244 -12.84 11.14 11.79
CA PHE A 244 -12.94 10.06 12.76
C PHE A 244 -14.33 9.45 12.64
N LEU A 245 -14.39 8.21 12.16
CA LEU A 245 -15.66 7.53 11.94
C LEU A 245 -16.01 6.63 13.12
N GLN A 246 -17.28 6.28 13.20
CA GLN A 246 -17.83 5.45 14.26
C GLN A 246 -19.26 5.08 13.88
N HIS A 247 -19.71 3.92 14.34
CA HIS A 247 -21.06 3.42 14.10
C HIS A 247 -21.39 3.40 12.60
N ASP A 248 -20.48 2.82 11.82
CA ASP A 248 -20.65 2.57 10.39
C ASP A 248 -20.75 3.89 9.61
N GLY A 249 -19.62 4.60 9.58
CA GLY A 249 -19.48 5.74 8.69
C GLY A 249 -20.05 7.05 9.19
N ILE A 250 -20.57 7.09 10.40
CA ILE A 250 -21.11 8.33 10.95
C ILE A 250 -19.96 9.21 11.42
N LEU A 251 -19.86 10.40 10.85
CA LEU A 251 -18.81 11.34 11.25
C LEU A 251 -18.97 11.70 12.73
N TYR A 252 -17.89 11.54 13.50
CA TYR A 252 -17.99 11.64 14.95
C TYR A 252 -16.72 12.18 15.59
N ASN A 253 -16.03 13.11 14.93
CA ASN A 253 -14.84 13.72 15.52
C ASN A 253 -15.15 14.52 16.79
N SER A 254 -16.41 14.80 17.07
CA SER A 254 -16.79 15.68 18.17
C SER A 254 -17.00 14.95 19.49
N ASN A 255 -17.12 13.62 19.46
CA ASN A 255 -17.43 12.88 20.68
C ASN A 255 -16.43 11.75 20.92
N TYR A 256 -16.53 10.69 20.10
CA TYR A 256 -15.65 9.54 20.27
C TYR A 256 -14.19 9.91 19.99
N GLY A 257 -13.93 10.48 18.81
CA GLY A 257 -12.60 10.97 18.51
C GLY A 257 -12.13 12.02 19.50
N LYS A 258 -13.05 12.80 20.05
CA LYS A 258 -12.69 13.74 21.11
C LYS A 258 -12.13 13.01 22.33
N ASP A 259 -12.77 11.92 22.74
CA ASP A 259 -12.28 11.15 23.87
C ASP A 259 -10.94 10.49 23.54
N PHE A 260 -10.78 10.00 22.31
CA PHE A 260 -9.48 9.48 21.88
C PHE A 260 -8.39 10.54 22.01
N LEU A 261 -8.67 11.76 21.55
CA LEU A 261 -7.66 12.81 21.61
C LEU A 261 -7.37 13.22 23.04
N ASN A 262 -8.37 13.22 23.90
CA ASN A 262 -8.13 13.53 25.32
C ASN A 262 -7.28 12.46 25.98
N ALA A 263 -7.57 11.19 25.70
CA ALA A 263 -6.75 10.10 26.23
C ALA A 263 -5.31 10.22 25.74
N PHE A 264 -5.12 10.54 24.46
CA PHE A 264 -3.77 10.73 23.95
C PHE A 264 -3.08 11.89 24.65
N ILE A 265 -3.77 13.02 24.79
CA ILE A 265 -3.18 14.18 25.49
C ILE A 265 -2.68 13.75 26.86
N GLN A 266 -3.55 13.08 27.62
CA GLN A 266 -3.21 12.67 28.98
C GLN A 266 -1.98 11.76 28.97
N LEU A 267 -2.04 10.67 28.20
CA LEU A 267 -0.97 9.67 28.24
C LEU A 267 0.35 10.23 27.70
N GLU A 268 0.29 11.01 26.62
CA GLU A 268 1.50 11.57 26.03
C GLU A 268 2.14 12.59 26.96
N ARG A 269 1.35 13.50 27.53
CA ARG A 269 1.90 14.46 28.48
C ARG A 269 2.48 13.76 29.71
N GLN A 270 1.90 12.64 30.11
CA GLN A 270 2.40 11.94 31.29
C GLN A 270 3.62 11.10 31.00
N ALA A 271 3.78 10.59 29.78
CA ALA A 271 4.86 9.69 29.43
C ALA A 271 5.92 10.33 28.55
N LEU A 272 6.15 11.62 28.70
CA LEU A 272 7.17 12.31 27.90
C LEU A 272 8.56 11.82 28.27
N ASP A 273 9.39 11.62 27.24
CA ASP A 273 10.82 11.32 27.40
C ASP A 273 11.05 9.99 28.12
N THR A 274 10.23 9.00 27.79
CA THR A 274 10.34 7.65 28.35
C THR A 274 10.33 6.65 27.22
N GLU A 275 10.40 5.37 27.58
CA GLU A 275 10.25 4.29 26.61
C GLU A 275 8.79 4.00 26.30
N PHE A 276 7.87 4.88 26.72
CA PHE A 276 6.45 4.72 26.46
C PHE A 276 5.86 5.85 25.64
N GLU A 277 6.63 6.88 25.32
CA GLU A 277 6.15 7.94 24.44
C GLU A 277 5.73 7.34 23.10
N ALA A 278 4.73 7.96 22.48
CA ALA A 278 4.16 7.42 21.25
C ALA A 278 5.20 7.36 20.15
N GLY A 279 5.10 6.34 19.31
CA GLY A 279 6.00 6.14 18.19
C GLY A 279 5.71 7.08 17.04
N ASP A 280 6.04 6.63 15.83
CA ASP A 280 5.84 7.46 14.64
C ASP A 280 4.43 7.32 14.07
N THR A 281 3.92 6.09 13.99
CA THR A 281 2.59 5.88 13.42
C THR A 281 1.52 6.59 14.25
N THR A 282 1.61 6.49 15.57
CA THR A 282 0.63 7.12 16.43
C THR A 282 0.69 8.64 16.31
N LYS A 283 1.90 9.21 16.21
CA LYS A 283 2.01 10.66 16.05
C LYS A 283 1.46 11.11 14.71
N GLN A 284 1.68 10.33 13.65
CA GLN A 284 1.10 10.66 12.35
C GLN A 284 -0.43 10.67 12.43
N ALA A 285 -1.01 9.63 13.06
CA ALA A 285 -2.46 9.58 13.18
C ALA A 285 -3.00 10.72 14.04
N ILE A 286 -2.27 11.08 15.10
CA ILE A 286 -2.71 12.15 15.98
C ILE A 286 -2.66 13.49 15.26
N ALA A 287 -1.60 13.72 14.48
CA ALA A 287 -1.52 14.94 13.68
C ALA A 287 -2.64 15.02 12.66
N ALA A 288 -2.94 13.89 12.00
CA ALA A 288 -4.05 13.84 11.06
C ALA A 288 -5.36 14.21 11.75
N GLN A 289 -5.61 13.64 12.94
CA GLN A 289 -6.85 13.93 13.65
C GLN A 289 -6.90 15.38 14.11
N VAL A 290 -5.77 15.92 14.57
CA VAL A 290 -5.73 17.31 15.01
C VAL A 290 -6.06 18.25 13.85
N ARG A 291 -5.47 18.01 12.69
CA ARG A 291 -5.76 18.86 11.54
C ARG A 291 -7.20 18.70 11.08
N GLY A 292 -7.71 17.47 11.05
CA GLY A 292 -9.10 17.27 10.66
C GLY A 292 -10.08 17.91 11.62
N ASN A 293 -9.73 17.98 12.90
CA ASN A 293 -10.62 18.63 13.86
C ASN A 293 -10.67 20.14 13.65
N GLU A 294 -9.52 20.74 13.33
CA GLU A 294 -9.46 22.20 13.21
C GLU A 294 -10.37 22.70 12.09
N TRP A 295 -10.47 21.94 10.99
CA TRP A 295 -11.34 22.33 9.90
C TRP A 295 -12.82 22.11 10.20
N MET A 296 -13.14 21.39 11.27
CA MET A 296 -14.53 21.23 11.70
C MET A 296 -14.92 22.22 12.79
N THR A 297 -14.00 23.07 13.21
CA THR A 297 -14.22 23.98 14.33
C THR A 297 -14.50 25.39 13.81
N PHE A 298 -15.59 25.98 14.29
CA PHE A 298 -15.93 27.37 14.01
C PHE A 298 -15.95 28.14 15.33
N ILE A 299 -16.16 29.45 15.24
CA ILE A 299 -16.05 30.36 16.38
C ILE A 299 -17.38 31.07 16.58
N ASP A 300 -17.73 31.28 17.85
CA ASP A 300 -18.82 32.19 18.21
C ASP A 300 -18.23 33.59 18.28
N GLU A 301 -18.55 34.42 17.26
CA GLU A 301 -17.90 35.73 17.14
C GLU A 301 -18.12 36.60 18.37
N GLU A 302 -19.18 36.37 19.14
CA GLU A 302 -19.46 37.19 20.30
C GLU A 302 -18.72 36.72 21.55
N THR A 303 -18.81 35.44 21.86
CA THR A 303 -18.22 34.88 23.07
C THR A 303 -16.84 34.27 22.85
N ARG A 304 -16.41 34.12 21.60
CA ARG A 304 -15.13 33.53 21.20
C ARG A 304 -15.04 32.05 21.56
N GLN A 305 -16.14 31.42 21.93
CA GLN A 305 -16.14 29.99 22.23
C GLN A 305 -16.22 29.18 20.95
N GLN A 306 -15.41 28.13 20.86
CA GLN A 306 -15.30 27.30 19.68
C GLN A 306 -16.17 26.06 19.81
N TYR A 307 -16.74 25.62 18.69
CA TYR A 307 -17.71 24.53 18.66
C TYR A 307 -17.33 23.54 17.57
N TRP A 308 -18.13 22.46 17.45
CA TRP A 308 -18.00 21.48 16.39
C TRP A 308 -19.06 21.72 15.32
N ASP A 309 -18.75 21.36 14.09
CA ASP A 309 -19.72 21.44 13.01
C ASP A 309 -20.81 20.39 13.20
N PHE A 310 -22.06 20.77 12.90
CA PHE A 310 -23.21 19.91 13.19
C PHE A 310 -23.24 18.63 12.37
N ASN A 311 -22.33 18.45 11.41
CA ASN A 311 -22.27 17.18 10.69
C ASN A 311 -21.38 16.16 11.38
N ALA A 312 -20.53 16.59 12.32
CA ALA A 312 -19.67 15.69 13.08
C ALA A 312 -20.19 15.45 14.50
N VAL A 313 -21.47 15.73 14.75
CA VAL A 313 -22.02 15.63 16.09
C VAL A 313 -22.95 14.43 16.25
N GLY A 314 -23.62 13.99 15.19
CA GLY A 314 -24.48 12.83 15.27
C GLY A 314 -25.72 13.03 16.10
N ARG A 315 -25.91 12.19 17.12
CA ARG A 315 -27.15 12.18 17.89
C ARG A 315 -27.24 13.34 18.87
N PHE A 316 -26.15 14.06 19.12
CA PHE A 316 -26.18 15.14 20.09
C PHE A 316 -26.72 16.44 19.51
N VAL A 317 -27.16 16.44 18.26
CA VAL A 317 -27.78 17.64 17.69
C VAL A 317 -29.11 17.91 18.38
N SER A 318 -29.76 16.87 18.93
CA SER A 318 -31.01 17.03 19.66
C SER A 318 -30.80 17.45 21.11
N HIS A 319 -29.56 17.65 21.54
CA HIS A 319 -29.32 18.11 22.89
C HIS A 319 -29.00 19.60 22.90
N PRO A 320 -29.45 20.33 23.91
CA PRO A 320 -29.05 21.74 24.04
C PRO A 320 -27.62 21.86 24.54
N THR A 321 -27.06 23.06 24.37
CA THR A 321 -25.69 23.32 24.81
C THR A 321 -25.58 23.33 26.33
N SER A 322 -26.69 23.47 27.05
CA SER A 322 -26.63 23.47 28.51
C SER A 322 -26.39 22.08 29.08
N ASP A 323 -26.71 21.03 28.33
CA ASP A 323 -26.48 19.67 28.80
C ASP A 323 -25.01 19.27 28.82
N LEU A 324 -24.13 20.11 28.27
CA LEU A 324 -22.69 19.86 28.25
C LEU A 324 -22.38 18.50 27.62
N GLN A 325 -22.88 18.32 26.40
CA GLN A 325 -22.64 17.12 25.62
C GLN A 325 -21.51 17.39 24.63
N ALA A 326 -21.46 16.61 23.55
CA ALA A 326 -20.44 16.82 22.54
C ALA A 326 -20.64 18.10 21.76
N ASN A 327 -21.87 18.62 21.70
CA ASN A 327 -22.20 19.81 20.94
C ASN A 327 -22.16 21.08 21.76
N SER A 328 -21.58 21.04 22.97
CA SER A 328 -21.51 22.23 23.81
C SER A 328 -20.17 22.96 23.72
N ASP A 329 -19.13 22.29 23.26
CA ASP A 329 -17.79 22.87 23.19
C ASP A 329 -16.89 21.85 22.49
N ILE A 330 -15.66 22.28 22.20
CA ILE A 330 -14.68 21.33 21.68
C ILE A 330 -14.28 20.33 22.76
N ASN A 331 -14.27 20.76 24.02
CA ASN A 331 -14.10 19.88 25.18
C ASN A 331 -12.73 19.20 25.17
N TYR A 332 -11.68 20.01 24.99
CA TYR A 332 -10.32 19.56 25.26
C TYR A 332 -9.45 20.78 25.46
N ASN A 333 -8.54 20.69 26.42
CA ASN A 333 -7.69 21.82 26.78
C ASN A 333 -6.67 22.06 25.70
N LEU A 334 -6.70 23.25 25.09
CA LEU A 334 -5.79 23.54 23.99
C LEU A 334 -4.36 23.70 24.48
N THR A 335 -4.17 24.18 25.70
CA THR A 335 -2.82 24.29 26.25
C THR A 335 -2.22 22.90 26.47
N LYS A 336 -3.01 21.96 27.01
CA LYS A 336 -2.50 20.61 27.19
C LYS A 336 -2.28 19.90 25.86
N LEU A 337 -3.10 20.21 24.85
CA LEU A 337 -2.88 19.62 23.53
C LEU A 337 -1.61 20.20 22.89
N ALA A 338 -1.33 21.48 23.13
CA ALA A 338 -0.09 22.05 22.63
C ALA A 338 1.12 21.45 23.34
N ALA A 339 1.02 21.24 24.65
CA ALA A 339 2.10 20.61 25.40
C ALA A 339 2.32 19.15 24.99
N ALA A 340 1.24 18.44 24.64
CA ALA A 340 1.39 17.04 24.24
C ALA A 340 1.98 16.90 22.85
N THR A 341 1.74 17.87 21.96
CA THR A 341 2.22 17.82 20.58
C THR A 341 3.35 18.80 20.32
N ALA A 342 4.13 19.14 21.35
CA ALA A 342 5.26 20.04 21.15
C ALA A 342 6.38 19.33 20.39
N ASN A 343 6.75 18.14 20.83
CA ASN A 343 7.79 17.30 20.26
C ASN A 343 7.46 16.72 18.89
N PHE A 344 6.32 17.11 18.32
CA PHE A 344 5.96 16.72 16.97
C PHE A 344 6.83 17.44 15.95
N GLU A 345 7.45 16.67 15.04
CA GLU A 345 8.40 17.21 14.08
C GLU A 345 8.06 16.74 12.65
N GLY A 346 8.59 17.49 11.68
CA GLY A 346 8.41 17.13 10.28
C GLY A 346 6.98 17.33 9.83
N ASP A 347 6.48 16.36 9.04
CA ASP A 347 5.12 16.41 8.54
C ASP A 347 4.08 16.27 9.65
N ASN A 348 4.49 15.88 10.85
CA ASN A 348 3.61 15.75 11.99
C ASN A 348 3.40 17.06 12.74
N ASP A 349 4.23 18.07 12.50
CA ASP A 349 4.16 19.31 13.25
C ASP A 349 2.78 19.96 13.07
N VAL A 350 2.11 20.20 14.19
CA VAL A 350 0.77 20.80 14.16
C VAL A 350 0.78 22.10 14.95
N SER A 351 1.95 22.75 15.03
CA SER A 351 2.07 23.96 15.83
C SER A 351 1.20 25.08 15.28
N ASP A 352 1.09 25.17 13.95
CA ASP A 352 0.26 26.20 13.34
C ASP A 352 -1.22 25.99 13.64
N SER A 353 -1.66 24.73 13.66
CA SER A 353 -3.05 24.43 13.98
C SER A 353 -3.37 24.91 15.39
N LEU A 354 -2.51 24.60 16.36
CA LEU A 354 -2.71 25.03 17.73
C LEU A 354 -2.63 26.54 17.86
N ARG A 355 -1.73 27.17 17.10
CA ARG A 355 -1.64 28.62 17.11
C ARG A 355 -2.94 29.25 16.64
N ARG A 356 -3.54 28.71 15.57
CA ARG A 356 -4.79 29.25 15.07
C ARG A 356 -5.97 28.92 15.99
N LEU A 357 -5.89 27.80 16.71
CA LEU A 357 -6.98 27.43 17.62
C LEU A 357 -6.97 28.31 18.85
N MET A 358 -5.81 28.44 19.50
CA MET A 358 -5.70 29.25 20.72
C MET A 358 -5.75 30.75 20.43
N SER A 359 -5.73 31.15 19.16
CA SER A 359 -5.81 32.57 18.82
C SER A 359 -7.20 33.15 19.09
N ASN A 360 -8.21 32.30 19.26
CA ASN A 360 -9.58 32.73 19.51
C ASN A 360 -10.08 33.67 18.41
N GLY A 361 -10.01 33.17 17.18
CA GLY A 361 -10.52 33.89 16.03
C GLY A 361 -9.60 34.93 15.42
N THR A 362 -8.52 35.32 16.09
CA THR A 362 -7.63 36.30 15.52
C THR A 362 -6.79 35.74 14.37
N GLU A 363 -6.62 34.42 14.31
CA GLU A 363 -6.05 33.75 13.15
C GLU A 363 -7.04 32.69 12.69
N LYS A 364 -7.62 32.89 11.52
CA LYS A 364 -8.64 31.99 11.00
C LYS A 364 -8.04 31.04 9.96
N LEU A 365 -8.81 30.03 9.60
CA LEU A 365 -8.35 28.97 8.72
C LEU A 365 -8.88 29.25 7.33
N HIS A 366 -7.98 29.36 6.36
CA HIS A 366 -8.29 29.87 5.03
C HIS A 366 -7.96 28.80 4.00
N GLY A 367 -8.95 28.35 3.26
CA GLY A 367 -8.74 27.36 2.23
C GLY A 367 -9.98 26.53 1.98
N ASN A 368 -9.78 25.41 1.27
CA ASN A 368 -10.82 24.43 0.99
C ASN A 368 -10.26 23.04 1.25
N LYS A 369 -11.03 22.22 1.98
CA LYS A 369 -10.60 20.88 2.35
C LYS A 369 -11.70 19.86 2.04
N GLY A 370 -11.29 18.69 1.54
CA GLY A 370 -12.22 17.63 1.22
C GLY A 370 -11.90 16.31 1.87
N TYR A 371 -12.83 15.77 2.66
CA TYR A 371 -12.66 14.48 3.31
C TYR A 371 -13.26 13.39 2.42
N TRP A 372 -12.40 12.46 1.97
CA TRP A 372 -12.88 11.43 1.07
C TRP A 372 -13.49 10.24 1.83
N ALA A 373 -12.93 9.88 2.98
CA ALA A 373 -13.40 8.73 3.72
C ALA A 373 -14.78 8.96 4.35
N SER A 374 -15.20 10.21 4.49
CA SER A 374 -16.48 10.53 5.10
C SER A 374 -17.42 11.34 4.22
N ASP A 375 -17.04 11.61 2.96
CA ASP A 375 -17.86 12.37 2.02
C ASP A 375 -18.18 13.76 2.57
N PHE A 376 -17.13 14.49 2.94
CA PHE A 376 -17.25 15.75 3.65
C PHE A 376 -16.35 16.79 3.01
N MET A 377 -16.80 18.04 3.02
CA MET A 377 -16.02 19.13 2.44
C MET A 377 -16.29 20.41 3.21
N VAL A 378 -15.23 21.19 3.45
CA VAL A 378 -15.31 22.44 4.18
C VAL A 378 -14.63 23.53 3.35
N HIS A 379 -15.29 24.68 3.24
CA HIS A 379 -14.76 25.84 2.53
C HIS A 379 -14.77 27.02 3.49
N ARG A 380 -13.60 27.59 3.78
CA ARG A 380 -13.49 28.64 4.79
C ARG A 380 -12.76 29.86 4.25
N GLN A 381 -13.22 31.03 4.66
CA GLN A 381 -12.52 32.30 4.51
C GLN A 381 -12.27 32.86 5.92
N ASP A 382 -11.81 34.09 5.97
CA ASP A 382 -11.83 34.84 7.22
C ASP A 382 -13.20 35.41 7.53
N GLU A 383 -14.19 35.17 6.66
CA GLU A 383 -15.51 35.75 6.79
C GLU A 383 -16.63 34.73 6.95
N PHE A 384 -16.41 33.46 6.63
CA PHE A 384 -17.47 32.47 6.75
C PHE A 384 -16.87 31.06 6.75
N VAL A 385 -17.68 30.11 7.21
CA VAL A 385 -17.33 28.69 7.22
C VAL A 385 -18.51 27.93 6.64
N VAL A 386 -18.27 27.17 5.58
CA VAL A 386 -19.31 26.40 4.90
C VAL A 386 -18.92 24.93 4.90
N THR A 387 -19.83 24.08 5.36
CA THR A 387 -19.63 22.64 5.44
C THR A 387 -20.67 21.91 4.62
N ASN A 388 -20.32 20.70 4.19
CA ASN A 388 -21.20 19.90 3.33
C ASN A 388 -20.85 18.44 3.47
N LYS A 389 -21.79 17.64 3.98
CA LYS A 389 -21.65 16.19 4.06
C LYS A 389 -22.60 15.52 3.09
N MET A 390 -22.13 14.47 2.44
CA MET A 390 -22.92 13.72 1.47
C MET A 390 -23.14 12.30 1.97
N LEU A 391 -23.96 11.55 1.22
CA LEU A 391 -24.42 10.23 1.62
C LEU A 391 -23.99 9.20 0.58
N SER A 392 -23.09 8.30 0.96
CA SER A 392 -22.66 7.23 0.08
C SER A 392 -22.73 5.88 0.78
N THR A 393 -22.25 4.83 0.13
CA THR A 393 -22.13 3.52 0.76
C THR A 393 -21.08 3.49 1.87
N ARG A 394 -20.31 4.56 2.04
CA ARG A 394 -19.26 4.63 3.05
C ARG A 394 -19.61 5.59 4.19
N SER A 395 -20.88 5.96 4.31
CA SER A 395 -21.32 6.86 5.37
C SER A 395 -22.78 6.58 5.68
N ALA A 396 -23.30 7.25 6.71
CA ALA A 396 -24.68 7.07 7.12
C ALA A 396 -25.31 8.44 7.38
N THR A 397 -26.62 8.42 7.63
CA THR A 397 -27.36 9.64 7.93
C THR A 397 -27.09 10.06 9.37
N SER A 398 -27.94 9.63 10.29
CA SER A 398 -27.74 9.89 11.71
C SER A 398 -28.01 8.62 12.52
N GLU A 399 -28.45 8.78 13.77
CA GLU A 399 -28.78 7.62 14.59
C GLU A 399 -29.70 8.05 15.73
N TYR A 400 -30.55 7.11 16.15
CA TYR A 400 -31.49 7.31 17.26
C TYR A 400 -31.07 6.37 18.39
N VAL A 401 -30.36 6.91 19.38
CA VAL A 401 -29.78 6.13 20.46
C VAL A 401 -30.18 6.74 21.79
N ASN A 402 -30.73 5.91 22.68
CA ASN A 402 -31.06 6.31 24.06
C ASN A 402 -32.09 7.45 24.07
N THR A 403 -33.20 7.24 23.37
CA THR A 403 -34.31 8.19 23.29
C THR A 403 -33.92 9.50 22.63
N ALA A 404 -32.64 9.68 22.32
CA ALA A 404 -32.14 10.92 21.76
C ALA A 404 -32.16 10.88 20.24
N ASN A 405 -32.63 11.99 19.64
CA ASN A 405 -32.52 12.28 18.22
C ASN A 405 -33.39 11.35 17.38
N PRO A 406 -34.71 11.56 17.34
CA PRO A 406 -35.58 10.67 16.56
C PRO A 406 -35.93 11.18 15.17
N TYR A 407 -35.69 12.47 14.88
CA TYR A 407 -36.12 13.09 13.64
C TYR A 407 -34.94 13.57 12.78
N ALA A 408 -33.81 12.88 12.85
CA ALA A 408 -32.60 13.30 12.12
C ALA A 408 -32.39 12.48 10.85
N TYR A 409 -33.46 12.11 10.15
CA TYR A 409 -33.33 11.27 8.97
C TYR A 409 -32.56 11.99 7.86
N HIS A 410 -32.81 13.29 7.68
CA HIS A 410 -32.25 14.01 6.53
C HIS A 410 -30.81 14.45 6.71
N PHE A 411 -30.23 14.28 7.91
CA PHE A 411 -28.84 14.66 8.11
C PHE A 411 -27.91 13.82 7.25
N GLY A 412 -26.80 14.43 6.84
CA GLY A 412 -25.81 13.76 6.02
C GLY A 412 -26.24 13.40 4.62
N GLN A 413 -27.38 13.92 4.16
CA GLN A 413 -27.90 13.64 2.83
C GLN A 413 -27.74 14.83 1.89
N GLY A 414 -26.62 15.55 2.02
CA GLY A 414 -26.37 16.71 1.20
C GLY A 414 -26.62 18.03 1.91
N THR A 415 -26.11 18.16 3.13
CA THR A 415 -26.33 19.35 3.92
C THR A 415 -25.43 20.49 3.46
N LEU A 416 -25.82 21.71 3.81
CA LEU A 416 -25.02 22.90 3.52
C LEU A 416 -25.19 23.86 4.69
N PHE A 417 -24.20 23.91 5.56
CA PHE A 417 -24.21 24.80 6.72
C PHE A 417 -23.28 25.98 6.50
N CYS A 418 -23.67 27.12 7.06
CA CYS A 418 -22.91 28.36 6.91
C CYS A 418 -22.72 29.02 8.27
N TYR A 419 -21.47 29.31 8.62
CA TYR A 419 -21.13 29.95 9.89
C TYR A 419 -20.47 31.29 9.61
N VAL A 420 -21.22 32.37 9.81
CA VAL A 420 -20.69 33.72 9.71
C VAL A 420 -20.63 34.39 11.08
N LEU A 421 -21.64 34.16 11.92
CA LEU A 421 -21.68 34.71 13.27
C LEU A 421 -21.29 33.70 14.34
N GLY A 422 -21.51 32.41 14.09
CA GLY A 422 -21.21 31.37 15.04
C GLY A 422 -22.38 30.92 15.89
N ASN A 423 -23.57 31.49 15.69
CA ASN A 423 -24.76 31.11 16.44
C ASN A 423 -25.97 30.93 15.54
N GLU A 424 -25.76 30.68 14.25
CA GLU A 424 -26.88 30.56 13.32
C GLU A 424 -27.77 29.37 13.66
N TYR A 425 -27.19 28.28 14.15
CA TYR A 425 -27.93 27.06 14.44
C TYR A 425 -27.81 26.65 15.90
N LYS A 426 -27.45 27.58 16.78
CA LYS A 426 -27.22 27.28 18.19
C LYS A 426 -28.55 27.05 18.90
N ASP A 427 -28.81 25.81 19.27
CA ASP A 427 -29.98 25.45 20.11
C ASP A 427 -31.30 25.81 19.44
N ILE A 428 -31.34 25.78 18.10
CA ILE A 428 -32.61 25.93 17.40
C ILE A 428 -33.28 24.58 17.13
N MET A 429 -32.60 23.48 17.43
CA MET A 429 -33.14 22.15 17.15
C MET A 429 -34.39 21.83 17.96
N GLY A 430 -34.66 22.58 19.03
CA GLY A 430 -35.85 22.34 19.81
C GLY A 430 -37.11 22.67 19.04
N ALA A 431 -37.24 23.93 18.61
CA ALA A 431 -38.36 24.39 17.81
C ALA A 431 -38.16 24.14 16.32
N TRP A 432 -37.04 23.55 15.94
CA TRP A 432 -36.72 23.25 14.54
C TRP A 432 -37.86 22.52 13.85
N ASP A 433 -37.95 22.70 12.53
CA ASP A 433 -38.72 21.83 11.65
C ASP A 433 -37.73 20.84 11.04
N TRP A 434 -37.81 19.58 11.46
CA TRP A 434 -36.80 18.61 11.08
C TRP A 434 -36.92 18.15 9.62
N ASN A 435 -37.95 18.56 8.91
CA ASN A 435 -38.10 18.23 7.50
C ASN A 435 -37.36 19.20 6.58
N LEU A 436 -36.89 20.34 7.11
CA LEU A 436 -36.24 21.37 6.32
C LEU A 436 -34.81 21.53 6.84
N VAL A 437 -33.95 20.58 6.47
CA VAL A 437 -32.54 20.63 6.85
C VAL A 437 -31.80 21.49 5.83
N PRO A 438 -31.01 22.47 6.26
CA PRO A 438 -30.38 23.39 5.31
C PRO A 438 -29.48 22.65 4.31
N GLY A 439 -29.72 22.90 3.03
CA GLY A 439 -28.94 22.35 1.95
C GLY A 439 -29.51 21.08 1.34
N THR A 440 -30.27 20.30 2.12
CA THR A 440 -30.76 19.02 1.62
C THR A 440 -31.85 19.23 0.57
N THR A 441 -31.86 18.35 -0.43
CA THR A 441 -32.91 18.34 -1.46
C THR A 441 -33.80 17.13 -1.18
N VAL A 442 -34.90 17.37 -0.46
CA VAL A 442 -35.77 16.31 0.01
C VAL A 442 -37.18 16.57 -0.50
N LEU A 443 -38.03 15.55 -0.35
CA LEU A 443 -39.46 15.72 -0.58
C LEU A 443 -40.10 16.29 0.67
N LEU A 444 -41.01 17.24 0.49
CA LEU A 444 -41.56 17.99 1.61
C LEU A 444 -42.33 17.06 2.55
N ASN A 445 -41.86 16.97 3.80
CA ASN A 445 -42.52 16.18 4.84
C ASN A 445 -42.67 14.71 4.43
N HIS A 446 -41.62 14.17 3.80
CA HIS A 446 -41.62 12.79 3.39
C HIS A 446 -40.23 12.22 3.65
N PRO A 447 -40.12 11.08 4.35
CA PRO A 447 -41.27 10.39 4.93
C PRO A 447 -41.70 11.00 6.26
N GLU A 448 -42.78 10.48 6.85
CA GLU A 448 -43.23 10.95 8.15
C GLU A 448 -42.15 10.66 9.18
N LEU A 449 -41.51 11.71 9.70
CA LEU A 449 -40.36 11.54 10.58
C LEU A 449 -40.76 10.92 11.90
N GLN A 450 -40.01 9.89 12.30
CA GLN A 450 -40.24 9.20 13.57
C GLN A 450 -38.98 8.42 13.92
N SER A 451 -38.98 7.84 15.12
CA SER A 451 -37.77 7.21 15.64
C SER A 451 -37.33 6.02 14.79
N SER A 452 -38.29 5.27 14.22
CA SER A 452 -37.94 4.08 13.46
C SER A 452 -37.27 4.38 12.13
N ILE A 453 -37.29 5.63 11.67
CA ILE A 453 -36.73 6.01 10.37
C ILE A 453 -35.68 7.08 10.64
N VAL A 454 -34.43 6.66 10.88
CA VAL A 454 -33.35 7.61 11.14
C VAL A 454 -32.09 7.21 10.40
N LYS A 455 -31.53 6.05 10.73
CA LYS A 455 -30.21 5.66 10.26
C LYS A 455 -30.30 4.86 8.96
N PHE A 456 -29.57 5.32 7.94
CA PHE A 456 -29.54 4.65 6.64
C PHE A 456 -28.20 4.91 5.98
N ASN A 457 -27.77 3.96 5.16
CA ASN A 457 -26.56 4.09 4.35
C ASN A 457 -26.92 4.38 2.90
N GLY A 458 -26.01 5.04 2.20
CA GLY A 458 -26.24 5.35 0.81
C GLY A 458 -26.24 4.11 -0.07
N LYS A 459 -26.81 4.26 -1.26
CA LYS A 459 -26.95 3.15 -2.19
C LYS A 459 -26.00 3.24 -3.38
N LYS A 460 -25.29 4.34 -3.54
CA LYS A 460 -24.42 4.55 -4.68
C LYS A 460 -22.98 4.77 -4.22
N ASP A 461 -22.05 4.55 -5.14
CA ASP A 461 -20.62 4.68 -4.85
C ASP A 461 -20.02 5.96 -5.40
N PHE A 462 -20.59 6.52 -6.48
CA PHE A 462 -20.05 7.72 -7.11
C PHE A 462 -20.45 8.95 -6.29
N VAL A 463 -19.90 9.01 -5.08
CA VAL A 463 -20.07 10.14 -4.17
C VAL A 463 -18.70 10.49 -3.62
N GLY A 464 -18.16 11.62 -4.03
CA GLY A 464 -16.84 12.02 -3.63
C GLY A 464 -16.63 13.50 -3.75
N SER A 465 -15.37 13.90 -3.92
CA SER A 465 -15.01 15.30 -4.00
C SER A 465 -13.61 15.42 -4.58
N VAL A 466 -13.38 16.50 -5.32
CA VAL A 466 -12.07 16.82 -5.88
C VAL A 466 -11.70 18.23 -5.46
N SER A 467 -10.45 18.42 -5.08
CA SER A 467 -10.00 19.72 -4.60
C SER A 467 -8.50 19.83 -4.78
N ASP A 468 -8.02 21.08 -4.78
CA ASP A 468 -6.60 21.36 -4.88
C ASP A 468 -6.13 22.32 -3.79
N GLY A 469 -6.86 22.39 -2.67
CA GLY A 469 -6.55 23.27 -1.58
C GLY A 469 -7.22 24.63 -1.63
N THR A 470 -7.58 25.09 -2.83
CA THR A 470 -8.19 26.40 -3.01
C THR A 470 -9.62 26.32 -3.54
N VAL A 471 -9.85 25.55 -4.60
CA VAL A 471 -11.19 25.34 -5.13
C VAL A 471 -11.56 23.88 -4.94
N GLY A 472 -12.84 23.64 -4.71
CA GLY A 472 -13.31 22.29 -4.44
C GLY A 472 -14.60 22.01 -5.17
N LEU A 473 -14.78 20.74 -5.52
CA LEU A 473 -15.96 20.28 -6.26
C LEU A 473 -16.36 18.93 -5.71
N SER A 474 -17.50 18.89 -5.01
CA SER A 474 -18.02 17.66 -4.44
C SER A 474 -19.21 17.17 -5.25
N VAL A 475 -19.33 15.84 -5.37
CA VAL A 475 -20.37 15.21 -6.16
C VAL A 475 -21.09 14.18 -5.30
N GLU A 476 -22.34 13.89 -5.66
CA GLU A 476 -23.17 12.99 -4.87
C GLU A 476 -24.23 12.37 -5.79
N ASP A 477 -23.98 11.13 -6.22
CA ASP A 477 -25.01 10.34 -6.87
C ASP A 477 -26.02 9.88 -5.82
N TYR A 478 -27.10 10.63 -5.65
CA TYR A 478 -27.99 10.46 -4.50
C TYR A 478 -29.23 9.66 -4.88
N VAL A 479 -29.62 8.77 -3.97
CA VAL A 479 -30.89 8.04 -4.05
C VAL A 479 -31.44 7.95 -2.63
N ASP A 480 -32.73 8.20 -2.47
CA ASP A 480 -33.35 8.14 -1.16
C ASP A 480 -33.23 6.72 -0.59
N PRO A 481 -32.65 6.54 0.60
CA PRO A 481 -32.35 5.19 1.08
C PRO A 481 -33.54 4.49 1.73
N TYR A 482 -34.47 5.26 2.30
CA TYR A 482 -35.58 4.64 3.01
C TYR A 482 -36.58 3.99 2.06
N ASP A 483 -36.81 4.60 0.90
CA ASP A 483 -37.81 4.07 -0.02
C ASP A 483 -37.53 4.39 -1.48
N GLY A 484 -36.48 5.14 -1.80
CA GLY A 484 -36.20 5.48 -3.18
C GLY A 484 -37.24 6.37 -3.82
N ALA A 485 -37.92 7.21 -3.03
CA ALA A 485 -38.96 8.08 -3.56
C ALA A 485 -38.40 9.29 -4.32
N ILE A 486 -37.11 9.58 -4.17
CA ILE A 486 -36.49 10.71 -4.85
C ILE A 486 -35.04 10.39 -5.13
N SER A 487 -34.59 10.67 -6.35
CA SER A 487 -33.20 10.48 -6.74
C SER A 487 -32.78 11.63 -7.66
N TYR A 488 -31.52 12.01 -7.58
CA TYR A 488 -30.98 13.10 -8.38
C TYR A 488 -29.46 13.02 -8.34
N ARG A 489 -28.81 13.93 -9.07
CA ARG A 489 -27.37 14.10 -9.03
C ARG A 489 -27.08 15.56 -8.71
N LYS A 490 -26.34 15.78 -7.62
CA LYS A 490 -26.10 17.11 -7.10
C LYS A 490 -24.60 17.34 -6.97
N ALA A 491 -24.16 18.57 -7.25
CA ALA A 491 -22.76 18.93 -7.15
C ALA A 491 -22.65 20.31 -6.50
N TRP A 492 -21.54 20.52 -5.79
CA TRP A 492 -21.23 21.81 -5.18
C TRP A 492 -19.84 22.25 -5.63
N PHE A 493 -19.74 23.47 -6.13
CA PHE A 493 -18.47 24.04 -6.58
C PHE A 493 -18.09 25.17 -5.63
N PHE A 494 -16.99 24.97 -4.90
CA PHE A 494 -16.52 25.94 -3.90
C PHE A 494 -15.33 26.70 -4.47
N ALA A 495 -15.52 27.99 -4.69
CA ALA A 495 -14.44 28.87 -5.14
C ALA A 495 -14.70 30.27 -4.62
N GLY A 496 -13.74 30.81 -3.87
CA GLY A 496 -13.89 32.13 -3.30
C GLY A 496 -15.11 32.24 -2.41
N ASP A 497 -15.77 33.39 -2.45
CA ASP A 497 -16.97 33.64 -1.66
C ASP A 497 -18.24 33.27 -2.42
N SER A 498 -18.24 32.17 -3.14
CA SER A 498 -19.38 31.78 -3.96
C SER A 498 -19.44 30.26 -4.06
N VAL A 499 -20.65 29.72 -4.05
CA VAL A 499 -20.89 28.28 -4.11
C VAL A 499 -21.97 28.05 -5.17
N VAL A 500 -21.57 27.49 -6.30
CA VAL A 500 -22.51 27.13 -7.36
C VAL A 500 -23.08 25.74 -7.05
N VAL A 501 -24.40 25.61 -7.09
CA VAL A 501 -25.09 24.37 -6.78
C VAL A 501 -25.92 23.97 -7.99
N ILE A 502 -25.59 22.82 -8.58
CA ILE A 502 -26.25 22.35 -9.80
C ILE A 502 -26.91 21.02 -9.50
N THR A 503 -28.23 21.02 -9.43
CA THR A 503 -29.01 19.81 -9.20
C THR A 503 -29.58 19.36 -10.54
N THR A 504 -29.14 18.20 -11.02
CA THR A 504 -29.56 17.67 -12.30
C THR A 504 -30.21 16.30 -12.13
N ASP A 505 -30.97 15.91 -13.15
CA ASP A 505 -31.54 14.57 -13.25
C ASP A 505 -32.45 14.25 -12.06
N ILE A 506 -33.46 15.10 -11.88
CA ILE A 506 -34.39 14.98 -10.76
C ILE A 506 -35.43 13.91 -11.08
N GLN A 507 -35.56 12.94 -10.18
CA GLN A 507 -36.54 11.85 -10.32
C GLN A 507 -37.36 11.77 -9.04
N VAL A 508 -38.68 11.69 -9.20
CA VAL A 508 -39.61 11.60 -8.09
C VAL A 508 -40.58 10.45 -8.38
N ASN A 509 -40.48 9.38 -7.58
CA ASN A 509 -41.40 8.25 -7.70
C ASN A 509 -42.78 8.69 -7.22
N SER A 510 -43.65 9.04 -8.17
CA SER A 510 -44.96 9.56 -7.83
C SER A 510 -45.93 8.49 -7.35
N SER A 511 -45.57 7.20 -7.46
CA SER A 511 -46.46 6.15 -6.96
C SER A 511 -46.47 6.11 -5.44
N ALA A 512 -45.32 6.38 -4.82
CA ALA A 512 -45.25 6.35 -3.36
C ALA A 512 -45.80 7.64 -2.76
N THR A 513 -45.35 8.79 -3.28
CA THR A 513 -45.80 10.08 -2.79
C THR A 513 -45.73 11.09 -3.92
N THR A 514 -46.49 12.18 -3.76
CA THR A 514 -46.56 13.24 -4.76
C THR A 514 -46.06 14.58 -4.22
N ALA A 515 -45.28 14.55 -3.15
CA ALA A 515 -44.77 15.78 -2.56
C ALA A 515 -43.83 16.50 -3.51
N ASP A 516 -43.72 17.82 -3.33
CA ASP A 516 -42.86 18.62 -4.19
C ASP A 516 -41.39 18.38 -3.85
N ALA A 517 -40.57 18.27 -4.90
CA ALA A 517 -39.12 18.21 -4.72
C ALA A 517 -38.61 19.61 -4.44
N ILE A 518 -38.02 19.81 -3.26
CA ILE A 518 -37.60 21.12 -2.81
C ILE A 518 -36.13 21.07 -2.43
N THR A 519 -35.49 22.24 -2.46
CA THR A 519 -34.15 22.43 -1.95
C THR A 519 -34.20 23.48 -0.86
N VAL A 520 -33.75 23.12 0.34
CA VAL A 520 -33.78 24.03 1.48
C VAL A 520 -32.54 24.93 1.42
N LEU A 521 -32.77 26.24 1.37
CA LEU A 521 -31.64 27.16 1.31
C LEU A 521 -31.03 27.37 2.70
N ASP A 522 -31.85 27.63 3.70
CA ASP A 522 -31.35 27.78 5.06
C ASP A 522 -32.51 27.62 6.04
N ASN A 523 -32.16 27.26 7.28
CA ASN A 523 -33.12 27.16 8.38
C ASN A 523 -32.37 27.58 9.64
N ARG A 524 -32.36 28.89 9.90
CA ARG A 524 -31.48 29.49 10.89
C ARG A 524 -32.28 30.28 11.91
N ALA A 525 -31.57 30.86 12.87
CA ALA A 525 -32.17 31.75 13.85
C ALA A 525 -32.33 33.14 13.25
N SER A 526 -33.30 33.89 13.78
CA SER A 526 -33.59 35.22 13.26
C SER A 526 -32.40 36.15 13.45
N ALA A 527 -32.00 36.82 12.38
CA ALA A 527 -30.95 37.83 12.39
C ALA A 527 -31.54 39.18 12.04
N ASP A 528 -30.86 40.23 12.49
CA ASP A 528 -31.33 41.60 12.22
C ASP A 528 -31.33 41.89 10.73
N GLY A 529 -32.43 42.46 10.25
CA GLY A 529 -32.62 42.76 8.85
C GLY A 529 -33.97 42.29 8.37
N ASP A 530 -34.22 42.55 7.09
CA ASP A 530 -35.48 42.18 6.45
C ASP A 530 -35.22 41.22 5.31
N ILE A 531 -36.25 40.42 4.98
CA ILE A 531 -36.16 39.54 3.83
C ILE A 531 -36.29 40.37 2.56
N VAL A 532 -35.46 40.06 1.57
CA VAL A 532 -35.38 40.84 0.34
C VAL A 532 -35.48 39.88 -0.84
N VAL A 533 -36.55 40.02 -1.63
CA VAL A 533 -36.75 39.25 -2.85
C VAL A 533 -36.84 40.25 -4.00
N ASP A 534 -35.82 40.23 -4.87
CA ASP A 534 -35.74 41.15 -6.00
C ASP A 534 -35.75 42.61 -5.57
N GLY A 535 -35.26 42.88 -4.36
CA GLY A 535 -35.21 44.23 -3.83
C GLY A 535 -36.44 44.65 -3.07
N LYS A 536 -37.41 43.76 -2.87
CA LYS A 536 -38.69 44.09 -2.25
C LYS A 536 -38.78 43.40 -0.90
N THR A 537 -39.07 44.18 0.14
CA THR A 537 -39.18 43.62 1.48
C THR A 537 -40.39 42.70 1.58
N VAL A 538 -40.19 41.52 2.13
CA VAL A 538 -41.24 40.51 2.25
C VAL A 538 -41.46 40.24 3.73
N ASP A 539 -42.70 40.40 4.19
CA ASP A 539 -43.07 40.11 5.56
C ASP A 539 -43.51 38.64 5.63
N ALA A 540 -42.67 37.80 6.23
CA ALA A 540 -42.93 36.37 6.36
C ALA A 540 -43.28 35.98 7.79
N SER A 541 -43.99 36.88 8.50
CA SER A 541 -44.49 36.52 9.82
C SER A 541 -45.41 35.31 9.76
N THR A 542 -46.15 35.16 8.67
CA THR A 542 -46.87 33.93 8.35
C THR A 542 -46.24 33.30 7.13
N GLU A 543 -46.36 31.97 7.02
CA GLU A 543 -45.72 31.23 5.93
C GLU A 543 -46.18 31.77 4.58
N THR A 544 -45.25 32.37 3.83
CA THR A 544 -45.56 33.09 2.60
C THR A 544 -44.78 32.48 1.44
N SER A 545 -45.45 32.35 0.29
CA SER A 545 -44.81 31.87 -0.93
C SER A 545 -44.64 33.03 -1.91
N ILE A 546 -43.58 32.95 -2.72
CA ILE A 546 -43.22 34.03 -3.63
C ILE A 546 -42.18 33.49 -4.60
N GLU A 547 -42.07 34.12 -5.77
CA GLU A 547 -41.02 33.83 -6.73
C GLU A 547 -40.03 34.98 -6.77
N GLY A 548 -38.83 34.69 -7.24
CA GLY A 548 -37.79 35.70 -7.33
C GLY A 548 -36.49 35.11 -7.77
N HIS A 549 -35.55 36.00 -8.11
CA HIS A 549 -34.21 35.61 -8.53
C HIS A 549 -33.15 35.84 -7.47
N SER A 550 -33.42 36.66 -6.46
CA SER A 550 -32.45 36.98 -5.43
C SER A 550 -33.11 36.94 -4.06
N LEU A 551 -32.37 36.45 -3.07
CA LEU A 551 -32.85 36.40 -1.69
C LEU A 551 -31.73 36.88 -0.77
N ILE A 552 -32.05 37.80 0.12
CA ILE A 552 -31.06 38.41 1.01
C ILE A 552 -31.64 38.44 2.42
N TYR A 553 -30.92 37.82 3.36
CA TYR A 553 -31.30 37.89 4.77
C TYR A 553 -30.08 37.52 5.61
N GLY A 554 -29.91 38.23 6.73
CA GLY A 554 -28.83 37.93 7.65
C GLY A 554 -27.44 38.00 7.06
N GLY A 555 -27.25 38.77 5.99
CA GLY A 555 -25.95 38.94 5.40
C GLY A 555 -25.58 37.91 4.34
N ASN A 556 -26.48 37.01 3.99
CA ASN A 556 -26.24 35.99 2.98
C ASN A 556 -27.10 36.25 1.76
N GLY A 557 -26.59 35.89 0.60
CA GLY A 557 -27.28 36.10 -0.66
C GLY A 557 -27.50 34.79 -1.40
N TYR A 558 -28.64 34.69 -2.08
CA TYR A 558 -29.01 33.50 -2.84
C TYR A 558 -29.44 33.95 -4.23
N LEU A 559 -28.65 33.60 -5.25
CA LEU A 559 -28.91 34.00 -6.63
C LEU A 559 -29.35 32.80 -7.45
N ALA A 560 -30.44 32.96 -8.20
CA ALA A 560 -30.96 31.92 -9.08
C ALA A 560 -30.56 32.20 -10.52
N TYR A 561 -30.09 31.17 -11.22
CA TYR A 561 -29.77 31.27 -12.63
C TYR A 561 -30.98 30.87 -13.48
N GLN A 562 -31.29 31.69 -14.48
CA GLN A 562 -32.37 31.43 -15.43
C GLN A 562 -33.71 31.25 -14.73
N THR A 563 -34.08 30.00 -14.48
CA THR A 563 -35.33 29.72 -13.77
C THR A 563 -35.30 30.34 -12.38
N PRO A 564 -36.30 31.14 -12.02
CA PRO A 564 -36.29 31.82 -10.72
C PRO A 564 -36.65 30.85 -9.60
N PHE A 565 -36.59 31.36 -8.38
CA PHE A 565 -36.98 30.58 -7.22
C PHE A 565 -38.49 30.47 -7.12
N ASN A 566 -38.93 29.51 -6.30
CA ASN A 566 -40.34 29.36 -5.93
C ASN A 566 -40.33 29.22 -4.40
N LEU A 567 -40.10 30.34 -3.73
CA LEU A 567 -39.77 30.34 -2.32
C LEU A 567 -40.99 30.08 -1.45
N THR A 568 -40.74 29.56 -0.25
CA THR A 568 -41.73 29.45 0.81
C THR A 568 -41.05 29.92 2.09
N LEU A 569 -41.40 31.13 2.52
CA LEU A 569 -40.67 31.84 3.56
C LEU A 569 -41.42 31.81 4.88
N PHE A 570 -40.68 31.88 5.96
CA PHE A 570 -41.24 31.99 7.30
C PHE A 570 -40.21 32.61 8.23
N GLU A 571 -40.68 33.44 9.15
CA GLU A 571 -39.81 34.06 10.14
C GLU A 571 -40.63 34.40 11.36
N GLY A 572 -40.22 33.87 12.51
CA GLY A 572 -40.95 34.10 13.74
C GLY A 572 -40.66 32.99 14.74
N ASN A 573 -41.49 32.96 15.78
CA ASN A 573 -41.31 32.02 16.88
C ASN A 573 -41.90 30.66 16.53
N ARG A 574 -41.15 29.60 16.83
CA ARG A 574 -41.64 28.24 16.83
C ARG A 574 -41.48 27.66 18.23
N THR A 575 -42.14 26.52 18.46
CA THR A 575 -42.16 25.91 19.79
C THR A 575 -41.84 24.43 19.68
N GLY A 576 -40.94 23.96 20.55
CA GLY A 576 -40.57 22.57 20.60
C GLY A 576 -40.27 22.15 22.02
N ASN A 577 -40.10 20.85 22.22
CA ASN A 577 -39.86 20.26 23.53
C ASN A 577 -38.52 19.54 23.51
N TRP A 578 -37.57 20.02 24.31
CA TRP A 578 -36.27 19.37 24.39
C TRP A 578 -36.37 17.97 24.98
N SER A 579 -37.30 17.75 25.92
CA SER A 579 -37.43 16.45 26.55
C SER A 579 -38.15 15.43 25.69
N ALA A 580 -38.69 15.85 24.55
CA ALA A 580 -39.34 14.93 23.62
C ALA A 580 -38.41 14.42 22.53
N ILE A 581 -37.24 15.05 22.35
CA ILE A 581 -36.26 14.59 21.37
C ILE A 581 -35.03 13.98 22.01
N SER A 582 -34.83 14.13 23.31
CA SER A 582 -33.70 13.54 24.01
C SER A 582 -34.08 13.35 25.47
N THR A 583 -33.12 12.87 26.27
CA THR A 583 -33.32 12.69 27.69
C THR A 583 -33.15 13.98 28.49
N SER A 584 -33.05 15.13 27.80
CA SER A 584 -32.88 16.40 28.47
C SER A 584 -34.09 16.74 29.33
N LEU A 585 -33.89 17.69 30.25
CA LEU A 585 -34.94 18.14 31.15
C LEU A 585 -35.29 19.60 30.95
N GLU A 586 -34.84 20.22 29.85
CA GLU A 586 -35.12 21.62 29.59
C GLU A 586 -36.60 21.89 29.29
N GLY A 587 -37.36 20.87 28.92
CA GLY A 587 -38.77 21.08 28.64
C GLY A 587 -38.97 21.74 27.30
N GLU A 588 -39.81 22.77 27.29
CA GLU A 588 -40.14 23.48 26.05
C GLU A 588 -39.21 24.67 25.83
N THR A 589 -39.11 25.08 24.57
CA THR A 589 -38.32 26.24 24.17
C THR A 589 -39.04 26.96 23.04
N THR A 590 -38.88 28.29 23.01
CA THR A 590 -39.47 29.13 21.96
C THR A 590 -38.38 30.05 21.43
N VAL A 591 -37.98 29.83 20.18
CA VAL A 591 -36.92 30.61 19.54
C VAL A 591 -37.42 31.14 18.21
N SER A 592 -36.88 32.28 17.81
CA SER A 592 -37.23 32.89 16.54
C SER A 592 -36.42 32.27 15.41
N ILE A 593 -37.10 31.81 14.36
CA ILE A 593 -36.49 31.01 13.31
C ILE A 593 -36.87 31.60 11.96
N PHE A 594 -35.88 31.76 11.09
CA PHE A 594 -36.10 32.12 9.69
C PHE A 594 -35.82 30.89 8.84
N SER A 595 -36.80 30.48 8.03
CA SER A 595 -36.70 29.28 7.22
C SER A 595 -37.16 29.58 5.81
N ALA A 596 -36.33 29.22 4.83
CA ALA A 596 -36.63 29.45 3.43
C ALA A 596 -36.26 28.22 2.62
N TYR A 597 -37.14 27.84 1.70
CA TYR A 597 -36.89 26.74 0.79
C TYR A 597 -37.66 26.99 -0.49
N THR A 598 -37.07 26.63 -1.62
CA THR A 598 -37.68 26.83 -2.93
C THR A 598 -38.24 25.53 -3.47
N THR A 599 -39.33 25.65 -4.23
CA THR A 599 -39.87 24.52 -4.96
C THR A 599 -39.11 24.37 -6.28
N LEU A 600 -38.86 23.13 -6.66
CA LEU A 600 -37.95 22.98 -7.79
C LEU A 600 -38.72 22.68 -9.07
N PRO A 601 -38.16 23.07 -10.23
CA PRO A 601 -38.71 22.60 -11.51
C PRO A 601 -38.53 21.10 -11.66
N LYS A 602 -39.00 20.55 -12.79
CA LYS A 602 -39.13 19.10 -12.89
C LYS A 602 -37.80 18.41 -13.17
N ASP A 603 -36.94 19.01 -13.99
CA ASP A 603 -35.74 18.33 -14.48
C ASP A 603 -34.46 18.74 -13.77
N SER A 604 -34.22 20.05 -13.62
CA SER A 604 -32.96 20.51 -13.06
C SER A 604 -33.12 21.94 -12.59
N PHE A 605 -32.28 22.31 -11.63
CA PHE A 605 -32.28 23.66 -11.07
C PHE A 605 -30.88 23.98 -10.55
N SER A 606 -30.41 25.19 -10.85
CA SER A 606 -29.10 25.66 -10.43
C SER A 606 -29.23 27.02 -9.78
N TYR A 607 -28.37 27.27 -8.79
CA TYR A 607 -28.33 28.56 -8.11
C TYR A 607 -26.93 28.75 -7.52
N ALA A 608 -26.72 29.92 -6.91
CA ALA A 608 -25.43 30.26 -6.34
C ALA A 608 -25.64 30.89 -4.96
N PHE A 609 -24.68 30.66 -4.07
CA PHE A 609 -24.76 31.10 -2.69
C PHE A 609 -23.55 31.98 -2.38
N PHE A 610 -23.81 33.17 -1.81
CA PHE A 610 -22.78 34.16 -1.51
C PHE A 610 -22.84 34.50 -0.02
N PRO A 611 -22.08 33.80 0.82
CA PRO A 611 -22.08 34.12 2.25
C PRO A 611 -21.33 35.41 2.54
N ALA A 612 -21.76 36.08 3.61
CA ALA A 612 -21.12 37.31 4.10
C ALA A 612 -21.03 38.38 3.02
N ALA A 613 -22.00 38.40 2.12
CA ALA A 613 -22.03 39.36 1.02
C ALA A 613 -23.05 40.46 1.30
N ASP A 614 -22.97 41.51 0.51
CA ASP A 614 -23.87 42.65 0.61
C ASP A 614 -24.56 42.90 -0.74
N ASN A 615 -25.44 43.90 -0.75
CA ASN A 615 -26.22 44.20 -1.95
C ASN A 615 -25.34 44.59 -3.13
N LYS A 616 -24.19 45.22 -2.88
CA LYS A 616 -23.33 45.65 -3.98
C LYS A 616 -22.73 44.46 -4.71
N ARG A 617 -22.23 43.47 -3.95
CA ARG A 617 -21.68 42.26 -4.57
C ARG A 617 -22.74 41.54 -5.40
N LEU A 618 -23.95 41.40 -4.85
CA LEU A 618 -25.01 40.70 -5.56
C LEU A 618 -25.49 41.47 -6.78
N ASP A 619 -25.50 42.80 -6.72
CA ASP A 619 -25.85 43.59 -7.91
C ASP A 619 -24.80 43.43 -9.00
N GLN A 620 -23.52 43.56 -8.64
CA GLN A 620 -22.45 43.32 -9.60
C GLN A 620 -22.55 41.93 -10.20
N GLU A 621 -22.94 40.94 -9.40
CA GLU A 621 -23.02 39.56 -9.89
C GLU A 621 -24.20 39.38 -10.84
N MET A 622 -25.39 39.86 -10.46
CA MET A 622 -26.54 39.74 -11.34
C MET A 622 -26.36 40.53 -12.62
N LYS A 623 -25.56 41.59 -12.58
CA LYS A 623 -25.27 42.36 -13.79
C LYS A 623 -24.04 41.83 -14.54
N SER A 624 -23.21 41.03 -13.89
CA SER A 624 -22.05 40.42 -14.53
C SER A 624 -21.69 39.13 -13.80
N PRO A 625 -22.35 38.02 -14.17
CA PRO A 625 -22.10 36.76 -13.47
C PRO A 625 -20.70 36.24 -13.71
N THR A 626 -19.98 35.97 -12.63
CA THR A 626 -18.65 35.38 -12.69
C THR A 626 -18.69 33.85 -12.78
N SER A 627 -19.88 33.25 -12.76
CA SER A 627 -20.02 31.81 -12.84
C SER A 627 -21.10 31.46 -13.87
N THR A 628 -21.03 30.23 -14.38
CA THR A 628 -21.99 29.77 -15.37
C THR A 628 -22.21 28.27 -15.26
N PRO A 629 -23.36 27.83 -14.74
CA PRO A 629 -23.64 26.39 -14.68
C PRO A 629 -23.88 25.82 -16.07
N ILE A 630 -23.41 24.59 -16.27
CA ILE A 630 -23.51 23.92 -17.58
C ILE A 630 -23.95 22.48 -17.33
N VAL A 631 -25.15 22.15 -17.78
CA VAL A 631 -25.69 20.79 -17.70
C VAL A 631 -25.69 20.21 -19.10
N GLN A 632 -25.17 19.00 -19.26
CA GLN A 632 -24.99 18.43 -20.58
C GLN A 632 -24.64 16.94 -20.58
N ASP A 633 -25.58 16.10 -21.02
CA ASP A 633 -25.33 14.70 -21.36
C ASP A 633 -24.56 13.97 -20.25
N ASN A 634 -25.22 13.84 -19.11
CA ASN A 634 -24.65 13.16 -17.94
C ASN A 634 -23.35 13.80 -17.47
N ILE A 635 -23.11 15.07 -17.81
CA ILE A 635 -21.91 15.79 -17.41
C ILE A 635 -22.34 17.11 -16.80
N THR A 636 -21.79 17.43 -15.64
CA THR A 636 -22.04 18.71 -14.97
C THR A 636 -20.74 19.51 -14.98
N ALA A 637 -20.82 20.77 -15.38
CA ALA A 637 -19.65 21.63 -15.49
C ALA A 637 -19.94 22.99 -14.87
N VAL A 638 -18.89 23.61 -14.34
CA VAL A 638 -18.99 24.92 -13.72
C VAL A 638 -17.90 25.80 -14.32
N LEU A 639 -18.30 26.80 -15.10
CA LEU A 639 -17.38 27.77 -15.67
C LEU A 639 -17.33 29.00 -14.78
N SER A 640 -16.16 29.29 -14.22
CA SER A 640 -15.98 30.43 -13.34
C SER A 640 -14.63 31.06 -13.59
N SER A 641 -14.42 32.24 -12.99
CA SER A 641 -13.15 32.94 -13.15
C SER A 641 -12.01 32.24 -12.43
N HIS A 642 -12.31 31.37 -11.47
CA HIS A 642 -11.30 30.68 -10.68
C HIS A 642 -10.89 29.33 -11.27
N GLY A 643 -11.57 28.85 -12.30
CA GLY A 643 -11.24 27.59 -12.93
C GLY A 643 -12.47 26.96 -13.53
N LEU A 644 -12.34 25.67 -13.84
CA LEU A 644 -13.43 24.90 -14.47
C LEU A 644 -13.65 23.63 -13.68
N GLY A 645 -14.80 23.53 -13.02
CA GLY A 645 -15.23 22.26 -12.45
C GLY A 645 -15.88 21.40 -13.52
N LEU A 646 -15.64 20.09 -13.44
CA LEU A 646 -16.11 19.17 -14.47
C LEU A 646 -16.42 17.83 -13.84
N VAL A 647 -17.66 17.38 -14.00
CA VAL A 647 -18.14 16.13 -13.40
C VAL A 647 -18.57 15.19 -14.50
N PHE A 648 -17.95 14.02 -14.56
CA PHE A 648 -18.35 12.94 -15.46
C PHE A 648 -19.13 11.92 -14.65
N TRP A 649 -20.45 12.06 -14.64
CA TRP A 649 -21.30 11.14 -13.91
C TRP A 649 -21.25 9.76 -14.57
N PRO A 650 -21.62 8.71 -13.83
CA PRO A 650 -21.66 7.36 -14.42
C PRO A 650 -22.57 7.32 -15.64
N GLY A 651 -22.14 6.59 -16.65
CA GLY A 651 -22.83 6.55 -17.92
C GLY A 651 -22.37 7.56 -18.94
N SER A 652 -21.21 8.20 -18.70
CA SER A 652 -20.66 9.20 -19.60
C SER A 652 -19.30 8.77 -20.14
N GLU A 653 -19.15 7.47 -20.39
CA GLU A 653 -17.90 6.94 -20.94
C GLU A 653 -17.89 7.16 -22.44
N GLY A 654 -17.06 8.08 -22.90
CA GLY A 654 -16.95 8.42 -24.32
C GLY A 654 -17.57 9.74 -24.70
N ALA A 655 -18.10 10.50 -23.75
CA ALA A 655 -18.69 11.79 -24.06
C ALA A 655 -17.60 12.87 -24.15
N ASN A 656 -17.99 14.04 -24.65
CA ASN A 656 -17.07 15.14 -24.85
C ASN A 656 -17.66 16.42 -24.28
N PHE A 657 -16.81 17.26 -23.72
CA PHE A 657 -17.18 18.60 -23.29
C PHE A 657 -16.20 19.58 -23.94
N THR A 658 -16.70 20.42 -24.83
CA THR A 658 -15.88 21.33 -25.61
C THR A 658 -16.11 22.76 -25.14
N ILE A 659 -15.01 23.46 -24.85
CA ILE A 659 -15.07 24.84 -24.38
C ILE A 659 -13.93 25.63 -25.03
N LYS A 660 -14.23 26.84 -25.46
CA LYS A 660 -13.25 27.70 -26.11
C LYS A 660 -12.39 28.40 -25.07
N PHE A 661 -11.13 28.67 -25.43
CA PHE A 661 -10.21 29.35 -24.53
C PHE A 661 -10.75 30.71 -24.09
N ALA A 662 -11.49 31.39 -24.97
CA ALA A 662 -12.04 32.70 -24.61
C ALA A 662 -13.09 32.60 -23.51
N GLU A 663 -13.75 31.44 -23.38
CA GLU A 663 -14.75 31.29 -22.34
C GLU A 663 -14.13 31.16 -20.96
N LEU A 664 -12.91 30.63 -20.89
CA LEU A 664 -12.19 30.52 -19.64
C LEU A 664 -11.38 31.76 -19.29
N GLY A 665 -11.01 32.56 -20.29
CA GLY A 665 -10.13 33.68 -20.05
C GLY A 665 -8.66 33.37 -20.26
N TRP A 666 -8.35 32.33 -21.03
CA TRP A 666 -6.97 31.91 -21.25
C TRP A 666 -6.40 32.54 -22.52
N GLY A 667 -7.08 32.33 -23.65
CA GLY A 667 -6.61 32.88 -24.92
C GLY A 667 -7.79 33.31 -25.78
N LYS A 668 -7.50 34.25 -26.68
CA LYS A 668 -8.55 34.81 -27.52
C LYS A 668 -9.12 33.78 -28.50
N THR A 669 -8.28 32.87 -28.98
CA THR A 669 -8.72 31.85 -29.93
C THR A 669 -8.34 30.47 -29.42
N GLY A 670 -8.99 29.46 -29.98
CA GLY A 670 -8.72 28.08 -29.64
C GLY A 670 -9.77 27.46 -28.74
N SER A 671 -10.02 26.17 -28.94
CA SER A 671 -10.98 25.41 -28.15
C SER A 671 -10.29 24.22 -27.51
N MET A 672 -11.04 23.48 -26.70
CA MET A 672 -10.51 22.32 -26.00
C MET A 672 -11.60 21.26 -25.89
N THR A 673 -11.30 20.05 -26.36
CA THR A 673 -12.24 18.93 -26.33
C THR A 673 -11.77 17.95 -25.26
N ILE A 674 -12.57 17.79 -24.22
CA ILE A 674 -12.21 16.96 -23.06
C ILE A 674 -12.97 15.65 -23.12
N SER A 675 -12.30 14.56 -22.78
CA SER A 675 -12.91 13.24 -22.77
C SER A 675 -12.27 12.41 -21.67
N SER A 676 -13.08 11.56 -21.03
CA SER A 676 -12.63 10.71 -19.94
C SER A 676 -12.97 9.26 -20.24
N ALA A 677 -12.09 8.35 -19.80
CA ALA A 677 -12.31 6.93 -20.03
C ALA A 677 -13.31 6.35 -19.05
N GLN A 678 -13.20 6.70 -17.78
CA GLN A 678 -14.11 6.26 -16.73
C GLN A 678 -14.62 7.48 -15.99
N PRO A 679 -15.78 7.37 -15.32
CA PRO A 679 -16.32 8.52 -14.60
C PRO A 679 -15.37 9.03 -13.54
N GLY A 680 -15.45 10.32 -13.26
CA GLY A 680 -14.59 10.93 -12.27
C GLY A 680 -14.82 12.43 -12.24
N ALA A 681 -14.25 13.05 -11.21
CA ALA A 681 -14.33 14.50 -11.02
C ALA A 681 -12.99 15.14 -11.34
N TYR A 682 -13.04 16.32 -11.95
CA TYR A 682 -11.84 16.98 -12.45
C TYR A 682 -11.91 18.48 -12.18
N LEU A 683 -10.73 19.08 -12.04
CA LEU A 683 -10.58 20.52 -11.92
C LEU A 683 -9.55 21.00 -12.92
N LEU A 684 -9.87 22.10 -13.61
CA LEU A 684 -9.00 22.67 -14.63
C LEU A 684 -8.85 24.16 -14.35
N ARG A 685 -7.69 24.56 -13.83
CA ARG A 685 -7.40 25.95 -13.51
C ARG A 685 -6.27 26.44 -14.40
N GLY A 686 -6.48 27.58 -15.04
CA GLY A 686 -5.50 28.16 -15.95
C GLY A 686 -4.91 29.44 -15.37
N TYR A 687 -3.63 29.67 -15.64
CA TYR A 687 -2.95 30.89 -15.24
C TYR A 687 -2.29 31.50 -16.48
N ASN A 688 -2.61 32.75 -16.77
CA ASN A 688 -2.09 33.42 -17.94
C ASN A 688 -0.65 33.83 -17.72
N ASP A 689 0.25 33.39 -18.60
CA ASP A 689 1.67 33.71 -18.53
C ASP A 689 2.01 34.66 -19.68
N SER A 690 2.31 35.91 -19.35
CA SER A 690 2.70 36.87 -20.38
C SER A 690 4.14 36.71 -20.80
N ALA A 691 5.00 36.24 -19.89
CA ALA A 691 6.41 36.06 -20.22
C ALA A 691 6.60 34.99 -21.28
N LYS A 692 6.22 33.75 -20.97
CA LYS A 692 6.31 32.66 -21.94
C LYS A 692 5.31 32.80 -23.07
N GLY A 693 4.33 33.69 -22.96
CA GLY A 693 3.31 33.82 -23.98
C GLY A 693 2.46 32.57 -24.10
N GLY A 694 1.74 32.24 -23.04
CA GLY A 694 0.91 31.04 -23.06
C GLY A 694 0.10 30.93 -21.78
N VAL A 695 -0.39 29.72 -21.54
CA VAL A 695 -1.26 29.43 -20.40
C VAL A 695 -0.66 28.27 -19.62
N ARG A 696 -0.54 28.44 -18.31
CA ARG A 696 -0.08 27.40 -17.40
C ARG A 696 -1.30 26.70 -16.83
N LEU A 697 -1.54 25.47 -17.27
CA LEU A 697 -2.73 24.71 -16.88
C LEU A 697 -2.39 23.73 -15.76
N VAL A 698 -3.25 23.71 -14.74
CA VAL A 698 -3.14 22.77 -13.63
C VAL A 698 -4.37 21.88 -13.66
N ALA A 699 -4.15 20.56 -13.75
CA ALA A 699 -5.23 19.59 -13.87
C ALA A 699 -5.29 18.75 -12.60
N THR A 700 -6.41 18.83 -11.90
CA THR A 700 -6.65 18.07 -10.68
C THR A 700 -7.70 17.00 -10.95
N LEU A 701 -7.51 15.82 -10.35
CA LEU A 701 -8.40 14.70 -10.60
C LEU A 701 -8.48 13.84 -9.35
N SER A 702 -9.48 12.96 -9.33
CA SER A 702 -9.74 12.06 -8.21
C SER A 702 -10.78 11.05 -8.64
N ASP A 703 -11.03 10.07 -7.78
CA ASP A 703 -12.02 9.03 -8.04
C ASP A 703 -13.05 9.01 -6.93
N PRO A 704 -14.31 9.39 -7.20
CA PRO A 704 -15.32 9.36 -6.13
C PRO A 704 -15.69 7.95 -5.70
N THR A 705 -15.65 6.97 -6.60
CA THR A 705 -16.02 5.61 -6.25
C THR A 705 -15.01 4.94 -5.34
N GLN A 706 -13.76 5.43 -5.31
CA GLN A 706 -12.69 4.85 -4.51
C GLN A 706 -12.44 3.39 -4.88
N LYS A 707 -12.70 3.03 -6.14
CA LYS A 707 -12.55 1.66 -6.58
C LYS A 707 -11.76 1.52 -7.88
N ALA A 708 -11.46 2.61 -8.57
CA ALA A 708 -10.60 2.57 -9.74
C ALA A 708 -9.14 2.79 -9.36
N THR A 709 -8.25 2.17 -10.13
CA THR A 709 -6.83 2.26 -9.86
C THR A 709 -6.07 3.18 -10.81
N SER A 710 -6.63 3.46 -11.98
CA SER A 710 -6.00 4.33 -12.96
C SER A 710 -7.04 5.27 -13.55
N ALA A 711 -6.56 6.32 -14.21
CA ALA A 711 -7.42 7.35 -14.77
C ALA A 711 -7.20 7.46 -16.27
N GLY A 712 -8.16 8.07 -16.95
CA GLY A 712 -8.09 8.25 -18.38
C GLY A 712 -8.45 9.64 -18.84
N PHE A 713 -7.62 10.62 -18.47
CA PHE A 713 -7.86 12.02 -18.82
C PHE A 713 -7.27 12.32 -20.19
N SER A 714 -8.07 12.93 -21.06
CA SER A 714 -7.67 13.20 -22.44
C SER A 714 -8.14 14.58 -22.86
N LEU A 715 -7.21 15.40 -23.33
CA LEU A 715 -7.52 16.71 -23.87
C LEU A 715 -7.25 16.74 -25.37
N VAL A 716 -8.07 17.49 -26.10
CA VAL A 716 -7.91 17.71 -27.53
C VAL A 716 -7.97 19.21 -27.77
N LEU A 717 -6.87 19.80 -28.19
CA LEU A 717 -6.77 21.23 -28.41
C LEU A 717 -6.91 21.57 -29.89
N GLN A 718 -7.49 22.73 -30.17
CA GLN A 718 -7.56 23.30 -31.50
C GLN A 718 -6.84 24.64 -31.49
N GLY A 719 -5.79 24.76 -32.30
CA GLY A 719 -5.05 26.01 -32.35
C GLY A 719 -4.16 26.25 -31.16
N ALA A 720 -3.56 25.19 -30.61
CA ALA A 720 -2.67 25.33 -29.47
C ALA A 720 -1.71 24.16 -29.44
N LYS A 721 -0.63 24.31 -28.68
CA LYS A 721 0.40 23.29 -28.57
C LYS A 721 0.70 23.03 -27.10
N VAL A 722 0.88 21.76 -26.75
CA VAL A 722 1.14 21.34 -25.39
C VAL A 722 2.64 21.14 -25.20
N GLU A 723 3.17 21.67 -24.10
CA GLU A 723 4.59 21.58 -23.78
C GLU A 723 4.76 21.18 -22.33
N ASN A 724 5.47 20.08 -22.09
CA ASN A 724 5.71 19.62 -20.73
C ASN A 724 6.72 20.55 -20.06
N PRO A 725 6.37 21.20 -18.95
CA PRO A 725 7.33 22.14 -18.33
C PRO A 725 8.49 21.45 -17.63
N TYR A 726 8.20 20.40 -16.86
CA TYR A 726 9.25 19.62 -16.22
C TYR A 726 9.90 18.60 -17.15
N GLY A 727 9.26 18.29 -18.28
CA GLY A 727 9.86 17.32 -19.17
C GLY A 727 9.80 15.89 -18.67
N TYR A 728 8.88 15.58 -17.75
CA TYR A 728 8.77 14.24 -17.18
C TYR A 728 7.50 13.59 -17.69
N ASN A 729 7.66 12.50 -18.44
CA ASN A 729 6.57 11.60 -18.72
C ASN A 729 6.34 10.60 -17.60
N ASP A 730 6.99 10.81 -16.45
CA ASP A 730 6.90 9.91 -15.32
C ASP A 730 5.50 9.82 -14.76
N THR A 731 4.65 10.80 -15.05
CA THR A 731 3.27 10.85 -14.56
C THR A 731 2.28 10.40 -15.62
N GLY A 732 2.65 9.42 -16.44
CA GLY A 732 1.75 8.94 -17.49
C GLY A 732 1.35 9.99 -18.49
N ILE A 733 2.20 10.99 -18.70
CA ILE A 733 1.86 12.13 -19.54
C ILE A 733 2.28 11.85 -20.97
N ILE A 734 1.35 12.04 -21.90
CA ILE A 734 1.60 11.86 -23.33
C ILE A 734 1.45 13.23 -23.98
N VAL A 735 2.57 13.85 -24.32
CA VAL A 735 2.58 15.15 -24.97
C VAL A 735 2.97 14.98 -26.43
N SER A 736 2.08 15.36 -27.33
CA SER A 736 2.31 15.42 -28.76
C SER A 736 2.26 16.90 -29.19
N ASN A 737 1.85 17.15 -30.43
CA ASN A 737 1.72 18.53 -30.89
C ASN A 737 0.57 19.23 -30.17
N ASN A 738 -0.63 18.66 -30.23
CA ASN A 738 -1.82 19.30 -29.68
C ASN A 738 -2.66 18.39 -28.80
N THR A 739 -2.14 17.24 -28.38
CA THR A 739 -2.90 16.29 -27.57
C THR A 739 -2.14 15.97 -26.29
N PHE A 740 -2.88 15.94 -25.18
CA PHE A 740 -2.32 15.65 -23.85
C PHE A 740 -3.18 14.60 -23.16
N ASN A 741 -2.70 13.36 -23.14
CA ASN A 741 -3.37 12.27 -22.45
C ASN A 741 -2.72 12.04 -21.09
N LEU A 742 -3.55 11.76 -20.09
CA LEU A 742 -3.09 11.60 -18.70
C LEU A 742 -3.57 10.26 -18.17
N GLU A 743 -2.67 9.27 -18.16
CA GLU A 743 -2.93 7.95 -17.59
C GLU A 743 -2.09 7.84 -16.32
N VAL A 744 -2.72 8.08 -15.17
CA VAL A 744 -2.00 8.11 -13.90
C VAL A 744 -2.52 7.01 -12.98
N PRO A 745 -1.69 6.47 -12.08
CA PRO A 745 -2.18 5.53 -11.08
C PRO A 745 -2.86 6.29 -9.94
N LEU A 746 -4.11 5.91 -9.65
CA LEU A 746 -4.85 6.55 -8.59
C LEU A 746 -4.40 6.05 -7.22
N PRO A 747 -4.53 6.87 -6.18
CA PRO A 747 -4.15 6.43 -4.84
C PRO A 747 -4.98 5.23 -4.39
N THR A 748 -4.33 4.35 -3.63
CA THR A 748 -4.96 3.10 -3.19
C THR A 748 -4.88 3.00 -1.67
N GLY A 749 -5.64 2.05 -1.14
CA GLY A 749 -5.63 1.84 0.30
C GLY A 749 -6.39 2.95 1.01
N GLY A 750 -5.75 3.51 2.04
CA GLY A 750 -6.36 4.58 2.81
C GLY A 750 -6.46 5.90 2.07
N MET A 751 -5.88 6.00 0.87
CA MET A 751 -5.93 7.22 0.10
C MET A 751 -6.89 7.14 -1.09
N ALA A 752 -7.68 6.07 -1.18
CA ALA A 752 -8.64 5.93 -2.25
C ALA A 752 -9.67 7.06 -2.17
N GLY A 753 -9.71 7.90 -3.20
CA GLY A 753 -10.61 9.02 -3.25
C GLY A 753 -9.96 10.37 -3.05
N SER A 754 -8.64 10.43 -2.91
CA SER A 754 -7.95 11.70 -2.73
C SER A 754 -7.53 12.26 -4.08
N SER A 755 -7.24 13.56 -4.09
CA SER A 755 -6.95 14.27 -5.31
C SER A 755 -5.46 14.24 -5.64
N THR A 756 -5.15 14.54 -6.90
CA THR A 756 -3.78 14.63 -7.38
C THR A 756 -3.75 15.59 -8.55
N SER A 757 -2.73 16.45 -8.59
CA SER A 757 -2.65 17.52 -9.59
C SER A 757 -1.41 17.36 -10.46
N TYR A 758 -1.52 17.86 -11.69
CA TYR A 758 -0.42 17.83 -12.65
C TYR A 758 -0.44 19.11 -13.47
N GLU A 759 0.70 19.44 -14.07
CA GLU A 759 0.89 20.69 -14.80
C GLU A 759 1.30 20.44 -16.25
N VAL A 760 0.79 21.30 -17.13
CA VAL A 760 1.23 21.40 -18.52
C VAL A 760 1.24 22.88 -18.89
N PHE A 761 1.82 23.17 -20.05
CA PHE A 761 1.86 24.54 -20.55
C PHE A 761 1.34 24.57 -21.97
N LEU A 762 0.36 25.44 -22.22
CA LEU A 762 -0.24 25.61 -23.53
C LEU A 762 0.30 26.86 -24.20
N ARG A 763 0.42 26.80 -25.52
CA ARG A 763 0.93 27.93 -26.31
C ARG A 763 -0.04 28.18 -27.46
N PRO A 764 -0.60 29.37 -27.60
CA PRO A 764 -1.44 29.68 -28.76
C PRO A 764 -0.64 29.59 -30.04
N SER A 765 -1.04 28.67 -30.91
CA SER A 765 -0.33 28.43 -32.17
C SER A 765 -0.35 29.67 -33.07
N ASP B 4 14.61 13.81 -41.45
CA ASP B 4 15.68 13.40 -40.56
C ASP B 4 16.15 14.58 -39.70
N THR B 5 15.65 14.64 -38.47
CA THR B 5 15.97 15.74 -37.57
C THR B 5 17.31 15.50 -36.88
N ASP B 6 18.23 16.45 -37.03
CA ASP B 6 19.53 16.38 -36.36
C ASP B 6 19.57 17.35 -35.19
N ASP B 7 19.88 18.62 -35.48
CA ASP B 7 19.76 19.71 -34.53
C ASP B 7 20.65 19.53 -33.31
N GLU B 8 20.30 20.22 -32.22
CA GLU B 8 20.97 20.17 -30.92
C GLU B 8 20.73 18.86 -30.17
N VAL B 9 19.93 17.95 -30.73
CA VAL B 9 19.72 16.65 -30.09
C VAL B 9 21.04 15.92 -29.89
N LEU B 10 21.94 15.99 -30.88
CA LEU B 10 23.25 15.35 -30.75
C LEU B 10 24.02 15.92 -29.56
N ALA B 11 24.00 17.25 -29.39
CA ALA B 11 24.72 17.86 -28.29
C ALA B 11 24.07 17.52 -26.95
N LEU B 12 22.73 17.42 -26.92
CA LEU B 12 22.05 17.03 -25.70
C LEU B 12 22.42 15.62 -25.27
N ILE B 13 22.39 14.67 -26.22
CA ILE B 13 22.79 13.30 -25.92
C ILE B 13 24.25 13.24 -25.49
N THR B 14 25.11 14.06 -26.12
CA THR B 14 26.51 14.10 -25.73
C THR B 14 26.66 14.58 -24.30
N GLN B 15 25.96 15.66 -23.94
CA GLN B 15 25.99 16.15 -22.56
C GLN B 15 25.55 15.07 -21.58
N ARG B 16 24.42 14.41 -21.88
CA ARG B 16 23.90 13.42 -20.95
C ARG B 16 24.85 12.24 -20.78
N ARG B 17 25.42 11.74 -21.89
CA ARG B 17 26.31 10.59 -21.77
C ARG B 17 27.63 10.97 -21.10
N THR B 18 28.12 12.18 -21.35
CA THR B 18 29.36 12.62 -20.70
C THR B 18 29.15 12.82 -19.22
N ALA B 19 27.99 13.33 -18.82
CA ALA B 19 27.66 13.44 -17.40
C ALA B 19 27.44 12.08 -16.77
N ASP B 20 27.00 11.10 -17.57
CA ASP B 20 26.78 9.76 -17.04
C ASP B 20 28.10 8.98 -16.92
N LEU B 21 28.98 9.12 -17.91
CA LEU B 21 30.26 8.42 -17.86
C LEU B 21 31.18 8.95 -16.77
N ALA B 22 30.90 10.13 -16.22
CA ALA B 22 31.72 10.66 -15.14
C ALA B 22 31.51 9.92 -13.82
N GLU B 23 30.56 9.00 -13.76
CA GLU B 23 30.31 8.21 -12.56
C GLU B 23 31.00 6.87 -12.58
N PHE B 24 31.67 6.51 -13.68
CA PHE B 24 32.38 5.24 -13.78
C PHE B 24 33.38 5.02 -12.65
N PRO B 25 34.27 5.96 -12.31
CA PRO B 25 35.24 5.69 -11.23
C PRO B 25 34.54 5.55 -9.89
N ASN B 26 34.97 4.56 -9.12
CA ASN B 26 34.49 4.40 -7.76
C ASN B 26 34.86 5.64 -6.95
N PRO B 27 33.96 6.16 -6.12
CA PRO B 27 34.27 7.34 -5.29
C PRO B 27 35.55 7.16 -4.47
N PRO B 28 35.83 5.97 -3.93
CA PRO B 28 37.13 5.79 -3.26
C PRO B 28 38.34 5.97 -4.17
N TRP B 29 38.17 5.82 -5.49
CA TRP B 29 39.32 5.95 -6.39
C TRP B 29 39.84 7.38 -6.44
N PHE B 30 38.99 8.37 -6.17
CA PHE B 30 39.39 9.77 -6.27
C PHE B 30 40.40 10.19 -5.21
N ASP B 31 40.66 9.34 -4.21
CA ASP B 31 41.63 9.70 -3.18
C ASP B 31 43.06 9.62 -3.72
N ASN B 32 43.30 8.77 -4.72
CA ASN B 32 44.64 8.54 -5.25
C ASN B 32 44.99 9.44 -6.43
N LEU B 33 44.36 10.63 -6.51
CA LEU B 33 44.63 11.54 -7.62
C LEU B 33 46.08 12.02 -7.58
N GLN B 34 46.49 12.60 -6.45
CA GLN B 34 47.86 13.09 -6.30
C GLN B 34 48.88 11.97 -6.51
N THR B 35 48.60 10.79 -5.95
CA THR B 35 49.54 9.67 -6.07
C THR B 35 49.68 9.23 -7.52
N TRP B 36 48.56 9.03 -8.21
CA TRP B 36 48.60 8.60 -9.60
C TRP B 36 49.22 9.68 -10.49
N LEU B 37 49.07 10.95 -10.13
CA LEU B 37 49.72 12.00 -10.91
C LEU B 37 51.23 12.00 -10.70
N ASP B 38 51.68 11.81 -9.46
CA ASP B 38 53.10 11.87 -9.17
C ASP B 38 53.85 10.64 -9.67
N THR B 39 53.23 9.46 -9.56
CA THR B 39 53.89 8.21 -9.88
C THR B 39 53.89 7.89 -11.38
N GLN B 40 53.53 8.83 -12.24
CA GLN B 40 53.52 8.58 -13.67
C GLN B 40 54.91 8.79 -14.26
N LYS B 41 55.33 7.85 -15.12
CA LYS B 41 56.64 7.93 -15.75
C LYS B 41 56.64 8.99 -16.84
N GLU B 42 57.80 9.16 -17.48
CA GLU B 42 57.95 10.18 -18.51
C GLU B 42 57.34 9.79 -19.84
N ASP B 43 57.00 8.51 -20.04
CA ASP B 43 56.35 8.05 -21.26
C ASP B 43 54.86 7.83 -21.07
N GLY B 44 54.30 8.22 -19.92
CA GLY B 44 52.90 8.06 -19.64
C GLY B 44 52.56 6.83 -18.83
N THR B 45 53.47 5.87 -18.73
CA THR B 45 53.18 4.61 -18.06
C THR B 45 53.36 4.75 -16.55
N TRP B 46 52.98 3.71 -15.84
CA TRP B 46 53.18 3.58 -14.40
C TRP B 46 53.96 2.32 -14.12
N GLU B 47 54.63 2.29 -12.95
CA GLU B 47 55.42 1.13 -12.59
C GLU B 47 54.53 -0.05 -12.20
N ASP B 48 53.47 0.22 -11.46
CA ASP B 48 52.61 -0.84 -10.91
C ASP B 48 51.58 -1.34 -11.91
N VAL B 49 51.65 -0.91 -13.17
CA VAL B 49 50.73 -1.37 -14.20
C VAL B 49 51.48 -2.35 -15.11
N ILE B 50 50.82 -3.45 -15.45
CA ILE B 50 51.42 -4.48 -16.29
C ILE B 50 51.16 -4.12 -17.74
N TYR B 51 52.24 -3.94 -18.51
CA TYR B 51 52.14 -3.52 -19.90
C TYR B 51 52.52 -4.64 -20.87
N LEU B 52 52.28 -5.88 -20.48
CA LEU B 52 52.52 -7.01 -21.37
C LEU B 52 51.55 -6.96 -22.55
N SER B 53 52.07 -7.28 -23.73
CA SER B 53 51.27 -7.27 -24.95
C SER B 53 51.52 -8.57 -25.70
N GLY B 54 50.73 -8.78 -26.75
CA GLY B 54 50.89 -10.00 -27.53
C GLY B 54 50.48 -11.22 -26.73
N CYS B 55 51.21 -12.32 -26.94
CA CYS B 55 50.96 -13.59 -26.28
C CYS B 55 51.52 -13.65 -24.86
N ASP B 56 51.81 -12.51 -24.24
CA ASP B 56 52.30 -12.47 -22.87
C ASP B 56 51.28 -11.98 -21.86
N ALA B 57 50.23 -11.30 -22.30
CA ALA B 57 49.25 -10.73 -21.38
C ALA B 57 48.32 -11.80 -20.83
N ARG B 58 47.60 -11.45 -19.77
CA ARG B 58 46.59 -12.33 -19.21
C ARG B 58 45.35 -12.23 -20.08
N ARG B 59 44.88 -13.38 -20.57
CA ARG B 59 43.79 -13.37 -21.55
C ARG B 59 42.51 -12.80 -20.94
N ALA B 60 42.19 -13.17 -19.71
CA ALA B 60 41.01 -12.67 -19.01
C ALA B 60 41.44 -11.65 -17.97
N ASN B 61 40.68 -10.56 -17.87
CA ASN B 61 40.99 -9.44 -16.98
C ASN B 61 42.42 -8.94 -17.21
N TRP B 62 42.61 -8.34 -18.38
CA TRP B 62 43.90 -7.80 -18.78
C TRP B 62 44.35 -6.73 -17.78
N PRO B 63 45.45 -6.94 -17.05
CA PRO B 63 45.85 -5.97 -16.02
C PRO B 63 46.22 -4.60 -16.55
N ILE B 64 46.45 -4.46 -17.86
CA ILE B 64 46.83 -3.16 -18.43
C ILE B 64 45.71 -2.14 -18.33
N GLN B 65 44.49 -2.57 -18.03
CA GLN B 65 43.35 -1.66 -17.97
C GLN B 65 43.43 -0.70 -16.80
N GLU B 66 44.29 -0.97 -15.81
CA GLU B 66 44.44 -0.05 -14.69
C GLU B 66 44.90 1.32 -15.16
N HIS B 67 45.75 1.36 -16.20
CA HIS B 67 46.13 2.61 -16.83
C HIS B 67 44.92 3.43 -17.24
N TRP B 68 44.02 2.83 -18.03
CA TRP B 68 42.84 3.54 -18.48
C TRP B 68 41.88 3.83 -17.33
N ASN B 69 41.86 3.00 -16.30
CA ASN B 69 41.07 3.31 -15.11
C ASN B 69 41.53 4.62 -14.48
N ARG B 70 42.85 4.78 -14.34
CA ARG B 70 43.38 6.02 -13.78
C ARG B 70 43.15 7.19 -14.72
N LEU B 71 43.21 6.97 -16.03
CA LEU B 71 42.91 8.05 -16.97
C LEU B 71 41.46 8.50 -16.85
N ILE B 72 40.53 7.55 -16.70
CA ILE B 72 39.12 7.91 -16.56
C ILE B 72 38.88 8.62 -15.23
N THR B 73 39.57 8.19 -14.17
CA THR B 73 39.48 8.91 -12.90
C THR B 73 39.99 10.34 -13.04
N PHE B 74 41.14 10.51 -13.71
CA PHE B 74 41.67 11.83 -13.99
C PHE B 74 40.64 12.70 -14.72
N ALA B 75 40.02 12.14 -15.76
CA ALA B 75 39.08 12.91 -16.56
C ALA B 75 37.83 13.27 -15.77
N SER B 76 37.34 12.34 -14.94
CA SER B 76 36.17 12.63 -14.11
C SER B 76 36.47 13.72 -13.09
N ALA B 77 37.65 13.68 -12.48
CA ALA B 77 38.03 14.74 -11.55
C ALA B 77 38.26 16.07 -12.27
N TRP B 78 38.75 16.02 -13.51
CA TRP B 78 39.10 17.22 -14.26
C TRP B 78 37.86 17.94 -14.77
N SER B 79 36.88 17.20 -15.29
CA SER B 79 35.68 17.82 -15.84
C SER B 79 34.82 18.45 -14.75
N GLY B 80 35.02 18.07 -13.48
CA GLY B 80 34.20 18.59 -12.41
C GLY B 80 32.76 18.15 -12.48
N LEU B 81 32.47 17.07 -13.19
CA LEU B 81 31.10 16.58 -13.35
C LEU B 81 30.72 15.54 -12.31
N ASN B 82 31.69 14.84 -11.73
CA ASN B 82 31.39 13.84 -10.72
C ASN B 82 31.23 14.51 -9.36
N PRO B 83 30.08 14.35 -8.69
CA PRO B 83 29.89 15.02 -7.39
C PRO B 83 30.74 14.44 -6.27
N ALA B 84 31.26 13.22 -6.43
CA ALA B 84 32.08 12.58 -5.41
C ALA B 84 33.56 12.98 -5.50
N ALA B 85 33.92 13.85 -6.43
CA ALA B 85 35.30 14.27 -6.61
C ALA B 85 35.54 15.63 -5.96
N PRO B 86 36.70 15.82 -5.33
CA PRO B 86 37.02 17.14 -4.77
C PRO B 86 37.02 18.22 -5.85
N SER B 87 36.44 19.37 -5.52
CA SER B 87 36.23 20.42 -6.52
C SER B 87 37.50 21.19 -6.86
N ASN B 88 38.51 21.17 -5.98
CA ASN B 88 39.73 21.92 -6.24
C ASN B 88 40.54 21.35 -7.40
N TRP B 89 40.30 20.10 -7.78
CA TRP B 89 41.00 19.46 -8.88
C TRP B 89 40.42 19.79 -10.25
N THR B 90 39.40 20.65 -10.31
CA THR B 90 38.77 21.00 -11.58
C THR B 90 39.71 21.84 -12.43
N GLN B 91 39.85 21.45 -13.71
CA GLN B 91 40.64 22.18 -14.70
C GLN B 91 42.12 22.24 -14.32
N ASP B 92 42.62 21.27 -13.57
CA ASP B 92 44.04 21.19 -13.28
C ASP B 92 44.77 20.62 -14.48
N ASP B 93 45.82 21.33 -14.92
CA ASP B 93 46.49 20.96 -16.16
C ASP B 93 47.36 19.71 -16.00
N ARG B 94 47.74 19.37 -14.76
CA ARG B 94 48.48 18.13 -14.54
C ARG B 94 47.65 16.92 -14.97
N LEU B 95 46.36 16.90 -14.60
CA LEU B 95 45.49 15.80 -15.00
C LEU B 95 45.37 15.71 -16.52
N LEU B 96 45.22 16.87 -17.18
CA LEU B 96 45.13 16.87 -18.63
C LEU B 96 46.39 16.34 -19.28
N SER B 97 47.55 16.77 -18.78
CA SER B 97 48.82 16.30 -19.33
C SER B 97 48.97 14.79 -19.11
N ALA B 98 48.56 14.30 -17.94
CA ALA B 98 48.62 12.87 -17.66
C ALA B 98 47.75 12.08 -18.63
N VAL B 99 46.51 12.55 -18.85
CA VAL B 99 45.60 11.87 -19.77
C VAL B 99 46.18 11.87 -21.18
N LEU B 100 46.71 13.02 -21.62
CA LEU B 100 47.27 13.12 -22.96
C LEU B 100 48.48 12.20 -23.12
N THR B 101 49.33 12.12 -22.10
CA THR B 101 50.53 11.29 -22.21
C THR B 101 50.19 9.81 -22.21
N GLY B 102 49.21 9.40 -21.39
CA GLY B 102 48.77 8.02 -21.43
C GLY B 102 48.14 7.64 -22.76
N MET B 103 47.28 8.52 -23.30
CA MET B 103 46.70 8.28 -24.61
C MET B 103 47.79 8.19 -25.67
N ASP B 104 48.81 9.05 -25.59
CA ASP B 104 49.92 8.99 -26.54
C ASP B 104 50.65 7.65 -26.45
N TYR B 105 50.97 7.22 -25.21
CA TYR B 105 51.65 5.94 -25.05
C TYR B 105 50.86 4.80 -25.67
N TRP B 106 49.54 4.79 -25.45
CA TRP B 106 48.75 3.71 -26.04
C TRP B 106 48.69 3.82 -27.56
N PHE B 107 48.52 5.02 -28.09
CA PHE B 107 48.33 5.19 -29.53
C PHE B 107 49.59 4.87 -30.32
N GLU B 108 50.77 5.26 -29.82
CA GLU B 108 51.99 5.06 -30.60
C GLU B 108 52.28 3.58 -30.82
N ASN B 109 51.99 2.73 -29.84
CA ASN B 109 52.22 1.30 -29.96
C ASN B 109 50.94 0.52 -30.24
N ASP B 110 49.97 1.15 -30.89
CA ASP B 110 48.78 0.43 -31.32
C ASP B 110 49.17 -0.54 -32.44
N TYR B 111 48.55 -1.72 -32.44
CA TYR B 111 48.90 -2.71 -33.44
C TYR B 111 48.40 -2.29 -34.82
N THR B 112 48.92 -2.98 -35.84
CA THR B 112 48.59 -2.69 -37.22
C THR B 112 48.09 -3.88 -38.01
N GLU B 113 48.38 -5.11 -37.58
CA GLU B 113 47.90 -6.29 -38.28
C GLU B 113 46.43 -6.53 -37.94
N SER B 114 45.60 -6.62 -38.98
CA SER B 114 44.16 -6.81 -38.77
C SER B 114 43.85 -8.12 -38.05
N ASP B 115 44.68 -9.14 -38.23
CA ASP B 115 44.44 -10.43 -37.58
C ASP B 115 44.69 -10.40 -36.08
N CYS B 116 45.27 -9.32 -35.55
CA CYS B 116 45.46 -9.22 -34.11
C CYS B 116 44.17 -8.93 -33.37
N MET B 117 43.14 -8.47 -34.09
CA MET B 117 41.84 -8.20 -33.45
C MET B 117 41.28 -9.46 -32.80
N GLY B 118 41.15 -10.53 -33.57
CA GLY B 118 40.55 -11.75 -33.06
C GLY B 118 41.50 -12.94 -33.05
N GLN B 119 42.02 -13.30 -34.22
CA GLN B 119 42.93 -14.44 -34.34
C GLN B 119 44.36 -14.11 -33.95
N GLY B 120 44.55 -13.27 -32.94
CA GLY B 120 45.89 -12.93 -32.51
C GLY B 120 46.61 -14.12 -31.91
N GLY B 121 47.87 -14.30 -32.30
CA GLY B 121 48.68 -15.41 -31.85
C GLY B 121 48.64 -16.64 -32.75
N GLU B 122 47.66 -16.75 -33.64
CA GLU B 122 47.57 -17.89 -34.54
C GLU B 122 48.53 -17.73 -35.70
N ASP B 123 49.38 -18.73 -35.91
CA ASP B 123 50.33 -18.67 -37.02
C ASP B 123 49.62 -18.80 -38.37
N GLU B 124 48.45 -19.44 -38.38
CA GLU B 124 47.68 -19.55 -39.62
C GLU B 124 47.25 -18.19 -40.16
N TYR B 125 47.15 -17.18 -39.30
CA TYR B 125 46.82 -15.82 -39.69
C TYR B 125 48.04 -14.92 -39.56
N ASN B 126 47.89 -13.68 -40.00
CA ASN B 126 49.01 -12.75 -40.13
C ASN B 126 49.33 -12.01 -38.83
N CYS B 127 48.96 -12.56 -37.67
CA CYS B 127 49.33 -12.00 -36.37
C CYS B 127 49.78 -13.12 -35.44
N PRO B 128 50.94 -13.72 -35.72
CA PRO B 128 51.48 -14.73 -34.81
C PRO B 128 52.09 -14.09 -33.57
N CYS B 129 52.43 -14.94 -32.60
CA CYS B 129 53.08 -14.47 -31.38
C CYS B 129 54.42 -13.81 -31.73
N GLY B 130 54.57 -12.55 -31.31
CA GLY B 130 55.72 -11.74 -31.66
C GLY B 130 55.40 -10.56 -32.54
N THR B 131 54.16 -10.43 -33.03
CA THR B 131 53.80 -9.29 -33.84
C THR B 131 53.77 -8.03 -32.98
N PRO B 132 54.42 -6.95 -33.39
CA PRO B 132 54.46 -5.75 -32.56
C PRO B 132 53.10 -5.10 -32.41
N GLY B 133 52.89 -4.47 -31.25
CA GLY B 133 51.65 -3.76 -30.98
C GLY B 133 51.08 -4.05 -29.61
N LEU B 134 50.17 -3.20 -29.15
CA LEU B 134 49.51 -3.41 -27.86
C LEU B 134 48.21 -4.17 -28.12
N TRP B 135 48.28 -5.50 -28.00
CA TRP B 135 47.12 -6.34 -28.24
C TRP B 135 47.19 -7.55 -27.31
N ASN B 136 46.10 -8.31 -27.30
CA ASN B 136 45.97 -9.49 -26.47
C ASN B 136 45.37 -10.61 -27.30
N GLN B 137 45.62 -11.85 -26.87
CA GLN B 137 45.04 -13.01 -27.54
C GLN B 137 43.52 -13.02 -27.41
N ASN B 138 43.00 -12.49 -26.32
CA ASN B 138 41.55 -12.40 -26.13
C ASN B 138 40.96 -11.39 -27.11
N TRP B 139 40.04 -11.85 -27.96
CA TRP B 139 39.34 -10.96 -28.86
C TRP B 139 38.55 -9.90 -28.09
N TYR B 140 38.14 -10.22 -26.86
CA TYR B 140 37.37 -9.30 -26.05
C TYR B 140 38.14 -8.02 -25.76
N CYS B 141 39.47 -8.13 -25.64
CA CYS B 141 40.28 -6.97 -25.28
C CYS B 141 40.28 -5.93 -26.40
N GLN B 142 40.52 -6.37 -27.64
CA GLN B 142 40.52 -5.45 -28.77
C GLN B 142 39.12 -5.09 -29.24
N ALA B 143 38.11 -5.89 -28.88
CA ALA B 143 36.76 -5.65 -29.38
C ALA B 143 35.94 -4.76 -28.46
N ILE B 144 36.06 -4.92 -27.13
CA ILE B 144 35.12 -4.28 -26.22
C ILE B 144 35.82 -3.46 -25.14
N LEU B 145 36.71 -4.11 -24.37
CA LEU B 145 37.31 -3.50 -23.19
C LEU B 145 38.07 -2.21 -23.51
N ILE B 146 39.16 -2.35 -24.28
CA ILE B 146 39.95 -1.17 -24.65
C ILE B 146 39.10 -0.14 -25.39
N PRO B 147 38.25 -0.51 -26.36
CA PRO B 147 37.37 0.51 -26.95
C PRO B 147 36.47 1.20 -25.93
N GLN B 148 35.93 0.46 -24.97
CA GLN B 148 35.09 1.08 -23.94
C GLN B 148 35.87 2.12 -23.15
N LEU B 149 37.03 1.74 -22.62
CA LEU B 149 37.83 2.66 -21.83
C LEU B 149 38.26 3.87 -22.64
N VAL B 150 38.71 3.64 -23.88
CA VAL B 150 39.13 4.73 -24.75
C VAL B 150 37.97 5.68 -25.01
N SER B 151 36.81 5.14 -25.36
CA SER B 151 35.64 5.98 -25.63
C SER B 151 35.27 6.82 -24.41
N HIS B 152 35.26 6.21 -23.22
CA HIS B 152 34.97 6.95 -22.00
C HIS B 152 35.95 8.10 -21.83
N THR B 153 37.25 7.81 -21.90
CA THR B 153 38.26 8.84 -21.70
C THR B 153 38.11 9.97 -22.73
N CYS B 154 37.93 9.61 -24.00
CA CYS B 154 37.85 10.61 -25.06
C CYS B 154 36.62 11.50 -24.89
N LEU B 155 35.46 10.90 -24.60
CA LEU B 155 34.26 11.70 -24.40
C LEU B 155 34.38 12.60 -23.18
N LEU B 156 35.10 12.15 -22.15
CA LEU B 156 35.25 12.98 -20.96
C LEU B 156 36.15 14.20 -21.21
N VAL B 157 37.08 14.11 -22.16
CA VAL B 157 38.01 15.21 -22.41
C VAL B 157 37.82 15.77 -23.81
N LYS B 158 36.58 15.69 -24.32
CA LYS B 158 36.30 16.11 -25.70
C LYS B 158 36.55 17.61 -25.90
N ASP B 159 36.49 18.42 -24.84
CA ASP B 159 36.58 19.86 -24.96
C ASP B 159 38.00 20.39 -24.90
N ALA B 160 38.98 19.56 -24.54
CA ALA B 160 40.36 20.02 -24.52
C ALA B 160 40.90 20.15 -25.94
N ASP B 161 41.98 20.93 -26.08
CA ASP B 161 42.63 21.13 -27.37
C ASP B 161 43.50 19.91 -27.65
N LEU B 162 42.96 18.96 -28.40
CA LEU B 162 43.63 17.69 -28.66
C LEU B 162 44.41 17.74 -29.97
N SER B 163 45.56 17.07 -29.98
CA SER B 163 46.34 16.95 -31.19
C SER B 163 45.64 16.03 -32.19
N GLU B 164 46.17 15.99 -33.41
CA GLU B 164 45.57 15.18 -34.45
C GLU B 164 45.77 13.68 -34.18
N GLU B 165 46.89 13.30 -33.56
CA GLU B 165 47.12 11.90 -33.24
C GLU B 165 46.15 11.41 -32.17
N GLN B 166 45.85 12.26 -31.19
CA GLN B 166 44.89 11.88 -30.14
C GLN B 166 43.50 11.67 -30.72
N LEU B 167 43.05 12.58 -31.59
CA LEU B 167 41.76 12.42 -32.25
C LEU B 167 41.76 11.18 -33.14
N ALA B 168 42.87 10.94 -33.85
CA ALA B 168 42.97 9.76 -34.70
C ALA B 168 42.83 8.48 -33.89
N GLY B 169 43.48 8.41 -32.72
CA GLY B 169 43.35 7.24 -31.89
C GLY B 169 41.96 7.08 -31.30
N CYS B 170 41.37 8.19 -30.83
CA CYS B 170 40.03 8.16 -30.27
C CYS B 170 39.00 7.71 -31.30
N GLU B 171 39.25 8.01 -32.57
CA GLU B 171 38.35 7.56 -33.63
C GLU B 171 38.69 6.16 -34.14
N ARG B 172 39.95 5.74 -34.00
CA ARG B 172 40.39 4.45 -34.52
C ARG B 172 39.99 3.30 -33.61
N ILE B 173 40.23 3.46 -32.30
CA ILE B 173 40.12 2.31 -31.39
C ILE B 173 38.69 1.76 -31.32
N PRO B 174 37.64 2.58 -31.15
CA PRO B 174 36.28 2.02 -31.23
C PRO B 174 35.77 1.86 -32.65
N GLY B 175 36.30 2.63 -33.62
CA GLY B 175 35.82 2.52 -34.98
C GLY B 175 36.16 1.20 -35.64
N ARG B 176 37.33 0.63 -35.30
CA ARG B 176 37.71 -0.65 -35.89
C ARG B 176 36.78 -1.77 -35.43
N ALA B 177 36.20 -1.64 -34.24
CA ALA B 177 35.22 -2.61 -33.78
C ALA B 177 33.83 -2.31 -34.32
N TYR B 178 33.48 -1.03 -34.43
CA TYR B 178 32.16 -0.67 -34.94
C TYR B 178 32.00 -1.04 -36.41
N ASP B 179 33.07 -0.89 -37.20
CA ASP B 179 33.00 -1.22 -38.62
C ASP B 179 32.85 -2.71 -38.88
N LEU B 180 33.10 -3.54 -37.86
CA LEU B 180 33.00 -4.99 -38.00
C LEU B 180 31.76 -5.55 -37.30
N ARG B 181 30.76 -4.69 -37.06
CA ARG B 181 29.62 -5.10 -36.23
C ARG B 181 28.84 -6.25 -36.85
N ASP B 182 28.64 -6.21 -38.17
CA ASP B 182 27.94 -7.27 -38.88
C ASP B 182 28.92 -8.25 -39.54
N GLY B 183 30.09 -8.44 -38.95
CA GLY B 183 31.10 -9.31 -39.54
C GLY B 183 31.66 -10.33 -38.57
N ASP B 184 32.82 -10.88 -38.90
CA ASP B 184 33.44 -11.94 -38.12
C ASP B 184 34.61 -11.37 -37.31
N TYR B 185 34.65 -11.69 -36.02
CA TYR B 185 35.71 -11.23 -35.13
C TYR B 185 36.77 -12.29 -34.88
N GLY B 186 36.86 -13.30 -35.74
CA GLY B 186 37.79 -14.38 -35.51
C GLY B 186 37.30 -15.34 -34.46
N HIS B 187 37.89 -15.27 -33.25
CA HIS B 187 37.43 -16.11 -32.16
C HIS B 187 36.05 -15.72 -31.68
N GLY B 188 35.71 -14.43 -31.77
CA GLY B 188 34.38 -14.00 -31.38
C GLY B 188 33.31 -14.43 -32.36
N GLY B 189 33.64 -14.48 -33.65
CA GLY B 189 32.66 -14.87 -34.65
C GLY B 189 31.61 -13.78 -34.83
N ASP B 190 30.35 -14.19 -34.82
CA ASP B 190 29.23 -13.25 -34.85
C ASP B 190 28.85 -12.87 -33.42
N LEU B 191 28.83 -11.57 -33.15
CA LEU B 191 28.53 -11.09 -31.81
C LEU B 191 27.02 -11.02 -31.61
N THR B 192 26.54 -11.64 -30.53
CA THR B 192 25.12 -11.70 -30.22
C THR B 192 24.92 -11.35 -28.75
N GLY B 193 23.78 -10.72 -28.46
CA GLY B 193 23.42 -10.40 -27.09
C GLY B 193 24.36 -9.44 -26.39
N SER B 194 25.09 -9.95 -25.40
CA SER B 194 25.89 -9.08 -24.54
C SER B 194 27.04 -8.44 -25.30
N ASN B 195 27.73 -9.22 -26.14
CA ASN B 195 28.83 -8.66 -26.91
C ASN B 195 28.36 -7.58 -27.87
N ALA B 196 27.24 -7.82 -28.56
CA ALA B 196 26.68 -6.82 -29.46
C ALA B 196 26.25 -5.58 -28.69
N VAL B 197 25.69 -5.75 -27.49
CA VAL B 197 25.26 -4.61 -26.69
C VAL B 197 26.47 -3.77 -26.26
N ASN B 198 27.55 -4.43 -25.84
CA ASN B 198 28.74 -3.68 -25.45
C ASN B 198 29.35 -2.95 -26.63
N VAL B 199 29.43 -3.62 -27.78
CA VAL B 199 29.98 -2.98 -28.98
C VAL B 199 29.14 -1.78 -29.37
N MET B 200 27.81 -1.91 -29.29
CA MET B 200 26.95 -0.79 -29.66
C MET B 200 27.00 0.34 -28.62
N LEU B 201 27.28 0.03 -27.36
CA LEU B 201 27.46 1.07 -26.37
C LEU B 201 28.73 1.87 -26.65
N ASN B 202 29.83 1.17 -26.92
CA ASN B 202 31.05 1.85 -27.33
C ASN B 202 30.85 2.62 -28.64
N SER B 203 30.00 2.10 -29.54
CA SER B 203 29.72 2.80 -30.78
C SER B 203 28.89 4.06 -30.54
N VAL B 204 27.99 4.03 -29.57
CA VAL B 204 27.27 5.25 -29.18
C VAL B 204 28.25 6.30 -28.66
N SER B 205 29.16 5.87 -27.79
CA SER B 205 30.20 6.78 -27.31
C SER B 205 31.02 7.36 -28.46
N LEU B 206 31.41 6.51 -29.41
CA LEU B 206 32.19 6.97 -30.56
C LEU B 206 31.41 7.96 -31.41
N ALA B 207 30.13 7.67 -31.67
CA ALA B 207 29.29 8.57 -32.45
C ALA B 207 29.15 9.92 -31.78
N LEU B 208 29.01 9.92 -30.45
CA LEU B 208 28.94 11.19 -29.73
C LEU B 208 30.28 11.93 -29.78
N PHE B 209 31.39 11.18 -29.82
CA PHE B 209 32.69 11.83 -29.96
C PHE B 209 32.84 12.50 -31.32
N VAL B 210 32.71 11.73 -32.40
CA VAL B 210 32.97 12.24 -33.74
C VAL B 210 31.81 13.03 -34.32
N ASN B 211 30.72 13.21 -33.57
CA ASN B 211 29.57 13.99 -34.01
C ASN B 211 28.99 13.45 -35.32
N ASN B 212 28.77 12.13 -35.34
CA ASN B 212 28.14 11.45 -36.48
C ASN B 212 26.81 10.89 -36.00
N LEU B 213 25.72 11.43 -36.56
CA LEU B 213 24.39 11.00 -36.14
C LEU B 213 24.01 9.64 -36.73
N THR B 214 24.59 9.28 -37.88
CA THR B 214 24.23 8.00 -38.50
C THR B 214 24.67 6.82 -37.64
N ILE B 215 25.88 6.89 -37.09
CA ILE B 215 26.37 5.83 -36.20
C ILE B 215 25.46 5.72 -34.97
N LEU B 216 25.03 6.86 -34.43
CA LEU B 216 24.14 6.84 -33.27
C LEU B 216 22.80 6.21 -33.61
N GLU B 217 22.23 6.60 -34.76
CA GLU B 217 20.99 5.99 -35.24
C GLU B 217 21.13 4.48 -35.31
N ASP B 218 22.18 4.00 -35.97
CA ASP B 218 22.37 2.56 -36.17
C ASP B 218 22.53 1.84 -34.84
N ALA B 219 23.37 2.39 -33.94
CA ALA B 219 23.64 1.73 -32.68
C ALA B 219 22.40 1.68 -31.79
N TYR B 220 21.65 2.78 -31.72
CA TYR B 220 20.43 2.78 -30.91
C TYR B 220 19.40 1.82 -31.49
N THR B 221 19.24 1.80 -32.81
CA THR B 221 18.33 0.84 -33.44
C THR B 221 18.72 -0.58 -33.07
N ARG B 222 20.01 -0.91 -33.19
CA ARG B 222 20.47 -2.26 -32.90
C ARG B 222 20.22 -2.64 -31.43
N VAL B 223 20.55 -1.73 -30.51
CA VAL B 223 20.39 -2.04 -29.08
C VAL B 223 18.91 -2.24 -28.75
N MET B 224 18.06 -1.31 -29.17
CA MET B 224 16.64 -1.44 -28.87
C MET B 224 16.03 -2.67 -29.55
N THR B 225 16.58 -3.08 -30.71
CA THR B 225 16.10 -4.29 -31.36
C THR B 225 16.53 -5.53 -30.59
N LEU B 226 17.74 -5.52 -30.01
CA LEU B 226 18.20 -6.67 -29.26
C LEU B 226 17.33 -6.93 -28.03
N MET B 227 16.69 -5.89 -27.49
CA MET B 227 15.86 -6.01 -26.30
C MET B 227 14.38 -6.21 -26.64
N ASN B 228 14.08 -6.85 -27.76
CA ASN B 228 12.71 -7.15 -28.14
C ASN B 228 12.33 -8.57 -27.70
N PHE B 229 11.06 -8.91 -27.89
CA PHE B 229 10.54 -10.15 -27.36
C PHE B 229 11.10 -11.35 -28.13
N ALA B 230 11.51 -12.37 -27.38
CA ALA B 230 11.90 -13.66 -27.94
C ALA B 230 10.75 -14.64 -27.78
N ASP B 231 10.31 -15.24 -28.89
CA ASP B 231 9.11 -16.06 -28.89
C ASP B 231 9.35 -17.51 -29.29
N GLU B 232 10.60 -17.95 -29.33
CA GLU B 232 10.92 -19.35 -29.63
C GLU B 232 11.33 -20.07 -28.35
N GLU B 233 11.14 -21.38 -28.35
CA GLU B 233 11.59 -22.19 -27.23
C GLU B 233 13.12 -22.24 -27.19
N MET B 234 13.68 -21.95 -26.02
CA MET B 234 15.12 -21.87 -25.75
C MET B 234 15.76 -20.62 -26.36
N GLU B 235 14.99 -19.78 -27.04
CA GLU B 235 15.55 -18.59 -27.67
C GLU B 235 16.04 -17.60 -26.61
N ASP B 236 17.34 -17.30 -26.65
CA ASP B 236 17.90 -16.34 -25.71
C ASP B 236 17.23 -14.98 -25.85
N GLY B 237 16.90 -14.37 -24.72
CA GLY B 237 16.27 -13.07 -24.72
C GLY B 237 15.13 -12.93 -23.72
N ILE B 238 14.48 -11.78 -23.73
CA ILE B 238 13.36 -11.51 -22.82
C ILE B 238 12.11 -12.16 -23.40
N HIS B 239 11.57 -13.14 -22.66
CA HIS B 239 10.30 -13.75 -23.03
C HIS B 239 9.14 -12.97 -22.40
N ARG B 240 7.92 -13.30 -22.83
CA ARG B 240 6.75 -12.56 -22.38
C ARG B 240 6.33 -12.91 -20.96
N ASP B 241 6.77 -14.07 -20.43
CA ASP B 241 6.47 -14.39 -19.04
C ASP B 241 7.30 -13.57 -18.07
N GLY B 242 8.37 -12.93 -18.53
CA GLY B 242 9.25 -12.18 -17.68
C GLY B 242 10.59 -12.85 -17.40
N SER B 243 10.88 -13.97 -18.04
CA SER B 243 12.10 -14.72 -17.80
C SER B 243 13.09 -14.51 -18.94
N PHE B 244 14.37 -14.45 -18.60
CA PHE B 244 15.45 -14.17 -19.55
C PHE B 244 16.30 -15.44 -19.70
N LEU B 245 16.24 -16.05 -20.87
CA LEU B 245 16.97 -17.28 -21.13
C LEU B 245 18.30 -16.98 -21.80
N GLN B 246 19.20 -17.96 -21.73
CA GLN B 246 20.54 -17.86 -22.28
C GLN B 246 21.20 -19.22 -22.20
N HIS B 247 22.12 -19.49 -23.13
CA HIS B 247 22.89 -20.75 -23.16
C HIS B 247 21.96 -21.96 -23.15
N ASP B 248 20.97 -21.94 -24.04
CA ASP B 248 20.06 -23.05 -24.28
C ASP B 248 19.19 -23.34 -23.04
N GLY B 249 18.32 -22.38 -22.75
CA GLY B 249 17.27 -22.57 -21.76
C GLY B 249 17.67 -22.36 -20.31
N ILE B 250 18.89 -21.93 -20.04
CA ILE B 250 19.30 -21.69 -18.66
C ILE B 250 18.76 -20.34 -18.21
N LEU B 251 17.93 -20.35 -17.15
CA LEU B 251 17.40 -19.11 -16.61
C LEU B 251 18.53 -18.22 -16.13
N TYR B 252 18.54 -16.95 -16.57
CA TYR B 252 19.69 -16.08 -16.35
C TYR B 252 19.27 -14.62 -16.19
N ASN B 253 18.12 -14.38 -15.56
CA ASN B 253 17.68 -13.01 -15.32
C ASN B 253 18.64 -12.23 -14.42
N SER B 254 19.56 -12.93 -13.74
CA SER B 254 20.44 -12.30 -12.75
C SER B 254 21.75 -11.79 -13.32
N ASN B 255 22.12 -12.20 -14.54
CA ASN B 255 23.42 -11.83 -15.07
C ASN B 255 23.32 -11.18 -16.45
N TYR B 256 22.99 -11.97 -17.47
CA TYR B 256 22.91 -11.42 -18.82
C TYR B 256 21.77 -10.41 -18.94
N GLY B 257 20.56 -10.81 -18.57
CA GLY B 257 19.45 -9.87 -18.56
C GLY B 257 19.70 -8.66 -17.67
N LYS B 258 20.48 -8.84 -16.61
CA LYS B 258 20.86 -7.71 -15.76
C LYS B 258 21.68 -6.68 -16.54
N ASP B 259 22.68 -7.15 -17.29
CA ASP B 259 23.48 -6.25 -18.11
C ASP B 259 22.65 -5.62 -19.22
N PHE B 260 21.74 -6.39 -19.81
CA PHE B 260 20.82 -5.85 -20.81
C PHE B 260 20.02 -4.70 -20.22
N LEU B 261 19.48 -4.89 -19.02
CA LEU B 261 18.65 -3.86 -18.38
C LEU B 261 19.50 -2.65 -18.01
N ASN B 262 20.75 -2.86 -17.59
CA ASN B 262 21.62 -1.73 -17.30
C ASN B 262 21.92 -0.91 -18.55
N ALA B 263 22.22 -1.58 -19.66
CA ALA B 263 22.43 -0.88 -20.92
C ALA B 263 21.19 -0.11 -21.34
N PHE B 264 20.00 -0.72 -21.15
CA PHE B 264 18.76 -0.02 -21.45
C PHE B 264 18.61 1.22 -20.58
N ILE B 265 18.88 1.09 -19.29
CA ILE B 265 18.81 2.23 -18.39
C ILE B 265 19.69 3.36 -18.90
N GLN B 266 20.95 3.05 -19.19
CA GLN B 266 21.89 4.07 -19.64
C GLN B 266 21.41 4.75 -20.93
N LEU B 267 21.16 3.95 -21.97
CA LEU B 267 20.84 4.53 -23.27
C LEU B 267 19.50 5.26 -23.26
N GLU B 268 18.50 4.72 -22.56
CA GLU B 268 17.20 5.37 -22.49
C GLU B 268 17.30 6.69 -21.72
N ARG B 269 17.99 6.70 -20.58
CA ARG B 269 18.17 7.93 -19.84
C ARG B 269 18.93 8.97 -20.65
N GLN B 270 19.85 8.52 -21.50
CA GLN B 270 20.61 9.48 -22.30
C GLN B 270 19.83 9.99 -23.51
N ALA B 271 18.92 9.18 -24.05
CA ALA B 271 18.20 9.52 -25.27
C ALA B 271 16.72 9.83 -25.01
N LEU B 272 16.42 10.41 -23.85
CA LEU B 272 15.03 10.77 -23.56
C LEU B 272 14.55 11.88 -24.48
N ASP B 273 13.31 11.74 -24.96
CA ASP B 273 12.63 12.78 -25.73
C ASP B 273 13.34 13.05 -27.06
N THR B 274 13.80 11.98 -27.71
CA THR B 274 14.47 12.07 -29.01
C THR B 274 13.83 11.06 -29.96
N GLU B 275 14.36 11.00 -31.17
CA GLU B 275 13.95 9.98 -32.14
C GLU B 275 14.62 8.64 -31.88
N PHE B 276 15.28 8.48 -30.73
CA PHE B 276 15.93 7.24 -30.36
C PHE B 276 15.31 6.61 -29.13
N GLU B 277 14.33 7.28 -28.51
CA GLU B 277 13.60 6.71 -27.39
C GLU B 277 12.95 5.39 -27.82
N ALA B 278 12.85 4.47 -26.87
CA ALA B 278 12.37 3.13 -27.17
C ALA B 278 10.94 3.16 -27.69
N GLY B 279 10.65 2.24 -28.62
CA GLY B 279 9.32 2.12 -29.19
C GLY B 279 8.36 1.43 -28.24
N ASP B 280 7.36 0.76 -28.80
CA ASP B 280 6.37 0.07 -27.99
C ASP B 280 6.81 -1.33 -27.60
N THR B 281 7.36 -2.10 -28.55
CA THR B 281 7.79 -3.46 -28.27
C THR B 281 8.91 -3.47 -27.23
N THR B 282 9.86 -2.54 -27.35
CA THR B 282 10.97 -2.50 -26.40
C THR B 282 10.47 -2.15 -25.00
N LYS B 283 9.51 -1.22 -24.90
CA LYS B 283 8.97 -0.87 -23.60
C LYS B 283 8.18 -2.02 -22.99
N GLN B 284 7.44 -2.76 -23.84
CA GLN B 284 6.74 -3.95 -23.37
C GLN B 284 7.71 -4.97 -22.81
N ALA B 285 8.80 -5.23 -23.55
CA ALA B 285 9.79 -6.21 -23.09
C ALA B 285 10.46 -5.75 -21.80
N ILE B 286 10.74 -4.45 -21.69
CA ILE B 286 11.40 -3.94 -20.49
C ILE B 286 10.47 -4.04 -19.29
N ALA B 287 9.19 -3.71 -19.47
CA ALA B 287 8.24 -3.86 -18.38
C ALA B 287 8.09 -5.32 -17.96
N ALA B 288 8.02 -6.22 -18.95
CA ALA B 288 7.94 -7.65 -18.65
C ALA B 288 9.16 -8.12 -17.86
N GLN B 289 10.35 -7.68 -18.27
CA GLN B 289 11.57 -8.09 -17.57
C GLN B 289 11.62 -7.51 -16.16
N VAL B 290 11.19 -6.26 -15.99
CA VAL B 290 11.17 -5.65 -14.66
C VAL B 290 10.23 -6.41 -13.74
N ARG B 291 9.04 -6.76 -14.24
CA ARG B 291 8.09 -7.50 -13.42
C ARG B 291 8.59 -8.91 -13.11
N GLY B 292 9.16 -9.60 -14.11
CA GLY B 292 9.68 -10.93 -13.88
C GLY B 292 10.87 -10.96 -12.92
N ASN B 293 11.68 -9.90 -12.92
CA ASN B 293 12.81 -9.84 -12.01
C ASN B 293 12.35 -9.65 -10.56
N GLU B 294 11.30 -8.86 -10.36
CA GLU B 294 10.85 -8.56 -9.00
C GLU B 294 10.41 -9.82 -8.27
N TRP B 295 9.79 -10.76 -8.99
CA TRP B 295 9.35 -12.01 -8.38
C TRP B 295 10.49 -12.98 -8.12
N MET B 296 11.67 -12.73 -8.66
CA MET B 296 12.85 -13.54 -8.38
C MET B 296 13.73 -12.94 -7.29
N THR B 297 13.35 -11.79 -6.73
CA THR B 297 14.16 -11.09 -5.76
C THR B 297 13.60 -11.31 -4.36
N PHE B 298 14.45 -11.72 -3.44
CA PHE B 298 14.09 -11.86 -2.03
C PHE B 298 14.94 -10.90 -1.19
N ILE B 299 14.64 -10.85 0.10
CA ILE B 299 15.25 -9.88 1.01
C ILE B 299 15.94 -10.63 2.15
N ASP B 300 17.09 -10.12 2.57
CA ASP B 300 17.75 -10.57 3.78
C ASP B 300 17.14 -9.77 4.95
N GLU B 301 16.31 -10.43 5.76
CA GLU B 301 15.57 -9.73 6.80
C GLU B 301 16.47 -8.95 7.76
N GLU B 302 17.73 -9.35 7.89
CA GLU B 302 18.62 -8.66 8.82
C GLU B 302 19.27 -7.44 8.17
N THR B 303 19.85 -7.61 6.99
CA THR B 303 20.59 -6.53 6.33
C THR B 303 19.76 -5.77 5.30
N ARG B 304 18.57 -6.28 4.95
CA ARG B 304 17.65 -5.68 3.99
C ARG B 304 18.21 -5.63 2.56
N GLN B 305 19.32 -6.31 2.30
CA GLN B 305 19.90 -6.36 0.97
C GLN B 305 19.16 -7.38 0.10
N GLN B 306 18.90 -7.01 -1.14
CA GLN B 306 18.13 -7.83 -2.06
C GLN B 306 19.06 -8.66 -2.93
N TYR B 307 18.63 -9.90 -3.23
CA TYR B 307 19.43 -10.88 -3.96
C TYR B 307 18.59 -11.49 -5.07
N TRP B 308 19.22 -12.38 -5.83
CA TRP B 308 18.56 -13.17 -6.85
C TRP B 308 18.32 -14.59 -6.36
N ASP B 309 17.26 -15.22 -6.87
CA ASP B 309 16.99 -16.61 -6.54
C ASP B 309 18.05 -17.50 -7.19
N PHE B 310 18.48 -18.52 -6.45
CA PHE B 310 19.61 -19.35 -6.87
C PHE B 310 19.30 -20.20 -8.11
N ASN B 311 18.07 -20.22 -8.58
CA ASN B 311 17.74 -20.92 -9.83
C ASN B 311 17.91 -20.04 -11.06
N ALA B 312 17.98 -18.73 -10.88
CA ALA B 312 18.21 -17.78 -11.97
C ALA B 312 19.64 -17.27 -12.00
N VAL B 313 20.56 -17.95 -11.33
CA VAL B 313 21.94 -17.50 -11.22
C VAL B 313 22.89 -18.34 -12.07
N GLY B 314 22.59 -19.61 -12.30
CA GLY B 314 23.41 -20.45 -13.13
C GLY B 314 24.78 -20.76 -12.55
N ARG B 315 25.83 -20.41 -13.28
CA ARG B 315 27.18 -20.81 -12.91
C ARG B 315 27.75 -20.01 -11.74
N PHE B 316 27.12 -18.91 -11.34
CA PHE B 316 27.63 -18.10 -10.25
C PHE B 316 27.25 -18.63 -8.88
N VAL B 317 26.56 -19.77 -8.80
CA VAL B 317 26.27 -20.37 -7.51
C VAL B 317 27.55 -20.84 -6.83
N SER B 318 28.58 -21.14 -7.62
CA SER B 318 29.87 -21.55 -7.08
C SER B 318 30.75 -20.38 -6.66
N HIS B 319 30.24 -19.15 -6.79
CA HIS B 319 31.02 -18.00 -6.33
C HIS B 319 30.49 -17.51 -4.99
N PRO B 320 31.38 -17.05 -4.11
CA PRO B 320 30.93 -16.41 -2.88
C PRO B 320 30.41 -15.01 -3.14
N THR B 321 29.70 -14.47 -2.15
CA THR B 321 29.17 -13.12 -2.28
C THR B 321 30.28 -12.07 -2.30
N SER B 322 31.50 -12.43 -1.87
CA SER B 322 32.60 -11.49 -1.88
C SER B 322 33.13 -11.25 -3.29
N ASP B 323 32.92 -12.18 -4.22
CA ASP B 323 33.37 -12.01 -5.59
C ASP B 323 32.54 -10.99 -6.36
N LEU B 324 31.43 -10.53 -5.79
CA LEU B 324 30.55 -9.52 -6.41
C LEU B 324 30.12 -9.96 -7.80
N GLN B 325 29.54 -11.15 -7.87
CA GLN B 325 29.03 -11.71 -9.11
C GLN B 325 27.52 -11.48 -9.19
N ALA B 326 26.83 -12.30 -9.99
CA ALA B 326 25.38 -12.16 -10.13
C ALA B 326 24.64 -12.56 -8.86
N ASN B 327 25.23 -13.39 -8.02
CA ASN B 327 24.58 -13.87 -6.81
C ASN B 327 24.93 -13.03 -5.59
N SER B 328 25.56 -11.88 -5.78
CA SER B 328 25.95 -11.02 -4.67
C SER B 328 24.97 -9.88 -4.42
N ASP B 329 24.17 -9.51 -5.42
CA ASP B 329 23.23 -8.40 -5.33
C ASP B 329 22.43 -8.39 -6.63
N ILE B 330 21.41 -7.52 -6.67
CA ILE B 330 20.70 -7.30 -7.93
C ILE B 330 21.60 -6.56 -8.92
N ASN B 331 22.47 -5.69 -8.42
CA ASN B 331 23.51 -5.04 -9.21
C ASN B 331 22.93 -4.13 -10.29
N TYR B 332 21.98 -3.29 -9.89
CA TYR B 332 21.53 -2.19 -10.74
C TYR B 332 20.86 -1.14 -9.88
N ASN B 333 21.10 0.13 -10.20
CA ASN B 333 20.59 1.24 -9.41
C ASN B 333 19.09 1.39 -9.63
N LEU B 334 18.31 1.25 -8.55
CA LEU B 334 16.85 1.32 -8.68
C LEU B 334 16.37 2.74 -8.97
N THR B 335 17.09 3.76 -8.50
CA THR B 335 16.70 5.13 -8.83
C THR B 335 16.88 5.41 -10.32
N LYS B 336 17.99 4.97 -10.89
CA LYS B 336 18.19 5.14 -12.32
C LYS B 336 17.22 4.28 -13.13
N LEU B 337 16.83 3.12 -12.60
CA LEU B 337 15.82 2.31 -13.27
C LEU B 337 14.46 2.98 -13.24
N ALA B 338 14.14 3.68 -12.14
CA ALA B 338 12.89 4.43 -12.09
C ALA B 338 12.94 5.62 -13.05
N ALA B 339 14.09 6.30 -13.14
CA ALA B 339 14.21 7.39 -14.08
C ALA B 339 14.14 6.91 -15.53
N ALA B 340 14.64 5.71 -15.81
CA ALA B 340 14.58 5.15 -17.16
C ALA B 340 13.18 4.71 -17.54
N THR B 341 12.33 4.39 -16.56
CA THR B 341 10.97 3.93 -16.80
C THR B 341 9.94 5.03 -16.54
N ALA B 342 10.30 6.28 -16.76
CA ALA B 342 9.38 7.38 -16.54
C ALA B 342 8.24 7.37 -17.56
N ASN B 343 8.59 7.33 -18.85
CA ASN B 343 7.52 7.33 -19.85
C ASN B 343 6.77 6.04 -19.92
N PHE B 344 6.99 5.06 -19.04
CA PHE B 344 6.21 3.83 -19.12
C PHE B 344 4.78 4.11 -18.66
N GLU B 345 3.83 3.82 -19.54
CA GLU B 345 2.43 4.14 -19.30
C GLU B 345 1.58 2.93 -19.63
N GLY B 346 0.36 2.92 -19.09
CA GLY B 346 -0.56 1.84 -19.40
C GLY B 346 -0.07 0.52 -18.85
N ASP B 347 -0.18 -0.52 -19.68
CA ASP B 347 0.29 -1.85 -19.31
C ASP B 347 1.80 -1.91 -19.14
N ASN B 348 2.54 -0.90 -19.60
CA ASN B 348 3.98 -0.86 -19.43
C ASN B 348 4.40 -0.26 -18.09
N ASP B 349 3.50 0.45 -17.42
CA ASP B 349 3.83 1.11 -16.17
C ASP B 349 4.26 0.08 -15.13
N VAL B 350 5.45 0.29 -14.57
CA VAL B 350 6.01 -0.63 -13.57
C VAL B 350 6.22 0.13 -12.27
N SER B 351 5.39 1.16 -12.04
CA SER B 351 5.54 1.97 -10.84
C SER B 351 5.31 1.15 -9.58
N ASP B 352 4.38 0.19 -9.62
CA ASP B 352 4.14 -0.65 -8.46
C ASP B 352 5.33 -1.57 -8.18
N SER B 353 5.93 -2.11 -9.24
CA SER B 353 7.10 -2.97 -9.06
C SER B 353 8.26 -2.21 -8.43
N LEU B 354 8.56 -1.02 -8.95
CA LEU B 354 9.65 -0.23 -8.40
C LEU B 354 9.33 0.25 -6.99
N ARG B 355 8.07 0.60 -6.73
CA ARG B 355 7.66 1.00 -5.39
C ARG B 355 7.86 -0.13 -4.38
N ARG B 356 7.50 -1.35 -4.77
CA ARG B 356 7.68 -2.49 -3.86
C ARG B 356 9.14 -2.88 -3.72
N LEU B 357 9.94 -2.66 -4.77
CA LEU B 357 11.36 -3.02 -4.70
C LEU B 357 12.14 -2.04 -3.84
N MET B 358 11.97 -0.73 -4.08
CA MET B 358 12.69 0.29 -3.35
C MET B 358 12.22 0.44 -1.91
N SER B 359 11.13 -0.23 -1.53
CA SER B 359 10.64 -0.17 -0.16
C SER B 359 11.56 -0.86 0.83
N ASN B 360 12.49 -1.69 0.35
CA ASN B 360 13.44 -2.44 1.19
C ASN B 360 12.69 -3.30 2.22
N GLY B 361 11.79 -4.14 1.71
CA GLY B 361 11.06 -5.08 2.53
C GLY B 361 9.87 -4.53 3.26
N THR B 362 9.71 -3.20 3.33
CA THR B 362 8.57 -2.62 4.03
C THR B 362 7.28 -2.80 3.24
N GLU B 363 7.37 -3.01 1.93
CA GLU B 363 6.23 -3.40 1.10
C GLU B 363 6.60 -4.69 0.39
N LYS B 364 5.91 -5.78 0.73
CA LYS B 364 6.23 -7.09 0.20
C LYS B 364 5.30 -7.48 -0.93
N LEU B 365 5.69 -8.54 -1.64
CA LEU B 365 4.99 -9.01 -2.82
C LEU B 365 4.18 -10.25 -2.47
N HIS B 366 2.87 -10.19 -2.70
CA HIS B 366 1.94 -11.23 -2.25
C HIS B 366 1.25 -11.83 -3.46
N GLY B 367 1.44 -13.13 -3.66
CA GLY B 367 0.78 -13.84 -4.73
C GLY B 367 1.61 -15.03 -5.17
N ASN B 368 1.23 -15.58 -6.33
CA ASN B 368 1.92 -16.69 -6.96
C ASN B 368 2.09 -16.39 -8.44
N LYS B 369 3.30 -16.65 -8.96
CA LYS B 369 3.63 -16.38 -10.35
C LYS B 369 4.27 -17.62 -10.96
N GLY B 370 3.91 -17.91 -12.20
CA GLY B 370 4.45 -19.07 -12.89
C GLY B 370 5.10 -18.74 -14.22
N TYR B 371 6.39 -19.06 -14.35
CA TYR B 371 7.12 -18.86 -15.58
C TYR B 371 7.04 -20.14 -16.42
N TRP B 372 6.42 -20.05 -17.59
CA TRP B 372 6.25 -21.22 -18.44
C TRP B 372 7.45 -21.46 -19.35
N ALA B 373 8.09 -20.39 -19.83
CA ALA B 373 9.21 -20.54 -20.76
C ALA B 373 10.45 -21.11 -20.09
N SER B 374 10.52 -21.09 -18.76
CA SER B 374 11.68 -21.59 -18.04
C SER B 374 11.31 -22.67 -17.02
N ASP B 375 10.06 -23.11 -16.99
CA ASP B 375 9.58 -24.14 -16.05
C ASP B 375 9.84 -23.71 -14.61
N PHE B 376 9.33 -22.53 -14.27
CA PHE B 376 9.65 -21.88 -13.00
C PHE B 376 8.37 -21.39 -12.34
N MET B 377 8.33 -21.45 -11.01
CA MET B 377 7.17 -21.01 -10.25
C MET B 377 7.65 -20.45 -8.91
N VAL B 378 7.03 -19.35 -8.49
CA VAL B 378 7.37 -18.68 -7.25
C VAL B 378 6.09 -18.46 -6.45
N HIS B 379 6.15 -18.77 -5.16
CA HIS B 379 5.04 -18.57 -4.24
C HIS B 379 5.54 -17.72 -3.08
N ARG B 380 4.93 -16.54 -2.91
CA ARG B 380 5.39 -15.57 -1.92
C ARG B 380 4.24 -15.11 -1.05
N GLN B 381 4.52 -14.96 0.24
CA GLN B 381 3.67 -14.27 1.19
C GLN B 381 4.48 -13.12 1.80
N ASP B 382 3.93 -12.52 2.86
CA ASP B 382 4.73 -11.61 3.67
C ASP B 382 5.64 -12.35 4.65
N GLU B 383 5.62 -13.69 4.65
CA GLU B 383 6.38 -14.48 5.60
C GLU B 383 7.41 -15.41 4.98
N PHE B 384 7.33 -15.69 3.68
CA PHE B 384 8.26 -16.62 3.06
C PHE B 384 8.25 -16.43 1.55
N VAL B 385 9.31 -16.94 0.91
CA VAL B 385 9.44 -16.98 -0.53
C VAL B 385 9.86 -18.38 -0.93
N VAL B 386 9.07 -19.04 -1.78
CA VAL B 386 9.34 -20.39 -2.21
C VAL B 386 9.46 -20.40 -3.72
N THR B 387 10.56 -20.97 -4.23
CA THR B 387 10.83 -21.04 -5.66
C THR B 387 10.99 -22.50 -6.08
N ASN B 388 10.73 -22.76 -7.36
CA ASN B 388 10.78 -24.12 -7.88
C ASN B 388 11.02 -24.07 -9.38
N LYS B 389 12.16 -24.59 -9.83
CA LYS B 389 12.45 -24.73 -11.25
C LYS B 389 12.49 -26.21 -11.62
N MET B 390 11.92 -26.53 -12.78
CA MET B 390 11.87 -27.90 -13.28
C MET B 390 12.68 -28.01 -14.56
N LEU B 391 12.81 -29.24 -15.06
CA LEU B 391 13.67 -29.57 -16.20
C LEU B 391 12.83 -30.20 -17.30
N SER B 392 12.71 -29.48 -18.42
CA SER B 392 12.00 -29.99 -19.59
C SER B 392 12.88 -29.81 -20.83
N THR B 393 12.31 -30.14 -21.99
CA THR B 393 12.99 -29.90 -23.26
C THR B 393 13.14 -28.43 -23.57
N ARG B 394 12.54 -27.55 -22.77
CA ARG B 394 12.60 -26.11 -22.99
C ARG B 394 13.47 -25.39 -21.97
N SER B 395 14.28 -26.13 -21.21
CA SER B 395 15.17 -25.55 -20.22
C SER B 395 16.36 -26.47 -20.04
N ALA B 396 17.31 -26.03 -19.23
CA ALA B 396 18.53 -26.79 -18.97
C ALA B 396 18.83 -26.80 -17.48
N THR B 397 19.83 -27.60 -17.11
CA THR B 397 20.24 -27.71 -15.71
C THR B 397 21.10 -26.52 -15.32
N SER B 398 22.42 -26.65 -15.46
CA SER B 398 23.34 -25.54 -15.20
C SER B 398 24.40 -25.46 -16.29
N GLU B 399 25.59 -24.96 -15.96
CA GLU B 399 26.67 -24.87 -16.92
C GLU B 399 28.00 -24.81 -16.18
N TYR B 400 29.03 -25.34 -16.83
CA TYR B 400 30.40 -25.34 -16.30
C TYR B 400 31.24 -24.46 -17.23
N VAL B 401 31.48 -23.22 -16.81
CA VAL B 401 32.15 -22.21 -17.63
C VAL B 401 33.28 -21.61 -16.82
N ASN B 402 34.49 -21.59 -17.42
CA ASN B 402 35.67 -20.96 -16.83
C ASN B 402 36.04 -21.61 -15.49
N THR B 403 36.14 -22.94 -15.50
CA THR B 403 36.53 -23.73 -14.33
C THR B 403 35.51 -23.59 -13.21
N ALA B 404 34.51 -22.74 -13.40
CA ALA B 404 33.52 -22.44 -12.37
C ALA B 404 32.34 -23.39 -12.47
N ASN B 405 31.89 -23.89 -11.32
CA ASN B 405 30.66 -24.64 -11.14
C ASN B 405 30.74 -26.02 -11.79
N PRO B 406 31.47 -26.97 -11.20
CA PRO B 406 31.58 -28.30 -11.82
C PRO B 406 30.61 -29.33 -11.25
N TYR B 407 29.97 -29.02 -10.11
CA TYR B 407 29.14 -30.00 -9.42
C TYR B 407 27.67 -29.59 -9.38
N ALA B 408 27.20 -28.85 -10.38
CA ALA B 408 25.82 -28.36 -10.40
C ALA B 408 24.92 -29.18 -11.30
N TYR B 409 25.12 -30.50 -11.37
CA TYR B 409 24.31 -31.32 -12.25
C TYR B 409 22.84 -31.32 -11.83
N HIS B 410 22.58 -31.36 -10.53
CA HIS B 410 21.21 -31.53 -10.04
C HIS B 410 20.41 -30.23 -10.03
N PHE B 411 21.04 -29.09 -10.28
CA PHE B 411 20.31 -27.83 -10.31
C PHE B 411 19.28 -27.83 -11.44
N GLY B 412 18.16 -27.17 -11.19
CA GLY B 412 17.11 -27.08 -12.19
C GLY B 412 16.39 -28.37 -12.49
N GLN B 413 16.58 -29.41 -11.69
CA GLN B 413 15.94 -30.70 -11.90
C GLN B 413 14.80 -30.94 -10.92
N GLY B 414 14.04 -29.91 -10.59
CA GLY B 414 12.95 -30.01 -9.65
C GLY B 414 13.33 -29.51 -8.28
N THR B 415 13.99 -28.35 -8.24
CA THR B 415 14.45 -27.78 -6.98
C THR B 415 13.30 -27.13 -6.22
N LEU B 416 13.51 -26.95 -4.92
CA LEU B 416 12.53 -26.26 -4.07
C LEU B 416 13.32 -25.49 -3.01
N PHE B 417 13.43 -24.18 -3.20
CA PHE B 417 14.14 -23.31 -2.27
C PHE B 417 13.14 -22.51 -1.45
N CYS B 418 13.52 -22.23 -0.20
CA CYS B 418 12.67 -21.51 0.74
C CYS B 418 13.45 -20.38 1.36
N TYR B 419 12.91 -19.17 1.30
CA TYR B 419 13.53 -17.97 1.86
C TYR B 419 12.59 -17.39 2.91
N VAL B 420 12.92 -17.60 4.18
CA VAL B 420 12.19 -17.02 5.29
C VAL B 420 13.01 -15.97 6.02
N LEU B 421 14.31 -16.21 6.18
CA LEU B 421 15.20 -15.26 6.84
C LEU B 421 16.05 -14.46 5.87
N GLY B 422 16.34 -15.01 4.69
CA GLY B 422 17.16 -14.33 3.70
C GLY B 422 18.62 -14.73 3.70
N ASN B 423 19.04 -15.65 4.57
CA ASN B 423 20.43 -16.08 4.63
C ASN B 423 20.54 -17.61 4.69
N GLU B 424 19.51 -18.33 4.26
CA GLU B 424 19.51 -19.78 4.39
C GLU B 424 20.61 -20.42 3.56
N TYR B 425 20.91 -19.86 2.39
CA TYR B 425 21.89 -20.45 1.48
C TYR B 425 23.03 -19.50 1.14
N LYS B 426 23.26 -18.49 1.96
CA LYS B 426 24.29 -17.48 1.65
C LYS B 426 25.67 -18.07 1.87
N ASP B 427 26.41 -18.27 0.78
CA ASP B 427 27.81 -18.70 0.81
C ASP B 427 27.99 -20.05 1.48
N ILE B 428 26.99 -20.93 1.39
CA ILE B 428 27.16 -22.30 1.85
C ILE B 428 27.63 -23.24 0.75
N MET B 429 27.68 -22.77 -0.50
CA MET B 429 28.05 -23.63 -1.62
C MET B 429 29.49 -24.11 -1.56
N GLY B 430 30.34 -23.48 -0.75
CA GLY B 430 31.72 -23.91 -0.62
C GLY B 430 31.85 -25.26 0.04
N ALA B 431 31.39 -25.37 1.28
CA ALA B 431 31.39 -26.62 2.03
C ALA B 431 30.16 -27.48 1.76
N TRP B 432 29.25 -27.00 0.92
CA TRP B 432 28.03 -27.72 0.56
C TRP B 432 28.32 -29.15 0.13
N ASP B 433 27.32 -30.01 0.31
CA ASP B 433 27.28 -31.31 -0.34
C ASP B 433 26.41 -31.17 -1.59
N TRP B 434 27.04 -31.21 -2.75
CA TRP B 434 26.36 -30.93 -4.02
C TRP B 434 25.44 -32.04 -4.48
N ASN B 435 25.40 -33.18 -3.77
CA ASN B 435 24.49 -34.26 -4.13
C ASN B 435 23.09 -34.08 -3.56
N LEU B 436 22.91 -33.16 -2.62
CA LEU B 436 21.63 -32.95 -1.93
C LEU B 436 21.14 -31.54 -2.20
N VAL B 437 20.55 -31.35 -3.37
CA VAL B 437 19.97 -30.05 -3.75
C VAL B 437 18.55 -29.97 -3.19
N PRO B 438 18.20 -28.88 -2.51
CA PRO B 438 16.89 -28.82 -1.83
C PRO B 438 15.73 -29.01 -2.79
N GLY B 439 14.85 -29.95 -2.46
CA GLY B 439 13.65 -30.22 -3.23
C GLY B 439 13.81 -31.34 -4.25
N THR B 440 15.02 -31.57 -4.74
CA THR B 440 15.23 -32.51 -5.83
C THR B 440 14.99 -33.94 -5.39
N THR B 441 14.44 -34.75 -6.28
CA THR B 441 14.24 -36.18 -6.08
C THR B 441 15.29 -36.90 -6.93
N VAL B 442 16.42 -37.23 -6.31
CA VAL B 442 17.57 -37.77 -7.02
C VAL B 442 17.94 -39.12 -6.41
N LEU B 443 18.80 -39.84 -7.13
CA LEU B 443 19.43 -41.03 -6.59
C LEU B 443 20.66 -40.64 -5.78
N LEU B 444 20.83 -41.30 -4.62
CA LEU B 444 21.87 -40.90 -3.68
C LEU B 444 23.26 -41.07 -4.30
N ASN B 445 23.97 -39.95 -4.43
CA ASN B 445 25.35 -39.95 -4.93
C ASN B 445 25.45 -40.58 -6.31
N HIS B 446 24.47 -40.29 -7.17
CA HIS B 446 24.47 -40.81 -8.54
C HIS B 446 23.97 -39.71 -9.49
N PRO B 447 24.71 -39.41 -10.56
CA PRO B 447 26.03 -39.98 -10.83
C PRO B 447 27.14 -39.25 -10.08
N GLU B 448 28.38 -39.71 -10.22
CA GLU B 448 29.52 -39.03 -9.61
C GLU B 448 29.69 -37.64 -10.21
N LEU B 449 29.46 -36.60 -9.41
CA LEU B 449 29.45 -35.23 -9.94
C LEU B 449 30.85 -34.84 -10.39
N GLN B 450 30.94 -34.25 -11.59
CA GLN B 450 32.21 -33.79 -12.13
C GLN B 450 31.93 -32.77 -13.22
N SER B 451 32.99 -32.15 -13.72
CA SER B 451 32.84 -31.04 -14.65
C SER B 451 32.17 -31.49 -15.95
N SER B 452 32.45 -32.72 -16.39
CA SER B 452 31.89 -33.20 -17.65
C SER B 452 30.40 -33.50 -17.56
N ILE B 453 29.83 -33.55 -16.35
CA ILE B 453 28.42 -33.88 -16.15
C ILE B 453 27.80 -32.70 -15.40
N VAL B 454 27.34 -31.70 -16.15
CA VAL B 454 26.72 -30.52 -15.57
C VAL B 454 25.50 -30.11 -16.39
N LYS B 455 25.71 -29.77 -17.65
CA LYS B 455 24.68 -29.18 -18.50
C LYS B 455 23.93 -30.27 -19.27
N PHE B 456 22.61 -30.27 -19.14
CA PHE B 456 21.76 -31.24 -19.82
C PHE B 456 20.40 -30.60 -20.10
N ASN B 457 19.76 -31.07 -21.17
CA ASN B 457 18.40 -30.67 -21.52
C ASN B 457 17.42 -31.77 -21.15
N GLY B 458 16.18 -31.36 -20.88
CA GLY B 458 15.15 -32.33 -20.53
C GLY B 458 14.73 -33.19 -21.71
N LYS B 459 14.09 -34.31 -21.40
CA LYS B 459 13.65 -35.27 -22.40
C LYS B 459 12.14 -35.31 -22.60
N LYS B 460 11.37 -34.63 -21.76
CA LYS B 460 9.91 -34.68 -21.83
C LYS B 460 9.34 -33.28 -22.04
N ASP B 461 8.09 -33.25 -22.52
CA ASP B 461 7.39 -32.01 -22.82
C ASP B 461 6.36 -31.62 -21.77
N PHE B 462 5.78 -32.60 -21.07
CA PHE B 462 4.72 -32.33 -20.09
C PHE B 462 5.33 -31.81 -18.79
N VAL B 463 5.91 -30.61 -18.88
CA VAL B 463 6.47 -29.91 -17.73
C VAL B 463 6.00 -28.46 -17.81
N GLY B 464 5.11 -28.07 -16.90
CA GLY B 464 4.57 -26.73 -16.93
C GLY B 464 4.02 -26.32 -15.58
N SER B 465 3.09 -25.38 -15.62
CA SER B 465 2.52 -24.82 -14.39
C SER B 465 1.23 -24.08 -14.73
N VAL B 466 0.29 -24.12 -13.80
CA VAL B 466 -0.97 -23.40 -13.91
C VAL B 466 -1.17 -22.58 -12.65
N SER B 467 -1.66 -21.35 -12.82
CA SER B 467 -1.82 -20.44 -11.69
C SER B 467 -2.88 -19.41 -12.02
N ASP B 468 -3.43 -18.80 -10.96
CA ASP B 468 -4.41 -17.73 -11.10
C ASP B 468 -4.03 -16.50 -10.28
N GLY B 469 -2.75 -16.33 -9.97
CA GLY B 469 -2.27 -15.22 -9.18
C GLY B 469 -2.18 -15.48 -7.69
N THR B 470 -2.98 -16.42 -7.17
CA THR B 470 -2.98 -16.73 -5.75
C THR B 470 -2.53 -18.15 -5.46
N VAL B 471 -3.09 -19.14 -6.15
CA VAL B 471 -2.69 -20.52 -5.99
C VAL B 471 -2.05 -21.01 -7.28
N GLY B 472 -1.07 -21.89 -7.14
CA GLY B 472 -0.32 -22.37 -8.28
C GLY B 472 -0.08 -23.86 -8.20
N LEU B 473 0.02 -24.49 -9.36
CA LEU B 473 0.24 -25.92 -9.46
C LEU B 473 1.19 -26.19 -10.61
N SER B 474 2.42 -26.59 -10.31
CA SER B 474 3.43 -26.90 -11.31
C SER B 474 3.61 -28.41 -11.41
N VAL B 475 3.83 -28.89 -12.64
CA VAL B 475 3.96 -30.31 -12.91
C VAL B 475 5.23 -30.55 -13.70
N GLU B 476 5.74 -31.78 -13.61
CA GLU B 476 7.01 -32.12 -14.27
C GLU B 476 7.02 -33.62 -14.57
N ASP B 477 6.75 -33.96 -15.83
CA ASP B 477 7.00 -35.32 -16.30
C ASP B 477 8.50 -35.50 -16.45
N TYR B 478 9.15 -36.05 -15.42
CA TYR B 478 10.60 -36.02 -15.32
C TYR B 478 11.23 -37.34 -15.73
N VAL B 479 12.35 -37.24 -16.44
CA VAL B 479 13.22 -38.37 -16.75
C VAL B 479 14.66 -37.88 -16.58
N ASP B 480 15.49 -38.68 -15.92
CA ASP B 480 16.88 -38.31 -15.69
C ASP B 480 17.61 -38.18 -17.02
N PRO B 481 18.23 -37.03 -17.31
CA PRO B 481 18.78 -36.80 -18.65
C PRO B 481 20.14 -37.44 -18.88
N TYR B 482 20.93 -37.62 -17.81
CA TYR B 482 22.28 -38.13 -18.00
C TYR B 482 22.27 -39.62 -18.34
N ASP B 483 21.36 -40.38 -17.75
CA ASP B 483 21.35 -41.82 -17.97
C ASP B 483 19.97 -42.47 -17.87
N GLY B 484 18.93 -41.72 -17.52
CA GLY B 484 17.61 -42.32 -17.40
C GLY B 484 17.51 -43.36 -16.30
N ALA B 485 18.31 -43.23 -15.24
CA ALA B 485 18.30 -44.17 -14.15
C ALA B 485 17.09 -44.03 -13.23
N ILE B 486 16.35 -42.92 -13.32
CA ILE B 486 15.18 -42.69 -12.49
C ILE B 486 14.19 -41.85 -13.27
N SER B 487 12.91 -42.23 -13.19
CA SER B 487 11.84 -41.48 -13.82
C SER B 487 10.63 -41.47 -12.89
N TYR B 488 9.88 -40.38 -12.93
CA TYR B 488 8.71 -40.21 -12.09
C TYR B 488 7.88 -39.05 -12.63
N ARG B 489 6.74 -38.81 -11.99
CA ARG B 489 5.88 -37.67 -12.27
C ARG B 489 5.67 -36.92 -10.97
N LYS B 490 6.05 -35.64 -10.95
CA LYS B 490 6.06 -34.85 -9.72
C LYS B 490 5.24 -33.58 -9.92
N ALA B 491 4.52 -33.20 -8.87
CA ALA B 491 3.70 -31.99 -8.89
C ALA B 491 3.84 -31.26 -7.56
N TRP B 492 3.72 -29.93 -7.62
CA TRP B 492 3.74 -29.08 -6.44
C TRP B 492 2.49 -28.21 -6.43
N PHE B 493 1.78 -28.21 -5.31
CA PHE B 493 0.56 -27.42 -5.15
C PHE B 493 0.84 -26.30 -4.14
N PHE B 494 0.79 -25.06 -4.61
CA PHE B 494 1.08 -23.90 -3.77
C PHE B 494 -0.24 -23.22 -3.43
N ALA B 495 -0.61 -23.23 -2.15
CA ALA B 495 -1.81 -22.55 -1.69
C ALA B 495 -1.61 -22.13 -0.24
N GLY B 496 -1.73 -20.84 0.04
CA GLY B 496 -1.53 -20.34 1.38
C GLY B 496 -0.14 -20.65 1.89
N ASP B 497 -0.06 -20.97 3.18
CA ASP B 497 1.21 -21.31 3.82
C ASP B 497 1.50 -22.80 3.80
N SER B 498 1.23 -23.48 2.67
CA SER B 498 1.41 -24.92 2.57
C SER B 498 1.75 -25.28 1.14
N VAL B 499 2.62 -26.27 0.98
CA VAL B 499 3.07 -26.74 -0.32
C VAL B 499 2.97 -28.26 -0.33
N VAL B 500 2.00 -28.79 -1.06
CA VAL B 500 1.81 -30.23 -1.19
C VAL B 500 2.70 -30.74 -2.32
N VAL B 501 3.45 -31.81 -2.04
CA VAL B 501 4.38 -32.41 -3.00
C VAL B 501 3.98 -33.86 -3.19
N ILE B 502 3.58 -34.20 -4.42
CA ILE B 502 3.10 -35.54 -4.75
C ILE B 502 3.99 -36.11 -5.84
N THR B 503 4.81 -37.09 -5.48
CA THR B 503 5.68 -37.80 -6.41
C THR B 503 5.05 -39.15 -6.73
N THR B 504 4.65 -39.34 -7.99
CA THR B 504 3.99 -40.56 -8.42
C THR B 504 4.78 -41.24 -9.53
N ASP B 505 4.49 -42.53 -9.72
CA ASP B 505 5.01 -43.33 -10.83
C ASP B 505 6.53 -43.37 -10.82
N ILE B 506 7.08 -43.82 -9.70
CA ILE B 506 8.53 -43.87 -9.52
C ILE B 506 9.07 -45.13 -10.17
N GLN B 507 10.04 -44.97 -11.07
CA GLN B 507 10.69 -46.08 -11.75
C GLN B 507 12.20 -45.90 -11.64
N VAL B 508 12.90 -46.96 -11.25
CA VAL B 508 14.35 -46.95 -11.08
C VAL B 508 14.92 -48.16 -11.79
N ASN B 509 15.64 -47.93 -12.88
CA ASN B 509 16.34 -49.00 -13.60
C ASN B 509 17.51 -49.47 -12.73
N SER B 510 17.30 -50.58 -12.02
CA SER B 510 18.30 -51.06 -11.06
C SER B 510 19.51 -51.71 -11.72
N SER B 511 19.49 -51.92 -13.04
CA SER B 511 20.65 -52.50 -13.71
C SER B 511 21.80 -51.53 -13.79
N ALA B 512 21.51 -50.23 -13.94
CA ALA B 512 22.57 -49.23 -14.04
C ALA B 512 23.18 -48.91 -12.69
N THR B 513 22.35 -48.68 -11.67
CA THR B 513 22.86 -48.34 -10.35
C THR B 513 21.89 -48.85 -9.30
N THR B 514 22.39 -48.99 -8.07
CA THR B 514 21.61 -49.50 -6.95
C THR B 514 21.46 -48.47 -5.84
N ALA B 515 21.68 -47.19 -6.14
CA ALA B 515 21.55 -46.15 -5.13
C ALA B 515 20.10 -45.98 -4.69
N ASP B 516 19.93 -45.48 -3.46
CA ASP B 516 18.60 -45.28 -2.92
C ASP B 516 17.94 -44.07 -3.58
N ALA B 517 16.65 -44.22 -3.92
CA ALA B 517 15.86 -43.10 -4.40
C ALA B 517 15.45 -42.24 -3.22
N ILE B 518 15.90 -40.98 -3.21
CA ILE B 518 15.70 -40.09 -2.08
C ILE B 518 15.06 -38.79 -2.57
N THR B 519 14.39 -38.12 -1.64
CA THR B 519 13.87 -36.77 -1.85
C THR B 519 14.50 -35.86 -0.82
N VAL B 520 15.17 -34.80 -1.28
CA VAL B 520 15.84 -33.88 -0.38
C VAL B 520 14.82 -32.86 0.12
N LEU B 521 14.65 -32.79 1.45
CA LEU B 521 13.72 -31.83 2.03
C LEU B 521 14.34 -30.45 2.09
N ASP B 522 15.57 -30.35 2.59
CA ASP B 522 16.28 -29.08 2.65
C ASP B 522 17.77 -29.35 2.82
N ASN B 523 18.57 -28.37 2.41
CA ASN B 523 20.02 -28.39 2.60
C ASN B 523 20.43 -26.93 2.82
N ARG B 524 20.36 -26.49 4.08
CA ARG B 524 20.44 -25.09 4.43
C ARG B 524 21.59 -24.87 5.43
N ALA B 525 21.77 -23.60 5.80
CA ALA B 525 22.73 -23.26 6.84
C ALA B 525 22.13 -23.52 8.21
N SER B 526 23.01 -23.79 9.18
CA SER B 526 22.55 -24.10 10.53
C SER B 526 21.82 -22.91 11.13
N ALA B 527 20.63 -23.17 11.67
CA ALA B 527 19.84 -22.17 12.37
C ALA B 527 19.70 -22.56 13.84
N ASP B 528 19.52 -21.56 14.68
CA ASP B 528 19.37 -21.80 16.11
C ASP B 528 18.11 -22.60 16.40
N GLY B 529 18.24 -23.62 17.25
CA GLY B 529 17.15 -24.51 17.58
C GLY B 529 17.56 -25.96 17.48
N ASP B 530 16.60 -26.84 17.79
CA ASP B 530 16.82 -28.27 17.77
C ASP B 530 15.93 -28.94 16.74
N ILE B 531 16.37 -30.09 16.25
CA ILE B 531 15.59 -30.91 15.34
C ILE B 531 14.48 -31.62 16.11
N VAL B 532 13.29 -31.67 15.52
CA VAL B 532 12.11 -32.23 16.17
C VAL B 532 11.49 -33.24 15.23
N VAL B 533 11.50 -34.52 15.64
CA VAL B 533 10.86 -35.60 14.90
C VAL B 533 9.81 -36.21 15.81
N ASP B 534 8.53 -36.00 15.49
CA ASP B 534 7.41 -36.48 16.29
C ASP B 534 7.47 -35.96 17.72
N GLY B 535 8.08 -34.78 17.92
CA GLY B 535 8.19 -34.18 19.24
C GLY B 535 9.41 -34.59 20.03
N LYS B 536 10.32 -35.37 19.44
CA LYS B 536 11.49 -35.90 20.14
C LYS B 536 12.76 -35.28 19.57
N THR B 537 13.57 -34.70 20.44
CA THR B 537 14.81 -34.06 20.01
C THR B 537 15.79 -35.10 19.46
N VAL B 538 16.37 -34.79 18.31
CA VAL B 538 17.29 -35.69 17.62
C VAL B 538 18.65 -35.02 17.56
N ASP B 539 19.67 -35.69 18.10
CA ASP B 539 21.04 -35.20 18.03
C ASP B 539 21.67 -35.71 16.73
N ALA B 540 21.82 -34.82 15.76
CA ALA B 540 22.38 -35.18 14.47
C ALA B 540 23.78 -34.60 14.27
N SER B 541 24.55 -34.49 15.35
CA SER B 541 25.96 -34.10 15.21
C SER B 541 26.71 -35.08 14.33
N THR B 542 26.34 -36.35 14.38
CA THR B 542 26.79 -37.37 13.46
C THR B 542 25.61 -37.81 12.60
N GLU B 543 25.91 -38.30 11.39
CA GLU B 543 24.89 -38.68 10.43
C GLU B 543 23.93 -39.70 11.04
N THR B 544 22.68 -39.30 11.23
CA THR B 544 21.69 -40.08 11.96
C THR B 544 20.50 -40.39 11.06
N SER B 545 20.02 -41.63 11.13
CA SER B 545 18.81 -42.05 10.44
C SER B 545 17.69 -42.26 11.45
N ILE B 546 16.46 -42.01 11.00
CA ILE B 546 15.29 -42.05 11.89
C ILE B 546 14.05 -42.03 11.02
N GLU B 547 12.94 -42.55 11.56
CA GLU B 547 11.63 -42.47 10.95
C GLU B 547 10.75 -41.50 11.72
N GLY B 548 9.71 -41.00 11.06
CA GLY B 548 8.80 -40.07 11.70
C GLY B 548 7.79 -39.54 10.70
N HIS B 549 6.78 -38.86 11.26
CA HIS B 549 5.73 -38.23 10.47
C HIS B 549 5.88 -36.72 10.38
N SER B 550 6.65 -36.09 11.26
CA SER B 550 6.80 -34.64 11.29
C SER B 550 8.26 -34.28 11.50
N LEU B 551 8.70 -33.23 10.82
CA LEU B 551 10.07 -32.73 10.95
C LEU B 551 10.03 -31.22 11.08
N ILE B 552 10.74 -30.69 12.08
CA ILE B 552 10.74 -29.26 12.37
C ILE B 552 12.18 -28.81 12.59
N TYR B 553 12.62 -27.82 11.82
CA TYR B 553 13.92 -27.21 11.99
C TYR B 553 13.92 -25.83 11.33
N GLY B 554 14.59 -24.88 11.98
CA GLY B 554 14.73 -23.54 11.43
C GLY B 554 13.42 -22.84 11.13
N GLY B 555 12.34 -23.22 11.81
CA GLY B 555 11.06 -22.59 11.60
C GLY B 555 10.21 -23.18 10.49
N ASN B 556 10.66 -24.25 9.86
CA ASN B 556 9.94 -24.89 8.77
C ASN B 556 9.45 -26.27 9.21
N GLY B 557 8.30 -26.67 8.67
CA GLY B 557 7.67 -27.92 9.02
C GLY B 557 7.45 -28.81 7.80
N TYR B 558 7.60 -30.12 8.01
CA TYR B 558 7.42 -31.12 6.97
C TYR B 558 6.47 -32.20 7.48
N LEU B 559 5.29 -32.29 6.88
CA LEU B 559 4.27 -33.26 7.26
C LEU B 559 4.18 -34.35 6.20
N ALA B 560 4.17 -35.60 6.64
CA ALA B 560 4.05 -36.75 5.75
C ALA B 560 2.62 -37.26 5.75
N TYR B 561 2.08 -37.53 4.57
CA TYR B 561 0.75 -38.10 4.43
C TYR B 561 0.86 -39.62 4.41
N GLN B 562 0.06 -40.29 5.24
CA GLN B 562 0.02 -41.75 5.27
C GLN B 562 1.39 -42.34 5.53
N THR B 563 2.11 -42.70 4.46
CA THR B 563 3.45 -43.25 4.59
C THR B 563 4.37 -42.26 5.30
N PRO B 564 5.06 -42.67 6.35
CA PRO B 564 5.91 -41.76 7.11
C PRO B 564 7.24 -41.50 6.40
N PHE B 565 8.03 -40.61 6.98
CA PHE B 565 9.36 -40.31 6.48
C PHE B 565 10.35 -41.41 6.85
N ASN B 566 11.49 -41.41 6.16
CA ASN B 566 12.64 -42.27 6.46
C ASN B 566 13.88 -41.37 6.41
N LEU B 567 14.05 -40.56 7.45
CA LEU B 567 15.00 -39.46 7.42
C LEU B 567 16.44 -39.92 7.57
N THR B 568 17.36 -39.13 7.02
CA THR B 568 18.79 -39.27 7.25
C THR B 568 19.32 -37.86 7.51
N LEU B 569 19.62 -37.55 8.77
CA LEU B 569 19.88 -36.19 9.20
C LEU B 569 21.36 -35.96 9.48
N PHE B 570 21.78 -34.70 9.34
CA PHE B 570 23.13 -34.28 9.68
C PHE B 570 23.11 -32.79 9.95
N GLU B 571 23.89 -32.36 10.93
CA GLU B 571 24.01 -30.94 11.26
C GLU B 571 25.36 -30.70 11.92
N GLY B 572 26.13 -29.77 11.38
CA GLY B 572 27.43 -29.48 11.91
C GLY B 572 28.30 -28.83 10.85
N ASN B 573 29.60 -28.79 11.14
CA ASN B 573 30.55 -28.13 10.27
C ASN B 573 30.93 -29.02 9.11
N ARG B 574 30.94 -28.44 7.90
CA ARG B 574 31.52 -29.05 6.72
C ARG B 574 32.63 -28.15 6.22
N THR B 575 33.46 -28.69 5.33
CA THR B 575 34.62 -27.98 4.81
C THR B 575 34.65 -28.09 3.30
N GLY B 576 34.86 -26.96 2.63
CA GLY B 576 34.95 -26.94 1.18
C GLY B 576 35.97 -25.92 0.73
N ASN B 577 36.27 -25.97 -0.56
CA ASN B 577 37.28 -25.14 -1.18
C ASN B 577 36.62 -24.30 -2.28
N TRP B 578 36.61 -22.98 -2.09
CA TRP B 578 36.05 -22.10 -3.12
C TRP B 578 36.86 -22.17 -4.41
N SER B 579 38.18 -22.33 -4.31
CA SER B 579 39.05 -22.36 -5.46
C SER B 579 39.02 -23.70 -6.20
N ALA B 580 38.34 -24.70 -5.65
CA ALA B 580 38.19 -25.99 -6.32
C ALA B 580 36.91 -26.07 -7.16
N ILE B 581 35.97 -25.16 -6.95
CA ILE B 581 34.74 -25.12 -7.73
C ILE B 581 34.69 -23.94 -8.69
N SER B 582 35.58 -22.96 -8.54
CA SER B 582 35.64 -21.82 -9.45
C SER B 582 37.04 -21.25 -9.43
N THR B 583 37.25 -20.16 -10.16
CA THR B 583 38.51 -19.46 -10.18
C THR B 583 38.67 -18.49 -9.02
N SER B 584 37.79 -18.54 -8.04
CA SER B 584 37.85 -17.64 -6.90
C SER B 584 39.13 -17.84 -6.11
N LEU B 585 39.45 -16.86 -5.27
CA LEU B 585 40.66 -16.90 -4.44
C LEU B 585 40.35 -16.95 -2.95
N GLU B 586 39.10 -17.23 -2.57
CA GLU B 586 38.76 -17.31 -1.15
C GLU B 586 39.38 -18.53 -0.48
N GLY B 587 39.81 -19.52 -1.26
CA GLY B 587 40.41 -20.71 -0.66
C GLY B 587 39.34 -21.58 -0.05
N GLU B 588 39.58 -22.02 1.19
CA GLU B 588 38.64 -22.88 1.87
C GLU B 588 37.66 -22.08 2.72
N THR B 589 36.53 -22.71 3.01
CA THR B 589 35.52 -22.14 3.89
C THR B 589 34.93 -23.26 4.74
N THR B 590 34.57 -22.91 5.97
CA THR B 590 33.97 -23.86 6.91
C THR B 590 32.72 -23.21 7.49
N VAL B 591 31.55 -23.74 7.14
CA VAL B 591 30.28 -23.21 7.60
C VAL B 591 29.46 -24.34 8.20
N SER B 592 28.60 -23.99 9.15
CA SER B 592 27.73 -24.98 9.78
C SER B 592 26.51 -25.20 8.91
N ILE B 593 26.23 -26.46 8.59
CA ILE B 593 25.24 -26.82 7.58
C ILE B 593 24.31 -27.89 8.15
N PHE B 594 23.00 -27.71 7.96
CA PHE B 594 22.00 -28.70 8.27
C PHE B 594 21.46 -29.29 6.97
N SER B 595 21.53 -30.62 6.83
CA SER B 595 21.09 -31.32 5.63
C SER B 595 20.23 -32.50 6.02
N ALA B 596 19.04 -32.59 5.40
CA ALA B 596 18.09 -33.65 5.70
C ALA B 596 17.49 -34.18 4.40
N TYR B 597 17.37 -35.50 4.30
CA TYR B 597 16.74 -36.11 3.15
C TYR B 597 16.10 -37.43 3.56
N THR B 598 14.96 -37.73 2.96
CA THR B 598 14.22 -38.94 3.25
C THR B 598 14.41 -39.97 2.14
N THR B 599 14.41 -41.25 2.53
CA THR B 599 14.40 -42.34 1.56
C THR B 599 12.96 -42.62 1.13
N LEU B 600 12.78 -42.94 -0.16
CA LEU B 600 11.41 -43.00 -0.64
C LEU B 600 10.91 -44.44 -0.73
N PRO B 601 9.60 -44.64 -0.55
CA PRO B 601 9.01 -45.94 -0.87
C PRO B 601 9.04 -46.24 -2.36
N LYS B 602 8.55 -47.41 -2.77
CA LYS B 602 8.77 -47.86 -4.14
C LYS B 602 7.80 -47.24 -5.13
N ASP B 603 6.55 -47.02 -4.74
CA ASP B 603 5.51 -46.63 -5.70
C ASP B 603 5.17 -45.15 -5.65
N SER B 604 4.94 -44.59 -4.47
CA SER B 604 4.52 -43.19 -4.40
C SER B 604 4.75 -42.66 -2.99
N PHE B 605 4.93 -41.35 -2.89
CA PHE B 605 5.15 -40.69 -1.61
C PHE B 605 4.69 -39.24 -1.71
N SER B 606 3.96 -38.80 -0.69
CA SER B 606 3.46 -37.44 -0.62
C SER B 606 3.79 -36.82 0.73
N TYR B 607 4.05 -35.52 0.73
CA TYR B 607 4.31 -34.78 1.96
C TYR B 607 3.95 -33.32 1.74
N ALA B 608 4.07 -32.53 2.79
CA ALA B 608 3.72 -31.11 2.75
C ALA B 608 4.79 -30.29 3.43
N PHE B 609 4.97 -29.06 2.95
CA PHE B 609 5.99 -28.14 3.42
C PHE B 609 5.33 -26.87 3.95
N PHE B 610 5.72 -26.46 5.15
CA PHE B 610 5.10 -25.32 5.85
C PHE B 610 6.15 -24.29 6.23
N PRO B 611 6.40 -23.30 5.38
CA PRO B 611 7.36 -22.26 5.74
C PRO B 611 6.78 -21.31 6.78
N ALA B 612 7.67 -20.73 7.58
CA ALA B 612 7.31 -19.74 8.60
C ALA B 612 6.26 -20.28 9.57
N ALA B 613 6.29 -21.59 9.83
CA ALA B 613 5.35 -22.23 10.74
C ALA B 613 6.02 -22.55 12.06
N ASP B 614 5.20 -22.86 13.05
CA ASP B 614 5.66 -23.22 14.39
C ASP B 614 5.08 -24.58 14.77
N ASN B 615 5.45 -25.05 15.96
CA ASN B 615 4.97 -26.36 16.42
C ASN B 615 3.46 -26.37 16.57
N LYS B 616 2.86 -25.22 16.90
CA LYS B 616 1.41 -25.15 17.03
C LYS B 616 0.72 -25.34 15.70
N ARG B 617 1.22 -24.68 14.65
CA ARG B 617 0.68 -24.85 13.31
C ARG B 617 0.77 -26.30 12.86
N LEU B 618 1.92 -26.95 13.09
CA LEU B 618 2.07 -28.34 12.68
C LEU B 618 1.19 -29.27 13.50
N ASP B 619 0.95 -28.96 14.77
CA ASP B 619 0.02 -29.78 15.55
C ASP B 619 -1.40 -29.64 15.01
N GLN B 620 -1.83 -28.40 14.74
CA GLN B 620 -3.13 -28.18 14.12
C GLN B 620 -3.26 -28.93 12.80
N GLU B 621 -2.17 -28.97 12.02
CA GLU B 621 -2.21 -29.62 10.72
C GLU B 621 -2.27 -31.13 10.86
N MET B 622 -1.41 -31.71 11.69
CA MET B 622 -1.40 -33.16 11.88
C MET B 622 -2.71 -33.64 12.49
N LYS B 623 -3.39 -32.79 13.26
CA LYS B 623 -4.69 -33.14 13.81
C LYS B 623 -5.84 -32.80 12.90
N SER B 624 -5.63 -31.94 11.90
CA SER B 624 -6.68 -31.59 10.94
C SER B 624 -6.01 -31.15 9.64
N PRO B 625 -5.68 -32.09 8.76
CA PRO B 625 -5.02 -31.73 7.51
C PRO B 625 -5.95 -30.92 6.62
N THR B 626 -5.46 -29.76 6.18
CA THR B 626 -6.21 -28.91 5.26
C THR B 626 -6.05 -29.32 3.80
N SER B 627 -5.24 -30.34 3.52
CA SER B 627 -5.02 -30.82 2.16
C SER B 627 -5.15 -32.33 2.14
N THR B 628 -5.42 -32.88 0.96
CA THR B 628 -5.58 -34.31 0.81
C THR B 628 -5.12 -34.75 -0.58
N PRO B 629 -3.96 -35.41 -0.68
CA PRO B 629 -3.51 -35.91 -1.98
C PRO B 629 -4.36 -37.08 -2.44
N ILE B 630 -4.63 -37.13 -3.74
CA ILE B 630 -5.48 -38.15 -4.34
C ILE B 630 -4.80 -38.62 -5.63
N VAL B 631 -4.32 -39.86 -5.64
CA VAL B 631 -3.72 -40.47 -6.81
C VAL B 631 -4.69 -41.51 -7.37
N GLN B 632 -4.94 -41.45 -8.67
CA GLN B 632 -5.95 -42.30 -9.29
C GLN B 632 -5.86 -42.26 -10.82
N ASP B 633 -5.46 -43.39 -11.41
CA ASP B 633 -5.51 -43.61 -12.86
C ASP B 633 -4.79 -42.50 -13.63
N ASN B 634 -3.48 -42.44 -13.42
CA ASN B 634 -2.59 -41.50 -14.09
C ASN B 634 -2.99 -40.04 -13.85
N ILE B 635 -3.71 -39.77 -12.76
CA ILE B 635 -4.19 -38.43 -12.44
C ILE B 635 -3.75 -38.09 -11.02
N THR B 636 -3.19 -36.89 -10.85
CA THR B 636 -2.81 -36.38 -9.54
C THR B 636 -3.74 -35.22 -9.18
N ALA B 637 -4.31 -35.28 -7.98
CA ALA B 637 -5.26 -34.28 -7.52
C ALA B 637 -4.94 -33.86 -6.10
N VAL B 638 -5.28 -32.61 -5.78
CA VAL B 638 -5.06 -32.04 -4.46
C VAL B 638 -6.36 -31.39 -4.01
N LEU B 639 -6.99 -31.96 -2.98
CA LEU B 639 -8.19 -31.39 -2.39
C LEU B 639 -7.79 -30.56 -1.18
N SER B 640 -8.04 -29.25 -1.24
CA SER B 640 -7.66 -28.34 -0.19
C SER B 640 -8.74 -27.28 -0.02
N SER B 641 -8.59 -26.46 1.03
CA SER B 641 -9.55 -25.40 1.31
C SER B 641 -9.52 -24.29 0.26
N HIS B 642 -8.45 -24.20 -0.53
CA HIS B 642 -8.33 -23.15 -1.53
C HIS B 642 -8.86 -23.56 -2.90
N GLY B 643 -9.20 -24.83 -3.09
CA GLY B 643 -9.69 -25.29 -4.37
C GLY B 643 -9.29 -26.74 -4.59
N LEU B 644 -9.38 -27.15 -5.85
CA LEU B 644 -9.05 -28.52 -6.24
C LEU B 644 -8.04 -28.47 -7.38
N GLY B 645 -6.80 -28.88 -7.09
CA GLY B 645 -5.83 -29.07 -8.15
C GLY B 645 -6.02 -30.40 -8.85
N LEU B 646 -5.75 -30.41 -10.15
CA LEU B 646 -6.02 -31.58 -10.97
C LEU B 646 -5.00 -31.66 -12.10
N VAL B 647 -4.29 -32.78 -12.16
CA VAL B 647 -3.22 -33.00 -13.13
C VAL B 647 -3.60 -34.21 -13.99
N PHE B 648 -3.70 -34.00 -15.31
CA PHE B 648 -3.94 -35.09 -16.25
C PHE B 648 -2.61 -35.43 -16.92
N TRP B 649 -1.92 -36.42 -16.39
CA TRP B 649 -0.65 -36.84 -16.95
C TRP B 649 -0.87 -37.49 -18.33
N PRO B 650 0.16 -37.54 -19.17
CA PRO B 650 0.02 -38.21 -20.46
C PRO B 650 -0.39 -39.66 -20.30
N GLY B 651 -1.27 -40.12 -21.19
CA GLY B 651 -1.85 -41.44 -21.09
C GLY B 651 -3.12 -41.52 -20.28
N SER B 652 -3.74 -40.38 -19.97
CA SER B 652 -4.96 -40.33 -19.18
C SER B 652 -6.10 -39.70 -19.98
N GLU B 653 -6.14 -39.97 -21.27
CA GLU B 653 -7.21 -39.45 -22.14
C GLU B 653 -8.44 -40.34 -21.99
N GLY B 654 -9.48 -39.81 -21.35
CA GLY B 654 -10.71 -40.54 -21.13
C GLY B 654 -10.95 -40.98 -19.70
N ALA B 655 -10.07 -40.63 -18.78
CA ALA B 655 -10.24 -41.00 -17.38
C ALA B 655 -11.23 -40.06 -16.70
N ASN B 656 -11.65 -40.44 -15.49
CA ASN B 656 -12.62 -39.68 -14.72
C ASN B 656 -12.13 -39.47 -13.30
N PHE B 657 -12.44 -38.30 -12.75
CA PHE B 657 -12.17 -37.98 -11.36
C PHE B 657 -13.47 -37.54 -10.70
N THR B 658 -13.94 -38.33 -9.73
CA THR B 658 -15.21 -38.09 -9.08
C THR B 658 -14.96 -37.59 -7.66
N ILE B 659 -15.57 -36.45 -7.31
CA ILE B 659 -15.43 -35.85 -5.99
C ILE B 659 -16.78 -35.27 -5.58
N LYS B 660 -17.14 -35.47 -4.32
CA LYS B 660 -18.42 -34.98 -3.82
C LYS B 660 -18.32 -33.50 -3.46
N PHE B 661 -19.43 -32.79 -3.63
CA PHE B 661 -19.48 -31.38 -3.28
C PHE B 661 -19.17 -31.15 -1.80
N ALA B 662 -19.56 -32.09 -0.94
CA ALA B 662 -19.26 -31.94 0.48
C ALA B 662 -17.77 -32.01 0.76
N GLU B 663 -17.02 -32.71 -0.09
CA GLU B 663 -15.57 -32.79 0.10
C GLU B 663 -14.89 -31.49 -0.29
N LEU B 664 -15.49 -30.72 -1.20
CA LEU B 664 -14.97 -29.42 -1.59
C LEU B 664 -15.43 -28.29 -0.67
N GLY B 665 -16.56 -28.45 0.00
CA GLY B 665 -17.13 -27.39 0.80
C GLY B 665 -18.14 -26.54 0.06
N TRP B 666 -18.73 -27.04 -1.02
CA TRP B 666 -19.70 -26.29 -1.81
C TRP B 666 -21.13 -26.60 -1.37
N GLY B 667 -21.49 -27.87 -1.38
CA GLY B 667 -22.82 -28.28 -0.96
C GLY B 667 -22.76 -29.60 -0.23
N LYS B 668 -23.77 -29.82 0.63
CA LYS B 668 -23.76 -31.02 1.46
C LYS B 668 -23.92 -32.30 0.65
N THR B 669 -24.65 -32.24 -0.45
CA THR B 669 -24.86 -33.41 -1.30
C THR B 669 -24.45 -33.09 -2.73
N GLY B 670 -24.22 -34.13 -3.50
CA GLY B 670 -23.85 -33.97 -4.90
C GLY B 670 -22.37 -34.22 -5.12
N SER B 671 -22.05 -34.79 -6.28
CA SER B 671 -20.69 -35.09 -6.68
C SER B 671 -20.37 -34.38 -8.00
N MET B 672 -19.13 -34.54 -8.45
CA MET B 672 -18.65 -33.92 -9.67
C MET B 672 -17.68 -34.87 -10.36
N THR B 673 -17.96 -35.19 -11.61
CA THR B 673 -17.13 -36.09 -12.41
C THR B 673 -16.41 -35.27 -13.47
N ILE B 674 -15.08 -35.22 -13.38
CA ILE B 674 -14.25 -34.40 -14.26
C ILE B 674 -13.59 -35.28 -15.30
N SER B 675 -13.52 -34.79 -16.54
CA SER B 675 -12.89 -35.52 -17.62
C SER B 675 -12.26 -34.53 -18.59
N SER B 676 -11.09 -34.90 -19.13
CA SER B 676 -10.36 -34.07 -20.06
C SER B 676 -10.07 -34.85 -21.34
N ALA B 677 -10.06 -34.13 -22.47
CA ALA B 677 -9.80 -34.76 -23.76
C ALA B 677 -8.31 -34.99 -23.97
N GLN B 678 -7.47 -34.01 -23.64
CA GLN B 678 -6.03 -34.10 -23.78
C GLN B 678 -5.39 -33.74 -22.45
N PRO B 679 -4.14 -34.18 -22.22
CA PRO B 679 -3.48 -33.88 -20.95
C PRO B 679 -3.36 -32.39 -20.70
N GLY B 680 -3.36 -32.02 -19.43
CA GLY B 680 -3.26 -30.63 -19.05
C GLY B 680 -3.40 -30.46 -17.56
N ALA B 681 -3.12 -29.25 -17.09
CA ALA B 681 -3.22 -28.89 -15.69
C ALA B 681 -4.44 -28.01 -15.48
N TYR B 682 -5.11 -28.20 -14.34
CA TYR B 682 -6.38 -27.52 -14.10
C TYR B 682 -6.47 -27.06 -12.65
N LEU B 683 -7.21 -25.98 -12.44
CA LEU B 683 -7.51 -25.46 -11.11
C LEU B 683 -9.01 -25.26 -11.00
N LEU B 684 -9.59 -25.70 -9.88
CA LEU B 684 -11.03 -25.57 -9.63
C LEU B 684 -11.23 -24.98 -8.24
N ARG B 685 -11.58 -23.70 -8.20
CA ARG B 685 -11.80 -22.98 -6.95
C ARG B 685 -13.27 -22.56 -6.87
N GLY B 686 -13.90 -22.84 -5.75
CA GLY B 686 -15.31 -22.52 -5.54
C GLY B 686 -15.46 -21.36 -4.56
N TYR B 687 -16.44 -20.50 -4.83
CA TYR B 687 -16.76 -19.37 -3.97
C TYR B 687 -18.24 -19.39 -3.67
N ASN B 688 -18.59 -19.35 -2.38
CA ASN B 688 -19.98 -19.40 -1.97
C ASN B 688 -20.65 -18.05 -2.25
N ASP B 689 -21.75 -18.08 -3.01
CA ASP B 689 -22.50 -16.88 -3.36
C ASP B 689 -23.83 -16.93 -2.63
N SER B 690 -24.01 -16.04 -1.65
CA SER B 690 -25.26 -15.98 -0.91
C SER B 690 -26.33 -15.18 -1.66
N ALA B 691 -25.92 -14.20 -2.47
CA ALA B 691 -26.89 -13.40 -3.21
C ALA B 691 -27.61 -14.25 -4.25
N LYS B 692 -26.88 -14.77 -5.23
CA LYS B 692 -27.47 -15.64 -6.24
C LYS B 692 -27.87 -17.00 -5.70
N GLY B 693 -27.46 -17.35 -4.48
CA GLY B 693 -27.76 -18.65 -3.91
C GLY B 693 -27.11 -19.77 -4.67
N GLY B 694 -25.78 -19.78 -4.71
CA GLY B 694 -25.06 -20.81 -5.44
C GLY B 694 -23.58 -20.67 -5.25
N VAL B 695 -22.83 -21.28 -6.16
CA VAL B 695 -21.37 -21.30 -6.11
C VAL B 695 -20.83 -20.76 -7.43
N ARG B 696 -19.92 -19.80 -7.34
CA ARG B 696 -19.24 -19.25 -8.52
C ARG B 696 -17.93 -20.00 -8.70
N LEU B 697 -17.85 -20.85 -9.72
CA LEU B 697 -16.70 -21.68 -9.97
C LEU B 697 -15.81 -21.03 -11.02
N VAL B 698 -14.50 -20.98 -10.73
CA VAL B 698 -13.51 -20.46 -11.66
C VAL B 698 -12.59 -21.61 -12.05
N ALA B 699 -12.51 -21.88 -13.35
CA ALA B 699 -11.72 -22.98 -13.87
C ALA B 699 -10.54 -22.43 -14.66
N THR B 700 -9.33 -22.73 -14.19
CA THR B 700 -8.10 -22.31 -14.85
C THR B 700 -7.44 -23.53 -15.48
N LEU B 701 -6.88 -23.34 -16.68
CA LEU B 701 -6.30 -24.47 -17.40
C LEU B 701 -5.16 -23.98 -18.28
N SER B 702 -4.35 -24.94 -18.73
CA SER B 702 -3.20 -24.69 -19.59
C SER B 702 -2.68 -26.04 -20.06
N ASP B 703 -1.70 -25.99 -20.97
CA ASP B 703 -1.08 -27.19 -21.52
C ASP B 703 0.42 -27.14 -21.28
N PRO B 704 0.98 -28.03 -20.46
CA PRO B 704 2.43 -27.98 -20.22
C PRO B 704 3.26 -28.32 -21.45
N THR B 705 2.75 -29.14 -22.37
CA THR B 705 3.52 -29.50 -23.55
C THR B 705 3.71 -28.34 -24.51
N GLN B 706 2.87 -27.31 -24.42
CA GLN B 706 2.96 -26.12 -25.27
C GLN B 706 2.83 -26.47 -26.76
N LYS B 707 2.09 -27.53 -27.07
CA LYS B 707 1.94 -27.96 -28.45
C LYS B 707 0.49 -28.22 -28.87
N ALA B 708 -0.46 -28.20 -27.95
CA ALA B 708 -1.87 -28.30 -28.32
C ALA B 708 -2.46 -26.91 -28.51
N THR B 709 -3.44 -26.82 -29.42
CA THR B 709 -4.06 -25.55 -29.75
C THR B 709 -5.46 -25.39 -29.18
N SER B 710 -6.14 -26.48 -28.83
CA SER B 710 -7.49 -26.41 -28.27
C SER B 710 -7.59 -27.35 -27.09
N ALA B 711 -8.63 -27.15 -26.29
CA ALA B 711 -8.85 -27.92 -25.08
C ALA B 711 -10.21 -28.61 -25.12
N GLY B 712 -10.34 -29.63 -24.28
CA GLY B 712 -11.57 -30.38 -24.17
C GLY B 712 -11.94 -30.64 -22.72
N PHE B 713 -12.22 -29.57 -21.97
CA PHE B 713 -12.55 -29.67 -20.56
C PHE B 713 -14.04 -29.93 -20.39
N SER B 714 -14.37 -30.95 -19.59
CA SER B 714 -15.76 -31.37 -19.43
C SER B 714 -16.03 -31.70 -17.98
N LEU B 715 -17.07 -31.09 -17.41
CA LEU B 715 -17.53 -31.36 -16.06
C LEU B 715 -18.89 -32.05 -16.12
N VAL B 716 -19.12 -32.96 -15.18
CA VAL B 716 -20.39 -33.66 -15.04
C VAL B 716 -20.83 -33.52 -13.58
N LEU B 717 -21.92 -32.80 -13.35
CA LEU B 717 -22.41 -32.54 -12.01
C LEU B 717 -23.56 -33.49 -11.67
N GLN B 718 -23.67 -33.82 -10.39
CA GLN B 718 -24.79 -34.59 -9.85
C GLN B 718 -25.47 -33.75 -8.78
N GLY B 719 -26.75 -33.45 -8.98
CA GLY B 719 -27.48 -32.65 -8.02
C GLY B 719 -27.12 -31.18 -8.07
N ALA B 720 -26.84 -30.65 -9.25
CA ALA B 720 -26.50 -29.24 -9.42
C ALA B 720 -26.82 -28.83 -10.84
N LYS B 721 -26.88 -27.52 -11.06
CA LYS B 721 -27.20 -26.97 -12.36
C LYS B 721 -26.16 -25.91 -12.73
N VAL B 722 -25.75 -25.92 -13.99
CA VAL B 722 -24.73 -25.00 -14.50
C VAL B 722 -25.43 -23.85 -15.22
N GLU B 723 -24.99 -22.63 -14.95
CA GLU B 723 -25.55 -21.43 -15.56
C GLU B 723 -24.40 -20.57 -16.05
N ASN B 724 -24.40 -20.28 -17.35
CA ASN B 724 -23.35 -19.47 -17.94
C ASN B 724 -23.53 -18.01 -17.55
N PRO B 725 -22.54 -17.38 -16.90
CA PRO B 725 -22.69 -15.97 -16.53
C PRO B 725 -22.69 -15.04 -17.72
N TYR B 726 -21.90 -15.35 -18.76
CA TYR B 726 -21.84 -14.49 -19.93
C TYR B 726 -23.11 -14.61 -20.79
N GLY B 727 -23.82 -15.73 -20.67
CA GLY B 727 -25.05 -15.99 -21.41
C GLY B 727 -24.86 -16.06 -22.91
N TYR B 728 -23.61 -16.08 -23.35
CA TYR B 728 -23.25 -16.14 -24.76
C TYR B 728 -22.40 -17.38 -25.01
N ASN B 729 -22.85 -18.23 -25.94
CA ASN B 729 -22.03 -19.34 -26.41
C ASN B 729 -20.94 -18.90 -27.38
N ASP B 730 -20.67 -17.60 -27.48
CA ASP B 730 -19.66 -17.08 -28.39
C ASP B 730 -18.27 -17.60 -28.08
N THR B 731 -18.03 -18.10 -26.87
CA THR B 731 -16.73 -18.61 -26.46
C THR B 731 -16.66 -20.13 -26.52
N GLY B 732 -17.35 -20.74 -27.48
CA GLY B 732 -17.36 -22.19 -27.62
C GLY B 732 -17.84 -22.94 -26.39
N ILE B 733 -18.65 -22.29 -25.55
CA ILE B 733 -19.09 -22.88 -24.29
C ILE B 733 -20.42 -23.59 -24.50
N ILE B 734 -20.48 -24.84 -24.07
CA ILE B 734 -21.70 -25.65 -24.16
C ILE B 734 -22.14 -25.96 -22.73
N VAL B 735 -23.19 -25.26 -22.27
CA VAL B 735 -23.75 -25.45 -20.95
C VAL B 735 -25.09 -26.16 -21.10
N SER B 736 -25.23 -27.31 -20.45
CA SER B 736 -26.48 -28.05 -20.39
C SER B 736 -27.01 -28.01 -18.96
N ASN B 737 -27.76 -29.04 -18.56
CA ASN B 737 -28.30 -29.09 -17.21
C ASN B 737 -27.20 -29.28 -16.18
N ASN B 738 -26.40 -30.35 -16.33
CA ASN B 738 -25.37 -30.69 -15.36
C ASN B 738 -24.02 -30.97 -16.02
N THR B 739 -23.85 -30.64 -17.29
CA THR B 739 -22.62 -30.88 -18.01
C THR B 739 -22.14 -29.57 -18.62
N PHE B 740 -20.83 -29.31 -18.50
CA PHE B 740 -20.21 -28.09 -18.99
C PHE B 740 -18.98 -28.49 -19.80
N ASN B 741 -19.09 -28.42 -21.12
CA ASN B 741 -17.97 -28.71 -22.01
C ASN B 741 -17.29 -27.41 -22.41
N LEU B 742 -15.96 -27.44 -22.43
CA LEU B 742 -15.15 -26.24 -22.67
C LEU B 742 -14.19 -26.50 -23.82
N GLU B 743 -14.53 -25.99 -25.00
CA GLU B 743 -13.66 -26.04 -26.17
C GLU B 743 -13.15 -24.63 -26.41
N VAL B 744 -11.96 -24.34 -25.88
CA VAL B 744 -11.40 -22.99 -25.97
C VAL B 744 -10.05 -23.06 -26.69
N PRO B 745 -9.65 -21.99 -27.39
CA PRO B 745 -8.31 -21.96 -27.99
C PRO B 745 -7.26 -21.62 -26.95
N LEU B 746 -6.24 -22.48 -26.84
CA LEU B 746 -5.16 -22.23 -25.91
C LEU B 746 -4.21 -21.19 -26.48
N PRO B 747 -3.49 -20.47 -25.62
CA PRO B 747 -2.55 -19.46 -26.12
C PRO B 747 -1.48 -20.09 -27.01
N THR B 748 -1.09 -19.35 -28.05
CA THR B 748 -0.15 -19.83 -29.05
C THR B 748 1.00 -18.85 -29.20
N GLY B 749 2.05 -19.29 -29.89
CA GLY B 749 3.21 -18.44 -30.11
C GLY B 749 4.02 -18.30 -28.84
N GLY B 750 4.37 -17.06 -28.50
CA GLY B 750 5.15 -16.78 -27.30
C GLY B 750 4.40 -17.00 -26.00
N MET B 751 3.10 -17.28 -26.07
CA MET B 751 2.29 -17.52 -24.89
C MET B 751 1.94 -18.99 -24.70
N ALA B 752 2.54 -19.88 -25.49
CA ALA B 752 2.28 -21.31 -25.37
C ALA B 752 2.69 -21.81 -23.99
N GLY B 753 1.72 -22.33 -23.24
CA GLY B 753 1.95 -22.83 -21.89
C GLY B 753 1.42 -21.97 -20.78
N SER B 754 0.75 -20.86 -21.10
CA SER B 754 0.19 -19.97 -20.10
C SER B 754 -1.24 -20.37 -19.75
N SER B 755 -1.71 -19.87 -18.61
CA SER B 755 -2.99 -20.25 -18.07
C SER B 755 -4.11 -19.35 -18.62
N THR B 756 -5.34 -19.82 -18.47
CA THR B 756 -6.52 -19.07 -18.87
C THR B 756 -7.69 -19.49 -17.99
N SER B 757 -8.48 -18.52 -17.57
CA SER B 757 -9.55 -18.75 -16.61
C SER B 757 -10.91 -18.47 -17.25
N TYR B 758 -11.93 -19.15 -16.72
CA TYR B 758 -13.30 -18.99 -17.19
C TYR B 758 -14.23 -19.08 -16.00
N GLU B 759 -15.45 -18.58 -16.18
CA GLU B 759 -16.42 -18.48 -15.09
C GLU B 759 -17.68 -19.26 -15.41
N VAL B 760 -18.24 -19.90 -14.38
CA VAL B 760 -19.57 -20.51 -14.42
C VAL B 760 -20.25 -20.27 -13.09
N PHE B 761 -21.54 -20.55 -13.04
CA PHE B 761 -22.33 -20.42 -11.82
C PHE B 761 -23.09 -21.72 -11.57
N LEU B 762 -22.95 -22.25 -10.36
CA LEU B 762 -23.61 -23.47 -9.96
C LEU B 762 -24.83 -23.16 -9.11
N ARG B 763 -25.86 -24.00 -9.24
CA ARG B 763 -27.11 -23.81 -8.52
C ARG B 763 -27.49 -25.12 -7.82
N PRO B 764 -27.66 -25.13 -6.51
CA PRO B 764 -28.11 -26.34 -5.82
C PRO B 764 -29.49 -26.76 -6.31
N SER B 765 -29.56 -27.95 -6.88
CA SER B 765 -30.80 -28.47 -7.44
C SER B 765 -31.88 -28.65 -6.37
C1 NAG C . -6.64 24.50 30.46
C2 NAG C . -7.64 25.65 30.30
C3 NAG C . -7.17 26.87 31.09
C4 NAG C . -6.89 26.51 32.54
C5 NAG C . -5.91 25.34 32.60
C6 NAG C . -5.65 24.86 34.00
C7 NAG C . -8.98 25.82 28.25
C8 NAG C . -8.98 26.21 26.81
N2 NAG C . -7.82 25.98 28.90
O3 NAG C . -8.18 27.88 31.03
O4 NAG C . -6.34 27.63 33.23
O5 NAG C . -6.43 24.23 31.85
O6 NAG C . -6.81 24.25 34.56
O7 NAG C . -9.97 25.37 28.80
C1 NAG D . 2.45 -7.17 36.84
C2 NAG D . 2.96 -8.27 37.78
C3 NAG D . 3.12 -9.59 37.01
C4 NAG D . 1.83 -9.95 36.28
C5 NAG D . 1.38 -8.78 35.41
C6 NAG D . 0.04 -9.02 34.73
C7 NAG D . 4.31 -7.60 39.70
C8 NAG D . 5.68 -7.23 40.19
N2 NAG D . 4.21 -7.89 38.40
O3 NAG D . 3.47 -10.63 37.92
O4 NAG D . 2.03 -11.10 35.47
O5 NAG D . 1.24 -7.60 36.20
O6 NAG D . -0.99 -9.15 35.69
O7 NAG D . 3.34 -7.64 40.46
C1 NAG E . -9.46 27.38 55.54
C2 NAG E . -9.83 28.65 54.78
C3 NAG E . -11.23 29.10 55.16
C4 NAG E . -12.22 27.96 54.95
C5 NAG E . -11.76 26.68 55.63
C6 NAG E . -12.64 25.49 55.31
C7 NAG E . -8.07 30.19 54.07
C8 NAG E . -7.12 31.28 54.49
N2 NAG E . -8.86 29.69 55.02
O3 NAG E . -11.60 30.23 54.40
O4 NAG E . -13.49 28.33 55.48
O5 NAG E . -10.42 26.33 55.22
O6 NAG E . -13.30 25.66 54.07
O7 NAG E . -8.11 29.78 52.92
C1 NAG F . 14.56 -46.73 5.65
C2 NAG F . 14.10 -48.06 5.04
C3 NAG F . 15.13 -49.15 5.29
C4 NAG F . 16.52 -48.70 4.83
C5 NAG F . 16.87 -47.37 5.49
C6 NAG F . 18.19 -46.80 5.00
C7 NAG F . 11.89 -49.10 4.82
C8 NAG F . 10.61 -49.43 5.51
N2 NAG F . 12.80 -48.44 5.55
O3 NAG F . 14.75 -50.34 4.60
O4 NAG F . 17.49 -49.68 5.19
O5 NAG F . 15.86 -46.40 5.16
O6 NAG F . 18.10 -45.41 4.77
O7 NAG F . 12.09 -49.41 3.66
C1 NAG G . 42.07 -25.25 -2.38
C2 NAG G . 43.24 -26.07 -1.81
C3 NAG G . 44.57 -25.50 -2.30
C4 NAG G . 44.58 -25.40 -3.82
C5 NAG G . 43.38 -24.59 -4.29
C6 NAG G . 43.26 -24.54 -5.80
C7 NAG G . 42.86 -27.19 0.34
C8 NAG G . 42.90 -27.05 1.83
N2 NAG G . 43.20 -26.11 -0.36
O3 NAG G . 45.62 -26.35 -1.86
O4 NAG G . 45.78 -24.77 -4.26
O5 NAG G . 42.17 -25.19 -3.81
O6 NAG G . 42.22 -25.40 -6.26
O7 NAG G . 42.53 -28.24 -0.21
C1 NAG H . 22.07 4.90 -6.94
C2 NAG H . 22.45 4.35 -5.58
C3 NAG H . 22.32 5.43 -4.52
C4 NAG H . 23.12 6.66 -4.91
C5 NAG H . 22.77 7.12 -6.33
C6 NAG H . 23.66 8.23 -6.83
C7 NAG H . 21.94 1.94 -5.59
C8 NAG H . 20.98 0.87 -5.16
N2 NAG H . 21.63 3.19 -5.24
O3 NAG H . 22.76 4.93 -3.26
O4 NAG H . 22.87 7.72 -4.00
O5 NAG H . 22.91 6.02 -7.25
O6 NAG H . 25.04 7.94 -6.58
O7 NAG H . 22.96 1.69 -6.24
C1 NAG I . 32.58 -24.95 13.48
C2 NAG I . 33.29 -25.32 14.78
C3 NAG I . 33.25 -24.15 15.76
C4 NAG I . 33.80 -22.89 15.10
C5 NAG I . 33.08 -22.62 13.79
C6 NAG I . 33.65 -21.45 13.03
C7 NAG I . 33.17 -27.74 15.17
C8 NAG I . 32.43 -28.84 15.87
N2 NAG I . 32.71 -26.51 15.39
O3 NAG I . 34.02 -24.47 16.92
O4 NAG I . 33.64 -21.78 15.97
O5 NAG I . 33.18 -23.76 12.93
O6 NAG I . 34.96 -21.74 12.54
O7 NAG I . 34.14 -27.96 14.45
#